data_2ESI
# 
_entry.id   2ESI 
# 
_audit_conform.dict_name       mmcif_pdbx.dic 
_audit_conform.dict_version    5.387 
_audit_conform.dict_location   http://mmcif.pdb.org/dictionaries/ascii/mmcif_pdbx.dic 
# 
loop_
_database_2.database_id 
_database_2.database_code 
_database_2.pdbx_database_accession 
_database_2.pdbx_DOI 
PDB   2ESI         pdb_00002esi 10.2210/pdb2esi/pdb 
NDB   DR0021       ?            ?                   
RCSB  RCSB035038   ?            ?                   
WWPDB D_1000035038 ?            ?                   
# 
loop_
_pdbx_audit_revision_history.ordinal 
_pdbx_audit_revision_history.data_content_type 
_pdbx_audit_revision_history.major_revision 
_pdbx_audit_revision_history.minor_revision 
_pdbx_audit_revision_history.revision_date 
1 'Structure model' 1 0 2005-12-20 
2 'Structure model' 1 1 2008-05-01 
3 'Structure model' 1 2 2011-07-13 
4 'Structure model' 1 3 2024-02-14 
# 
_pdbx_audit_revision_details.ordinal             1 
_pdbx_audit_revision_details.revision_ordinal    1 
_pdbx_audit_revision_details.data_content_type   'Structure model' 
_pdbx_audit_revision_details.provider            repository 
_pdbx_audit_revision_details.type                'Initial release' 
_pdbx_audit_revision_details.description         ? 
_pdbx_audit_revision_details.details             ? 
# 
loop_
_pdbx_audit_revision_group.ordinal 
_pdbx_audit_revision_group.revision_ordinal 
_pdbx_audit_revision_group.data_content_type 
_pdbx_audit_revision_group.group 
1 2 'Structure model' 'Version format compliance' 
2 3 'Structure model' 'Version format compliance' 
3 4 'Structure model' 'Data collection'           
4 4 'Structure model' 'Database references'       
5 4 'Structure model' 'Derived calculations'      
# 
loop_
_pdbx_audit_revision_category.ordinal 
_pdbx_audit_revision_category.revision_ordinal 
_pdbx_audit_revision_category.data_content_type 
_pdbx_audit_revision_category.category 
1 4 'Structure model' chem_comp_atom 
2 4 'Structure model' chem_comp_bond 
3 4 'Structure model' database_2     
4 4 'Structure model' struct_site    
# 
loop_
_pdbx_audit_revision_item.ordinal 
_pdbx_audit_revision_item.revision_ordinal 
_pdbx_audit_revision_item.data_content_type 
_pdbx_audit_revision_item.item 
1 4 'Structure model' '_database_2.pdbx_DOI'                
2 4 'Structure model' '_database_2.pdbx_database_accession' 
3 4 'Structure model' '_struct_site.pdbx_auth_asym_id'      
4 4 'Structure model' '_struct_site.pdbx_auth_comp_id'      
5 4 'Structure model' '_struct_site.pdbx_auth_seq_id'       
# 
_pdbx_database_status.status_code                     REL 
_pdbx_database_status.entry_id                        2ESI 
_pdbx_database_status.recvd_initial_deposition_date   2005-10-26 
_pdbx_database_status.deposit_site                    RCSB 
_pdbx_database_status.process_site                    RCSB 
_pdbx_database_status.status_code_sf                  REL 
_pdbx_database_status.status_code_mr                  ? 
_pdbx_database_status.SG_entry                        ? 
_pdbx_database_status.pdb_format_compatible           Y 
_pdbx_database_status.status_code_cs                  ? 
_pdbx_database_status.status_code_nmr_data            ? 
_pdbx_database_status.methods_development_category    ? 
# 
loop_
_pdbx_database_related.db_name 
_pdbx_database_related.db_id 
_pdbx_database_related.details 
_pdbx_database_related.content_type 
PDB 1J7T 'Crystal structure of the Complex Between Paromomycin and the 16S-Rrna A-Site'                unspecified 
PDB 2BEE 'Crystal structure of the Complex Between Paromomycin derivative JS4 and the 16S-Rrna A Site' unspecified 
PDB 2BE0 'Complex Between Paromomycin Derivative JS5-39 and the 16S-Rrna A-Site'                       unspecified 
PDB 2ESJ 'Crystal structure of the complex between Lividomycin A and the 16S-Rrna A Site'              unspecified 
# 
_audit_author.name           'Westhof, E.' 
_audit_author.pdbx_ordinal   1 
# 
_citation.id                        primary 
_citation.title                     
;Crystal structures of complexes between aminoglycosides and decoding A site oligonucleotides: role of the number of rings and positive charges in the specific binding leading to miscoding
;
_citation.journal_abbrev            'Nucleic Acids Res.' 
_citation.journal_volume            33 
_citation.page_first                5677 
_citation.page_last                 5790 
_citation.year                      2005 
_citation.journal_id_ASTM           NARHAD 
_citation.country                   UK 
_citation.journal_id_ISSN           0305-1048 
_citation.journal_id_CSD            0389 
_citation.book_publisher            ? 
_citation.pdbx_database_id_PubMed   16214802 
_citation.pdbx_database_id_DOI      10.1093/nar/gki862 
# 
loop_
_citation_author.citation_id 
_citation_author.name 
_citation_author.ordinal 
_citation_author.identifier_ORCID 
primary 'Francois, B.'   1 ? 
primary 'Russel, R.J.M.' 2 ? 
primary 'Murray, J.B.'   3 ? 
primary 'Aboul-ela, F.'  4 ? 
primary 'Masquida, B.'   5 ? 
primary 'Vicens, Q.'     6 ? 
primary 'Westhof, E.'    7 ? 
# 
loop_
_entity.id 
_entity.type 
_entity.src_method 
_entity.pdbx_description 
_entity.formula_weight 
_entity.pdbx_number_of_molecules 
_entity.pdbx_ec 
_entity.pdbx_mutation 
_entity.pdbx_fragment 
_entity.details 
1 polymer     syn "5'-R(*UP*UP*GP*CP*GP*UP*CP*AP*CP*AP*CP*CP*GP*GP*UP*GP*AP*AP*GP*UP*CP*GP*C)-3'" 7355.409 2  ? ? ? 
'bacterial A-Site' 
2 non-polymer syn 'KANAMYCIN A'                                                                   484.499  3  ? ? ? ? 
3 water       nat water                                                                           18.015   34 ? ? ? ? 
# 
_entity_poly.entity_id                      1 
_entity_poly.type                           polyribonucleotide 
_entity_poly.nstd_linkage                   no 
_entity_poly.nstd_monomer                   no 
_entity_poly.pdbx_seq_one_letter_code       UUGCGUCACACCGGUGAAGUCGC 
_entity_poly.pdbx_seq_one_letter_code_can   UUGCGUCACACCGGUGAAGUCGC 
_entity_poly.pdbx_strand_id                 A,B 
_entity_poly.pdbx_target_identifier         ? 
# 
loop_
_pdbx_entity_nonpoly.entity_id 
_pdbx_entity_nonpoly.name 
_pdbx_entity_nonpoly.comp_id 
2 'KANAMYCIN A' KAN 
3 water         HOH 
# 
loop_
_entity_poly_seq.entity_id 
_entity_poly_seq.num 
_entity_poly_seq.mon_id 
_entity_poly_seq.hetero 
1 1  U n 
1 2  U n 
1 3  G n 
1 4  C n 
1 5  G n 
1 6  U n 
1 7  C n 
1 8  A n 
1 9  C n 
1 10 A n 
1 11 C n 
1 12 C n 
1 13 G n 
1 14 G n 
1 15 U n 
1 16 G n 
1 17 A n 
1 18 A n 
1 19 G n 
1 20 U n 
1 21 C n 
1 22 G n 
1 23 C n 
# 
_pdbx_entity_src_syn.entity_id              1 
_pdbx_entity_src_syn.pdbx_src_id            1 
_pdbx_entity_src_syn.pdbx_alt_source_flag   sample 
_pdbx_entity_src_syn.pdbx_beg_seq_num       ? 
_pdbx_entity_src_syn.pdbx_end_seq_num       ? 
_pdbx_entity_src_syn.organism_scientific    ? 
_pdbx_entity_src_syn.organism_common_name   ? 
_pdbx_entity_src_syn.ncbi_taxonomy_id       ? 
_pdbx_entity_src_syn.details                'This sequence contains the bacterial A-Site' 
# 
loop_
_chem_comp.id 
_chem_comp.type 
_chem_comp.mon_nstd_flag 
_chem_comp.name 
_chem_comp.pdbx_synonyms 
_chem_comp.formula 
_chem_comp.formula_weight 
A   'RNA linking' y "ADENOSINE-5'-MONOPHOSPHATE" ? 'C10 H14 N5 O7 P' 347.221 
C   'RNA linking' y "CYTIDINE-5'-MONOPHOSPHATE"  ? 'C9 H14 N3 O8 P'  323.197 
G   'RNA linking' y "GUANOSINE-5'-MONOPHOSPHATE" ? 'C10 H14 N5 O8 P' 363.221 
HOH non-polymer   . WATER                        ? 'H2 O'            18.015  
KAN non-polymer   . 'KANAMYCIN A'                ? 'C18 H36 N4 O11'  484.499 
U   'RNA linking' y "URIDINE-5'-MONOPHOSPHATE"   ? 'C9 H13 N2 O9 P'  324.181 
# 
loop_
_pdbx_poly_seq_scheme.asym_id 
_pdbx_poly_seq_scheme.entity_id 
_pdbx_poly_seq_scheme.seq_id 
_pdbx_poly_seq_scheme.mon_id 
_pdbx_poly_seq_scheme.ndb_seq_num 
_pdbx_poly_seq_scheme.pdb_seq_num 
_pdbx_poly_seq_scheme.auth_seq_num 
_pdbx_poly_seq_scheme.pdb_mon_id 
_pdbx_poly_seq_scheme.auth_mon_id 
_pdbx_poly_seq_scheme.pdb_strand_id 
_pdbx_poly_seq_scheme.pdb_ins_code 
_pdbx_poly_seq_scheme.hetero 
A 1 1  U 1  0  0  U U A . n 
A 1 2  U 2  1  1  U U A . n 
A 1 3  G 3  2  2  G G A . n 
A 1 4  C 4  3  3  C C A . n 
A 1 5  G 5  4  4  G G A . n 
A 1 6  U 6  5  5  U U A . n 
A 1 7  C 7  6  6  C C A . n 
A 1 8  A 8  7  7  A A A . n 
A 1 9  C 9  8  8  C C A . n 
A 1 10 A 10 9  9  A A A . n 
A 1 11 C 11 10 10 C C A . n 
A 1 12 C 12 11 11 C C A . n 
A 1 13 G 13 12 12 G G A . n 
A 1 14 G 14 13 13 G G A . n 
A 1 15 U 15 14 14 U U A . n 
A 1 16 G 16 15 15 G G A . n 
A 1 17 A 17 16 16 A A A . n 
A 1 18 A 18 17 17 A A A . n 
A 1 19 G 19 18 18 G G A . n 
A 1 20 U 20 19 19 U U A . n 
A 1 21 C 21 20 20 C C A . n 
A 1 22 G 22 21 21 G G A . n 
A 1 23 C 23 22 22 C C A . n 
B 1 1  U 1  23 ?  ? ? B . n 
B 1 2  U 2  24 ?  ? ? B . n 
B 1 3  G 3  25 25 G G B . n 
B 1 4  C 4  26 26 C C B . n 
B 1 5  G 5  27 27 G G B . n 
B 1 6  U 6  28 28 U U B . n 
B 1 7  C 7  29 29 C C B . n 
B 1 8  A 8  30 30 A A B . n 
B 1 9  C 9  31 31 C C B . n 
B 1 10 A 10 32 32 A A B . n 
B 1 11 C 11 33 33 C C B . n 
B 1 12 C 12 34 34 C C B . n 
B 1 13 G 13 35 35 G G B . n 
B 1 14 G 14 36 36 G G B . n 
B 1 15 U 15 37 37 U U B . n 
B 1 16 G 16 38 38 G G B . n 
B 1 17 A 17 39 39 A A B . n 
B 1 18 A 18 40 40 A A B . n 
B 1 19 G 19 41 41 G G B . n 
B 1 20 U 20 42 42 U U B . n 
B 1 21 C 21 43 43 C C B . n 
B 1 22 G 22 44 44 G G B . n 
B 1 23 C 23 45 45 C C B . n 
# 
loop_
_pdbx_nonpoly_scheme.asym_id 
_pdbx_nonpoly_scheme.entity_id 
_pdbx_nonpoly_scheme.mon_id 
_pdbx_nonpoly_scheme.ndb_seq_num 
_pdbx_nonpoly_scheme.pdb_seq_num 
_pdbx_nonpoly_scheme.auth_seq_num 
_pdbx_nonpoly_scheme.pdb_mon_id 
_pdbx_nonpoly_scheme.auth_mon_id 
_pdbx_nonpoly_scheme.pdb_strand_id 
_pdbx_nonpoly_scheme.pdb_ins_code 
C 2 KAN 1  51  51  KAN KAN A . 
D 2 KAN 1  50  50  KAN KAN A . 
E 2 KAN 1  52  52  KAN KAN B . 
F 3 HOH 1  103 103 HOH HOH A . 
F 3 HOH 2  104 104 HOH HOH A . 
F 3 HOH 3  105 105 HOH HOH A . 
F 3 HOH 4  106 106 HOH HOH A . 
F 3 HOH 5  110 110 HOH HOH A . 
F 3 HOH 6  113 113 HOH HOH A . 
F 3 HOH 7  114 114 HOH HOH A . 
F 3 HOH 8  116 116 HOH HOH A . 
F 3 HOH 9  121 121 HOH HOH A . 
F 3 HOH 10 123 123 HOH HOH A . 
F 3 HOH 11 124 124 HOH HOH A . 
F 3 HOH 12 125 125 HOH HOH A . 
F 3 HOH 13 127 127 HOH HOH A . 
F 3 HOH 14 130 130 HOH HOH A . 
F 3 HOH 15 131 131 HOH HOH A . 
F 3 HOH 16 133 133 HOH HOH A . 
G 3 HOH 1  100 100 HOH HOH B . 
G 3 HOH 2  101 101 HOH HOH B . 
G 3 HOH 3  102 102 HOH HOH B . 
G 3 HOH 4  107 107 HOH HOH B . 
G 3 HOH 5  108 108 HOH HOH B . 
G 3 HOH 6  109 109 HOH HOH B . 
G 3 HOH 7  111 111 HOH HOH B . 
G 3 HOH 8  112 112 HOH HOH B . 
G 3 HOH 9  115 115 HOH HOH B . 
G 3 HOH 10 117 117 HOH HOH B . 
G 3 HOH 11 118 118 HOH HOH B . 
G 3 HOH 12 119 119 HOH HOH B . 
G 3 HOH 13 120 120 HOH HOH B . 
G 3 HOH 14 122 122 HOH HOH B . 
G 3 HOH 15 126 126 HOH HOH B . 
G 3 HOH 16 128 128 HOH HOH B . 
G 3 HOH 17 129 129 HOH HOH B . 
G 3 HOH 18 132 132 HOH HOH B . 
# 
loop_
_pdbx_unobs_or_zero_occ_atoms.id 
_pdbx_unobs_or_zero_occ_atoms.PDB_model_num 
_pdbx_unobs_or_zero_occ_atoms.polymer_flag 
_pdbx_unobs_or_zero_occ_atoms.occupancy_flag 
_pdbx_unobs_or_zero_occ_atoms.auth_asym_id 
_pdbx_unobs_or_zero_occ_atoms.auth_comp_id 
_pdbx_unobs_or_zero_occ_atoms.auth_seq_id 
_pdbx_unobs_or_zero_occ_atoms.PDB_ins_code 
_pdbx_unobs_or_zero_occ_atoms.auth_atom_id 
_pdbx_unobs_or_zero_occ_atoms.label_alt_id 
_pdbx_unobs_or_zero_occ_atoms.label_asym_id 
_pdbx_unobs_or_zero_occ_atoms.label_comp_id 
_pdbx_unobs_or_zero_occ_atoms.label_seq_id 
_pdbx_unobs_or_zero_occ_atoms.label_atom_id 
1 1 Y 1 B G 25 ? P   ? B G 3 P   
2 1 Y 1 B G 25 ? OP1 ? B G 3 OP1 
3 1 Y 1 B G 25 ? OP2 ? B G 3 OP2 
# 
loop_
_software.name 
_software.classification 
_software.version 
_software.citation_id 
_software.pdbx_ordinal 
HKL-2000  'data collection' .   ? 1 
SCALEPACK 'data scaling'    .   ? 2 
AMoRE     phasing           .   ? 3 
CNS       refinement        1.1 ? 4 
HKL-2000  'data reduction'  .   ? 5 
# 
_cell.entry_id           2ESI 
_cell.length_a           47.380 
_cell.length_b           32.730 
_cell.length_c           52.700 
_cell.angle_alpha        90.00 
_cell.angle_beta         107.38 
_cell.angle_gamma        90.00 
_cell.Z_PDB              4 
_cell.pdbx_unique_axis   ? 
# 
_symmetry.entry_id                         2ESI 
_symmetry.space_group_name_H-M             'P 1 21 1' 
_symmetry.pdbx_full_space_group_name_H-M   ? 
_symmetry.cell_setting                     ? 
_symmetry.Int_Tables_number                4 
_symmetry.space_group_name_Hall            ? 
# 
_exptl.entry_id          2ESI 
_exptl.method            'X-RAY DIFFRACTION' 
_exptl.crystals_number   1 
# 
_exptl_crystal.id                    1 
_exptl_crystal.density_meas          ? 
_exptl_crystal.density_Matthews      2.65 
_exptl_crystal.density_percent_sol   53.60 
_exptl_crystal.description           ? 
_exptl_crystal.F_000                 ? 
_exptl_crystal.preparation           ? 
# 
_exptl_crystal_grow.crystal_id      1 
_exptl_crystal_grow.method          'VAPOR DIFFUSION, HANGING DROP' 
_exptl_crystal_grow.temp            310 
_exptl_crystal_grow.temp_details    ? 
_exptl_crystal_grow.pH              6.4 
_exptl_crystal_grow.pdbx_details    
'MPD, NACL, MGSO4, GLYCEROL, NA CACODYLATE, pH 6.4, VAPOR DIFFUSION, HANGING DROP, temperature 310K' 
_exptl_crystal_grow.pdbx_pH_range   . 
# 
loop_
_exptl_crystal_grow_comp.crystal_id 
_exptl_crystal_grow_comp.id 
_exptl_crystal_grow_comp.sol_id 
_exptl_crystal_grow_comp.name 
_exptl_crystal_grow_comp.volume 
_exptl_crystal_grow_comp.conc 
_exptl_crystal_grow_comp.details 
1 1  1 MPD             ? ? ? 
1 2  1 NACL            ? ? ? 
1 3  1 MGSO4           ? ? ? 
1 4  1 GLYCEROL        ? ? ? 
1 5  1 'NA CACODYLATE' ? ? ? 
1 6  1 H2O             ? ? ? 
1 7  2 MPD             ? ? ? 
1 8  2 NACL            ? ? ? 
1 9  2 MGSO4           ? ? ? 
1 10 2 'NA CACODYLATE' ? ? ? 
1 11 2 H2O             ? ? ? 
# 
_diffrn.id                     1 
_diffrn.ambient_temp           110 
_diffrn.ambient_temp_details   ? 
_diffrn.crystal_id             1 
# 
_diffrn_radiation.diffrn_id                        1 
_diffrn_radiation.wavelength_id                    1 
_diffrn_radiation.pdbx_monochromatic_or_laue_m_l   M 
_diffrn_radiation.monochromator                    ? 
_diffrn_radiation.pdbx_diffrn_protocol             'SINGLE WAVELENGTH' 
_diffrn_radiation.pdbx_scattering_type             x-ray 
# 
_diffrn_radiation_wavelength.id           1 
_diffrn_radiation_wavelength.wavelength   0.936 
_diffrn_radiation_wavelength.wt           1.0 
# 
_diffrn_source.diffrn_id                   1 
_diffrn_source.source                      SYNCHROTRON 
_diffrn_source.type                        'ESRF BEAMLINE ID29' 
_diffrn_source.pdbx_synchrotron_site       ESRF 
_diffrn_source.pdbx_synchrotron_beamline   ID29 
_diffrn_source.pdbx_wavelength             ? 
_diffrn_source.pdbx_wavelength_list        0.936 
# 
_reflns.entry_id                     2ESI 
_reflns.observed_criterion_sigma_I   5 
_reflns.observed_criterion_sigma_F   5 
_reflns.d_resolution_low             50.0 
_reflns.d_resolution_high            2.9 
_reflns.number_obs                   2454 
_reflns.number_all                   4500 
_reflns.percent_possible_obs         ? 
_reflns.pdbx_Rmerge_I_obs            ? 
_reflns.pdbx_Rsym_value              ? 
_reflns.pdbx_netI_over_sigmaI        ? 
_reflns.B_iso_Wilson_estimate        ? 
_reflns.pdbx_redundancy              ? 
_reflns.R_free_details               ? 
_reflns.pdbx_chi_squared             ? 
_reflns.pdbx_scaling_rejects         ? 
_reflns.pdbx_diffrn_id               1 
_reflns.pdbx_ordinal                 1 
# 
_refine.entry_id                                 2ESI 
_refine.ls_number_reflns_obs                     2454 
_refine.ls_number_reflns_all                     3223 
_refine.pdbx_ls_sigma_I                          ? 
_refine.pdbx_ls_sigma_F                          1 
_refine.pdbx_data_cutoff_high_absF               ? 
_refine.pdbx_data_cutoff_low_absF                ? 
_refine.pdbx_data_cutoff_high_rms_absF           ? 
_refine.ls_d_res_low                             30.0 
_refine.ls_d_res_high                            3.0 
_refine.ls_percent_reflns_obs                    76.1 
_refine.ls_R_factor_obs                          ? 
_refine.ls_R_factor_all                          ? 
_refine.ls_R_factor_R_work                       0.2015 
_refine.ls_R_factor_R_free                       0.2656 
_refine.ls_R_factor_R_free_error                 ? 
_refine.ls_R_factor_R_free_error_details         ? 
_refine.ls_percent_reflns_R_free                 ? 
_refine.ls_number_reflns_R_free                  233 
_refine.ls_number_parameters                     ? 
_refine.ls_number_restraints                     ? 
_refine.occupancy_min                            ? 
_refine.occupancy_max                            ? 
_refine.correlation_coeff_Fo_to_Fc               ? 
_refine.correlation_coeff_Fo_to_Fc_free          ? 
_refine.B_iso_mean                               ? 
_refine.aniso_B[1][1]                            ? 
_refine.aniso_B[2][2]                            ? 
_refine.aniso_B[3][3]                            ? 
_refine.aniso_B[1][2]                            ? 
_refine.aniso_B[1][3]                            ? 
_refine.aniso_B[2][3]                            ? 
_refine.solvent_model_details                    ? 
_refine.solvent_model_param_ksol                 ? 
_refine.solvent_model_param_bsol                 ? 
_refine.pdbx_solvent_vdw_probe_radii             ? 
_refine.pdbx_solvent_ion_probe_radii             ? 
_refine.pdbx_solvent_shrinkage_radii             ? 
_refine.pdbx_ls_cross_valid_method               ? 
_refine.details                                  ? 
_refine.pdbx_starting_model                      ? 
_refine.pdbx_method_to_determine_struct          'MOLECULAR REPLACEMENT' 
_refine.pdbx_isotropic_thermal_model             ? 
_refine.pdbx_stereochemistry_target_values       
;G. PARKINSON, J. VOJTECHOVSKY, L. CLOWNEY, A.T. BRUNGER, H.M. BERMAN, NEW PARAMETERS FOR THE REFINEMENT OF NUCLEIC ACIDCONTAINING STRUCTURES, ACTA CRYST. D, 52,57-64 (1996)
;
_refine.pdbx_stereochem_target_val_spec_case     ? 
_refine.pdbx_R_Free_selection_details            RANDOM 
_refine.pdbx_overall_ESU_R                       ? 
_refine.pdbx_overall_ESU_R_Free                  ? 
_refine.overall_SU_ML                            ? 
_refine.overall_SU_B                             ? 
_refine.ls_redundancy_reflns_obs                 ? 
_refine.overall_SU_R_Cruickshank_DPI             ? 
_refine.overall_SU_R_free                        ? 
_refine.ls_wR_factor_R_free                      ? 
_refine.ls_wR_factor_R_work                      ? 
_refine.overall_FOM_free_R_set                   ? 
_refine.overall_FOM_work_R_set                   ? 
_refine.pdbx_refine_id                           'X-RAY DIFFRACTION' 
_refine.pdbx_diffrn_id                           1 
_refine.pdbx_TLS_residual_ADP_flag               ? 
_refine.pdbx_overall_phase_error                 ? 
_refine.pdbx_overall_SU_R_free_Cruickshank_DPI   ? 
_refine.pdbx_overall_SU_R_Blow_DPI               ? 
_refine.pdbx_overall_SU_R_free_Blow_DPI          ? 
# 
_refine_analyze.entry_id                        2ESI 
_refine_analyze.Luzzati_coordinate_error_obs    0.32 
_refine_analyze.Luzzati_sigma_a_obs             0.52 
_refine_analyze.Luzzati_d_res_low_obs           5.0 
_refine_analyze.Luzzati_coordinate_error_free   0.42 
_refine_analyze.Luzzati_sigma_a_free            0.53 
_refine_analyze.Luzzati_d_res_low_free          ? 
_refine_analyze.number_disordered_residues      ? 
_refine_analyze.occupancy_sum_hydrogen          ? 
_refine_analyze.occupancy_sum_non_hydrogen      ? 
_refine_analyze.pdbx_refine_id                  'X-RAY DIFFRACTION' 
# 
_refine_hist.pdbx_refine_id                   'X-RAY DIFFRACTION' 
_refine_hist.cycle_id                         LAST 
_refine_hist.pdbx_number_atoms_protein        0 
_refine_hist.pdbx_number_atoms_nucleic_acid   932 
_refine_hist.pdbx_number_atoms_ligand         99 
_refine_hist.number_atoms_solvent             34 
_refine_hist.number_atoms_total               1065 
_refine_hist.d_res_high                       3.0 
_refine_hist.d_res_low                        30.0 
# 
loop_
_refine_ls_restr.type 
_refine_ls_restr.dev_ideal 
_refine_ls_restr.dev_ideal_target 
_refine_ls_restr.weight 
_refine_ls_restr.number 
_refine_ls_restr.pdbx_refine_id 
_refine_ls_restr.pdbx_restraint_function 
c_bond_d           0.0067 ? ? ? 'X-RAY DIFFRACTION' ? 
c_angle_d          1.1613 ? ? ? 'X-RAY DIFFRACTION' ? 
c_dihedral_angle_d 11.257 ? ? ? 'X-RAY DIFFRACTION' ? 
c_improper_angle_d 1.472  ? ? ? 'X-RAY DIFFRACTION' ? 
# 
_struct.entry_id                  2ESI 
_struct.title                     'Complex between Kanamycin A and the 16S-Rrna A Site.' 
_struct.pdbx_model_details        ? 
_struct.pdbx_CASP_flag            ? 
_struct.pdbx_model_type_details   ? 
# 
_struct_keywords.entry_id        2ESI 
_struct_keywords.pdbx_keywords   RNA 
_struct_keywords.text            'RNA-AMINOGLYCOSIDE INTERACTIONS, A SITE, UOU PAIRS, AA BULGES, RNA' 
# 
loop_
_struct_asym.id 
_struct_asym.pdbx_blank_PDB_chainid_flag 
_struct_asym.pdbx_modified 
_struct_asym.entity_id 
_struct_asym.details 
A N N 1 ? 
B N N 1 ? 
C N N 2 ? 
D N N 2 ? 
E N N 2 ? 
F N N 3 ? 
G N N 3 ? 
# 
_struct_ref.id                         1 
_struct_ref.entity_id                  1 
_struct_ref.db_name                    PDB 
_struct_ref.db_code                    2ESI 
_struct_ref.pdbx_db_accession          2ESI 
_struct_ref.pdbx_db_isoform            ? 
_struct_ref.pdbx_seq_one_letter_code   ? 
_struct_ref.pdbx_align_begin           ? 
# 
loop_
_struct_ref_seq.align_id 
_struct_ref_seq.ref_id 
_struct_ref_seq.pdbx_PDB_id_code 
_struct_ref_seq.pdbx_strand_id 
_struct_ref_seq.seq_align_beg 
_struct_ref_seq.pdbx_seq_align_beg_ins_code 
_struct_ref_seq.seq_align_end 
_struct_ref_seq.pdbx_seq_align_end_ins_code 
_struct_ref_seq.pdbx_db_accession 
_struct_ref_seq.db_align_beg 
_struct_ref_seq.pdbx_db_align_beg_ins_code 
_struct_ref_seq.db_align_end 
_struct_ref_seq.pdbx_db_align_end_ins_code 
_struct_ref_seq.pdbx_auth_seq_align_beg 
_struct_ref_seq.pdbx_auth_seq_align_end 
1 1 2ESI A 1 ? 23 ? 2ESI 0  ? 22 ? 0  22 
2 1 2ESI B 1 ? 23 ? 2ESI 23 ? 45 ? 23 45 
# 
_pdbx_struct_assembly.id                   1 
_pdbx_struct_assembly.details              author_defined_assembly 
_pdbx_struct_assembly.method_details       ? 
_pdbx_struct_assembly.oligomeric_details   dimeric 
_pdbx_struct_assembly.oligomeric_count     2 
# 
_pdbx_struct_assembly_gen.assembly_id       1 
_pdbx_struct_assembly_gen.oper_expression   1 
_pdbx_struct_assembly_gen.asym_id_list      A,B,C,D,E,F,G 
# 
_pdbx_struct_oper_list.id                   1 
_pdbx_struct_oper_list.type                 'identity operation' 
_pdbx_struct_oper_list.name                 1_555 
_pdbx_struct_oper_list.symmetry_operation   x,y,z 
_pdbx_struct_oper_list.matrix[1][1]         1.0000000000 
_pdbx_struct_oper_list.matrix[1][2]         0.0000000000 
_pdbx_struct_oper_list.matrix[1][3]         0.0000000000 
_pdbx_struct_oper_list.vector[1]            0.0000000000 
_pdbx_struct_oper_list.matrix[2][1]         0.0000000000 
_pdbx_struct_oper_list.matrix[2][2]         1.0000000000 
_pdbx_struct_oper_list.matrix[2][3]         0.0000000000 
_pdbx_struct_oper_list.vector[2]            0.0000000000 
_pdbx_struct_oper_list.matrix[3][1]         0.0000000000 
_pdbx_struct_oper_list.matrix[3][2]         0.0000000000 
_pdbx_struct_oper_list.matrix[3][3]         1.0000000000 
_pdbx_struct_oper_list.vector[3]            0.0000000000 
# 
loop_
_struct_conn.id 
_struct_conn.conn_type_id 
_struct_conn.pdbx_leaving_atom_flag 
_struct_conn.pdbx_PDB_id 
_struct_conn.ptnr1_label_asym_id 
_struct_conn.ptnr1_label_comp_id 
_struct_conn.ptnr1_label_seq_id 
_struct_conn.ptnr1_label_atom_id 
_struct_conn.pdbx_ptnr1_label_alt_id 
_struct_conn.pdbx_ptnr1_PDB_ins_code 
_struct_conn.pdbx_ptnr1_standard_comp_id 
_struct_conn.ptnr1_symmetry 
_struct_conn.ptnr2_label_asym_id 
_struct_conn.ptnr2_label_comp_id 
_struct_conn.ptnr2_label_seq_id 
_struct_conn.ptnr2_label_atom_id 
_struct_conn.pdbx_ptnr2_label_alt_id 
_struct_conn.pdbx_ptnr2_PDB_ins_code 
_struct_conn.ptnr1_auth_asym_id 
_struct_conn.ptnr1_auth_comp_id 
_struct_conn.ptnr1_auth_seq_id 
_struct_conn.ptnr2_auth_asym_id 
_struct_conn.ptnr2_auth_comp_id 
_struct_conn.ptnr2_auth_seq_id 
_struct_conn.ptnr2_symmetry 
_struct_conn.pdbx_ptnr3_label_atom_id 
_struct_conn.pdbx_ptnr3_label_seq_id 
_struct_conn.pdbx_ptnr3_label_comp_id 
_struct_conn.pdbx_ptnr3_label_asym_id 
_struct_conn.pdbx_ptnr3_label_alt_id 
_struct_conn.pdbx_ptnr3_PDB_ins_code 
_struct_conn.details 
_struct_conn.pdbx_dist_value 
_struct_conn.pdbx_value_order 
_struct_conn.pdbx_role 
hydrog1  hydrog ? ? A G 3  N1 ? ? ? 1_555 B C 23 N3 ? ? A G 2  B C 45 1_555 ? ? ? ? ? ? WATSON-CRICK  ? ? ? 
hydrog2  hydrog ? ? A G 3  N2 ? ? ? 1_555 B C 23 O2 ? ? A G 2  B C 45 1_555 ? ? ? ? ? ? WATSON-CRICK  ? ? ? 
hydrog3  hydrog ? ? A G 3  O6 ? ? ? 1_555 B C 23 N4 ? ? A G 2  B C 45 1_555 ? ? ? ? ? ? WATSON-CRICK  ? ? ? 
hydrog4  hydrog ? ? A C 4  N3 ? ? ? 1_555 B G 22 N1 ? ? A C 3  B G 44 1_555 ? ? ? ? ? ? WATSON-CRICK  ? ? ? 
hydrog5  hydrog ? ? A C 4  N4 ? ? ? 1_555 B G 22 O6 ? ? A C 3  B G 44 1_555 ? ? ? ? ? ? WATSON-CRICK  ? ? ? 
hydrog6  hydrog ? ? A C 4  O2 ? ? ? 1_555 B G 22 N2 ? ? A C 3  B G 44 1_555 ? ? ? ? ? ? WATSON-CRICK  ? ? ? 
hydrog7  hydrog ? ? A G 5  N1 ? ? ? 1_555 B C 21 N3 ? ? A G 4  B C 43 1_555 ? ? ? ? ? ? WATSON-CRICK  ? ? ? 
hydrog8  hydrog ? ? A G 5  N2 ? ? ? 1_555 B C 21 O2 ? ? A G 4  B C 43 1_555 ? ? ? ? ? ? WATSON-CRICK  ? ? ? 
hydrog9  hydrog ? ? A G 5  O6 ? ? ? 1_555 B C 21 N4 ? ? A G 4  B C 43 1_555 ? ? ? ? ? ? WATSON-CRICK  ? ? ? 
hydrog10 hydrog ? ? A U 6  O4 ? ? ? 1_555 B U 20 N3 ? ? A U 5  B U 42 1_555 ? ? ? ? ? ? 'U-U MISPAIR' ? ? ? 
hydrog11 hydrog ? ? A C 7  N3 ? ? ? 1_555 B G 19 N1 ? ? A C 6  B G 41 1_555 ? ? ? ? ? ? WATSON-CRICK  ? ? ? 
hydrog12 hydrog ? ? A C 7  N4 ? ? ? 1_555 B G 19 O6 ? ? A C 6  B G 41 1_555 ? ? ? ? ? ? WATSON-CRICK  ? ? ? 
hydrog13 hydrog ? ? A C 7  O2 ? ? ? 1_555 B G 19 N2 ? ? A C 6  B G 41 1_555 ? ? ? ? ? ? WATSON-CRICK  ? ? ? 
hydrog14 hydrog ? ? A C 9  N3 ? ? ? 1_555 B G 16 N1 ? ? A C 8  B G 38 1_555 ? ? ? ? ? ? WATSON-CRICK  ? ? ? 
hydrog15 hydrog ? ? A C 9  N4 ? ? ? 1_555 B G 16 O6 ? ? A C 8  B G 38 1_555 ? ? ? ? ? ? WATSON-CRICK  ? ? ? 
hydrog16 hydrog ? ? A C 9  O2 ? ? ? 1_555 B G 16 N2 ? ? A C 8  B G 38 1_555 ? ? ? ? ? ? WATSON-CRICK  ? ? ? 
hydrog17 hydrog ? ? A A 10 N1 ? ? ? 1_555 B U 15 N3 ? ? A A 9  B U 37 1_555 ? ? ? ? ? ? WATSON-CRICK  ? ? ? 
hydrog18 hydrog ? ? A A 10 N6 ? ? ? 1_555 B U 15 O4 ? ? A A 9  B U 37 1_555 ? ? ? ? ? ? WATSON-CRICK  ? ? ? 
hydrog19 hydrog ? ? A C 11 N3 ? ? ? 1_555 B G 14 N1 ? ? A C 10 B G 36 1_555 ? ? ? ? ? ? WATSON-CRICK  ? ? ? 
hydrog20 hydrog ? ? A C 11 N4 ? ? ? 1_555 B G 14 O6 ? ? A C 10 B G 36 1_555 ? ? ? ? ? ? WATSON-CRICK  ? ? ? 
hydrog21 hydrog ? ? A C 11 O2 ? ? ? 1_555 B G 14 N2 ? ? A C 10 B G 36 1_555 ? ? ? ? ? ? WATSON-CRICK  ? ? ? 
hydrog22 hydrog ? ? A C 12 N3 ? ? ? 1_555 B G 13 N1 ? ? A C 11 B G 35 1_555 ? ? ? ? ? ? WATSON-CRICK  ? ? ? 
hydrog23 hydrog ? ? A C 12 N4 ? ? ? 1_555 B G 13 O6 ? ? A C 11 B G 35 1_555 ? ? ? ? ? ? WATSON-CRICK  ? ? ? 
hydrog24 hydrog ? ? A C 12 O2 ? ? ? 1_555 B G 13 N2 ? ? A C 11 B G 35 1_555 ? ? ? ? ? ? WATSON-CRICK  ? ? ? 
hydrog25 hydrog ? ? A G 13 N1 ? ? ? 1_555 B C 12 N3 ? ? A G 12 B C 34 1_555 ? ? ? ? ? ? WATSON-CRICK  ? ? ? 
hydrog26 hydrog ? ? A G 13 N2 ? ? ? 1_555 B C 12 O2 ? ? A G 12 B C 34 1_555 ? ? ? ? ? ? WATSON-CRICK  ? ? ? 
hydrog27 hydrog ? ? A G 13 O6 ? ? ? 1_555 B C 12 N4 ? ? A G 12 B C 34 1_555 ? ? ? ? ? ? WATSON-CRICK  ? ? ? 
hydrog28 hydrog ? ? A G 14 N1 ? ? ? 1_555 B C 11 N3 ? ? A G 13 B C 33 1_555 ? ? ? ? ? ? WATSON-CRICK  ? ? ? 
hydrog29 hydrog ? ? A G 14 N2 ? ? ? 1_555 B C 11 O2 ? ? A G 13 B C 33 1_555 ? ? ? ? ? ? WATSON-CRICK  ? ? ? 
hydrog30 hydrog ? ? A G 14 O6 ? ? ? 1_555 B C 11 N4 ? ? A G 13 B C 33 1_555 ? ? ? ? ? ? WATSON-CRICK  ? ? ? 
hydrog31 hydrog ? ? A U 15 N3 ? ? ? 1_555 B A 10 N1 ? ? A U 14 B A 32 1_555 ? ? ? ? ? ? WATSON-CRICK  ? ? ? 
hydrog32 hydrog ? ? A U 15 O4 ? ? ? 1_555 B A 10 N6 ? ? A U 14 B A 32 1_555 ? ? ? ? ? ? WATSON-CRICK  ? ? ? 
hydrog33 hydrog ? ? A G 16 N1 ? ? ? 1_555 B C 9  N3 ? ? A G 15 B C 31 1_555 ? ? ? ? ? ? WATSON-CRICK  ? ? ? 
hydrog34 hydrog ? ? A G 16 N2 ? ? ? 1_555 B C 9  O2 ? ? A G 15 B C 31 1_555 ? ? ? ? ? ? WATSON-CRICK  ? ? ? 
hydrog35 hydrog ? ? A G 16 O6 ? ? ? 1_555 B C 9  N4 ? ? A G 15 B C 31 1_555 ? ? ? ? ? ? WATSON-CRICK  ? ? ? 
hydrog36 hydrog ? ? A G 19 N1 ? ? ? 1_555 B C 7  N3 ? ? A G 18 B C 29 1_555 ? ? ? ? ? ? WATSON-CRICK  ? ? ? 
hydrog37 hydrog ? ? A G 19 N2 ? ? ? 1_555 B C 7  O2 ? ? A G 18 B C 29 1_555 ? ? ? ? ? ? WATSON-CRICK  ? ? ? 
hydrog38 hydrog ? ? A G 19 O6 ? ? ? 1_555 B C 7  N4 ? ? A G 18 B C 29 1_555 ? ? ? ? ? ? WATSON-CRICK  ? ? ? 
hydrog39 hydrog ? ? A U 20 N3 ? ? ? 1_555 B U 6  O4 ? ? A U 19 B U 28 1_555 ? ? ? ? ? ? 'U-U MISPAIR' ? ? ? 
hydrog40 hydrog ? ? A C 21 N3 ? ? ? 1_555 B G 5  N1 ? ? A C 20 B G 27 1_555 ? ? ? ? ? ? WATSON-CRICK  ? ? ? 
hydrog41 hydrog ? ? A C 21 N4 ? ? ? 1_555 B G 5  O6 ? ? A C 20 B G 27 1_555 ? ? ? ? ? ? WATSON-CRICK  ? ? ? 
hydrog42 hydrog ? ? A C 21 O2 ? ? ? 1_555 B G 5  N2 ? ? A C 20 B G 27 1_555 ? ? ? ? ? ? WATSON-CRICK  ? ? ? 
hydrog43 hydrog ? ? A G 22 N1 ? ? ? 1_555 B C 4  N3 ? ? A G 21 B C 26 1_555 ? ? ? ? ? ? WATSON-CRICK  ? ? ? 
hydrog44 hydrog ? ? A G 22 N2 ? ? ? 1_555 B C 4  O2 ? ? A G 21 B C 26 1_555 ? ? ? ? ? ? WATSON-CRICK  ? ? ? 
hydrog45 hydrog ? ? A G 22 O6 ? ? ? 1_555 B C 4  N4 ? ? A G 21 B C 26 1_555 ? ? ? ? ? ? WATSON-CRICK  ? ? ? 
hydrog46 hydrog ? ? A C 23 N3 ? ? ? 1_555 B G 3  N1 ? ? A C 22 B G 25 1_555 ? ? ? ? ? ? WATSON-CRICK  ? ? ? 
hydrog47 hydrog ? ? A C 23 N4 ? ? ? 1_555 B G 3  O6 ? ? A C 22 B G 25 1_555 ? ? ? ? ? ? WATSON-CRICK  ? ? ? 
hydrog48 hydrog ? ? A C 23 O2 ? ? ? 1_555 B G 3  N2 ? ? A C 22 B G 25 1_555 ? ? ? ? ? ? WATSON-CRICK  ? ? ? 
# 
_struct_conn_type.id          hydrog 
_struct_conn_type.criteria    ? 
_struct_conn_type.reference   ? 
# 
loop_
_struct_site.id 
_struct_site.pdbx_evidence_code 
_struct_site.pdbx_auth_asym_id 
_struct_site.pdbx_auth_comp_id 
_struct_site.pdbx_auth_seq_id 
_struct_site.pdbx_auth_ins_code 
_struct_site.pdbx_num_residues 
_struct_site.details 
AC1 Software A KAN 51 ? 16 'BINDING SITE FOR RESIDUE KAN A 51' 
AC2 Software A KAN 50 ? 11 'BINDING SITE FOR RESIDUE KAN A 50' 
AC3 Software B KAN 52 ? 11 'BINDING SITE FOR RESIDUE KAN B 52' 
1   ?        ? ?   ?  ? ?  ?                                   
# 
loop_
_struct_site_gen.id 
_struct_site_gen.site_id 
_struct_site_gen.pdbx_num_res 
_struct_site_gen.label_comp_id 
_struct_site_gen.label_asym_id 
_struct_site_gen.label_seq_id 
_struct_site_gen.pdbx_auth_ins_code 
_struct_site_gen.auth_comp_id 
_struct_site_gen.auth_asym_id 
_struct_site_gen.auth_seq_id 
_struct_site_gen.label_atom_id 
_struct_site_gen.label_alt_id 
_struct_site_gen.symmetry 
_struct_site_gen.details 
1  AC1 16 U   A 1  ? U   A 0   . ? 1_555 ? 
2  AC1 16 U   A 2  ? U   A 1   . ? 1_555 ? 
3  AC1 16 G   A 5  ? G   A 4   . ? 1_555 ? 
4  AC1 16 C   A 7  ? C   A 6   . ? 1_555 ? 
5  AC1 16 A   A 8  ? A   A 7   . ? 1_555 ? 
6  AC1 16 C   A 9  ? C   A 8   . ? 1_555 ? 
7  AC1 16 HOH F .  ? HOH A 103 . ? 1_555 ? 
8  AC1 16 HOH F .  ? HOH A 116 . ? 1_555 ? 
9  AC1 16 HOH F .  ? HOH A 124 . ? 1_555 ? 
10 AC1 16 HOH F .  ? HOH A 125 . ? 1_555 ? 
11 AC1 16 G   B 16 ? G   B 38  . ? 1_555 ? 
12 AC1 16 A   B 17 ? A   B 39  . ? 1_555 ? 
13 AC1 16 A   B 18 ? A   B 40  . ? 1_555 ? 
14 AC1 16 G   B 19 ? G   B 41  . ? 1_555 ? 
15 AC1 16 U   B 20 ? U   B 42  . ? 1_555 ? 
16 AC1 16 HOH G .  ? HOH B 118 . ? 1_555 ? 
17 AC2 11 G   A 16 ? G   A 15  . ? 1_555 ? 
18 AC2 11 A   A 17 ? A   A 16  . ? 1_555 ? 
19 AC2 11 A   A 18 ? A   A 17  . ? 1_555 ? 
20 AC2 11 G   A 19 ? G   A 18  . ? 1_555 ? 
21 AC2 11 U   A 20 ? U   A 19  . ? 1_555 ? 
22 AC2 11 HOH F .  ? HOH A 105 . ? 1_555 ? 
23 AC2 11 G   B 5  ? G   B 27  . ? 1_555 ? 
24 AC2 11 U   B 6  ? U   B 28  . ? 1_555 ? 
25 AC2 11 C   B 7  ? C   B 29  . ? 1_555 ? 
26 AC2 11 A   B 8  ? A   B 30  . ? 1_555 ? 
27 AC2 11 C   B 9  ? C   B 31  . ? 1_555 ? 
28 AC3 11 G   A 3  ? G   A 2   . ? 1_555 ? 
29 AC3 11 C   A 4  ? C   A 3   . ? 1_555 ? 
30 AC3 11 HOH F .  ? HOH A 124 . ? 1_555 ? 
31 AC3 11 U   B 15 ? U   B 37  . ? 1_555 ? 
32 AC3 11 G   B 16 ? G   B 38  . ? 1_555 ? 
33 AC3 11 A   B 17 ? A   B 39  . ? 1_555 ? 
34 AC3 11 HOH G .  ? HOH B 100 . ? 1_555 ? 
35 AC3 11 HOH G .  ? HOH B 101 . ? 1_555 ? 
36 AC3 11 HOH G .  ? HOH B 111 . ? 1_555 ? 
37 AC3 11 HOH G .  ? HOH B 118 . ? 1_555 ? 
38 AC3 11 HOH G .  ? HOH B 119 . ? 1_555 ? 
# 
loop_
_pdbx_validate_rmsd_bond.id 
_pdbx_validate_rmsd_bond.PDB_model_num 
_pdbx_validate_rmsd_bond.auth_atom_id_1 
_pdbx_validate_rmsd_bond.auth_asym_id_1 
_pdbx_validate_rmsd_bond.auth_comp_id_1 
_pdbx_validate_rmsd_bond.auth_seq_id_1 
_pdbx_validate_rmsd_bond.PDB_ins_code_1 
_pdbx_validate_rmsd_bond.label_alt_id_1 
_pdbx_validate_rmsd_bond.auth_atom_id_2 
_pdbx_validate_rmsd_bond.auth_asym_id_2 
_pdbx_validate_rmsd_bond.auth_comp_id_2 
_pdbx_validate_rmsd_bond.auth_seq_id_2 
_pdbx_validate_rmsd_bond.PDB_ins_code_2 
_pdbx_validate_rmsd_bond.label_alt_id_2 
_pdbx_validate_rmsd_bond.bond_value 
_pdbx_validate_rmsd_bond.bond_target_value 
_pdbx_validate_rmsd_bond.bond_deviation 
_pdbx_validate_rmsd_bond.bond_standard_deviation 
_pdbx_validate_rmsd_bond.linker_flag 
1 1 P     A G 2 ? ? OP2   A G 2 ? ? 1.598 1.485 0.113  0.017 N 
2 1 P     A G 2 ? ? "O5'" A G 2 ? ? 1.496 1.593 -0.097 0.010 N 
3 1 "O5'" A G 2 ? ? "C5'" A G 2 ? ? 2.898 1.440 1.458  0.016 N 
# 
loop_
_pdbx_validate_rmsd_angle.id 
_pdbx_validate_rmsd_angle.PDB_model_num 
_pdbx_validate_rmsd_angle.auth_atom_id_1 
_pdbx_validate_rmsd_angle.auth_asym_id_1 
_pdbx_validate_rmsd_angle.auth_comp_id_1 
_pdbx_validate_rmsd_angle.auth_seq_id_1 
_pdbx_validate_rmsd_angle.PDB_ins_code_1 
_pdbx_validate_rmsd_angle.label_alt_id_1 
_pdbx_validate_rmsd_angle.auth_atom_id_2 
_pdbx_validate_rmsd_angle.auth_asym_id_2 
_pdbx_validate_rmsd_angle.auth_comp_id_2 
_pdbx_validate_rmsd_angle.auth_seq_id_2 
_pdbx_validate_rmsd_angle.PDB_ins_code_2 
_pdbx_validate_rmsd_angle.label_alt_id_2 
_pdbx_validate_rmsd_angle.auth_atom_id_3 
_pdbx_validate_rmsd_angle.auth_asym_id_3 
_pdbx_validate_rmsd_angle.auth_comp_id_3 
_pdbx_validate_rmsd_angle.auth_seq_id_3 
_pdbx_validate_rmsd_angle.PDB_ins_code_3 
_pdbx_validate_rmsd_angle.label_alt_id_3 
_pdbx_validate_rmsd_angle.angle_value 
_pdbx_validate_rmsd_angle.angle_target_value 
_pdbx_validate_rmsd_angle.angle_deviation 
_pdbx_validate_rmsd_angle.angle_standard_deviation 
_pdbx_validate_rmsd_angle.linker_flag 
1 1 OP1   A G 2 ? ? P     A G 2 ? ? OP2   A G 2 ? ? 104.88 119.60 -14.72 1.50 N 
2 1 "O5'" A G 2 ? ? P     A G 2 ? ? OP1   A G 2 ? ? 118.89 110.70 8.19   1.20 N 
3 1 "O5'" A G 2 ? ? "C5'" A G 2 ? ? "C4'" A G 2 ? ? 124.34 111.70 12.64  1.90 N 
4 1 P     A G 2 ? ? "O5'" A G 2 ? ? "C5'" A G 2 ? ? 65.70  120.90 -55.20 1.60 N 
# 
_struct_site_keywords.site_id   1 
_struct_site_keywords.text      BIS-INTERCALATION 
# 
loop_
_pdbx_unobs_or_zero_occ_residues.id 
_pdbx_unobs_or_zero_occ_residues.PDB_model_num 
_pdbx_unobs_or_zero_occ_residues.polymer_flag 
_pdbx_unobs_or_zero_occ_residues.occupancy_flag 
_pdbx_unobs_or_zero_occ_residues.auth_asym_id 
_pdbx_unobs_or_zero_occ_residues.auth_comp_id 
_pdbx_unobs_or_zero_occ_residues.auth_seq_id 
_pdbx_unobs_or_zero_occ_residues.PDB_ins_code 
_pdbx_unobs_or_zero_occ_residues.label_asym_id 
_pdbx_unobs_or_zero_occ_residues.label_comp_id 
_pdbx_unobs_or_zero_occ_residues.label_seq_id 
1 1 Y 1 B U 23 ? B U 1 
2 1 Y 1 B U 24 ? B U 2 
# 
loop_
_chem_comp_atom.comp_id 
_chem_comp_atom.atom_id 
_chem_comp_atom.type_symbol 
_chem_comp_atom.pdbx_aromatic_flag 
_chem_comp_atom.pdbx_stereo_config 
_chem_comp_atom.pdbx_ordinal 
A   OP3    O N N 1   
A   P      P N N 2   
A   OP1    O N N 3   
A   OP2    O N N 4   
A   "O5'"  O N N 5   
A   "C5'"  C N N 6   
A   "C4'"  C N R 7   
A   "O4'"  O N N 8   
A   "C3'"  C N S 9   
A   "O3'"  O N N 10  
A   "C2'"  C N R 11  
A   "O2'"  O N N 12  
A   "C1'"  C N R 13  
A   N9     N Y N 14  
A   C8     C Y N 15  
A   N7     N Y N 16  
A   C5     C Y N 17  
A   C6     C Y N 18  
A   N6     N N N 19  
A   N1     N Y N 20  
A   C2     C Y N 21  
A   N3     N Y N 22  
A   C4     C Y N 23  
A   HOP3   H N N 24  
A   HOP2   H N N 25  
A   "H5'"  H N N 26  
A   "H5''" H N N 27  
A   "H4'"  H N N 28  
A   "H3'"  H N N 29  
A   "HO3'" H N N 30  
A   "H2'"  H N N 31  
A   "HO2'" H N N 32  
A   "H1'"  H N N 33  
A   H8     H N N 34  
A   H61    H N N 35  
A   H62    H N N 36  
A   H2     H N N 37  
C   OP3    O N N 38  
C   P      P N N 39  
C   OP1    O N N 40  
C   OP2    O N N 41  
C   "O5'"  O N N 42  
C   "C5'"  C N N 43  
C   "C4'"  C N R 44  
C   "O4'"  O N N 45  
C   "C3'"  C N S 46  
C   "O3'"  O N N 47  
C   "C2'"  C N R 48  
C   "O2'"  O N N 49  
C   "C1'"  C N R 50  
C   N1     N N N 51  
C   C2     C N N 52  
C   O2     O N N 53  
C   N3     N N N 54  
C   C4     C N N 55  
C   N4     N N N 56  
C   C5     C N N 57  
C   C6     C N N 58  
C   HOP3   H N N 59  
C   HOP2   H N N 60  
C   "H5'"  H N N 61  
C   "H5''" H N N 62  
C   "H4'"  H N N 63  
C   "H3'"  H N N 64  
C   "HO3'" H N N 65  
C   "H2'"  H N N 66  
C   "HO2'" H N N 67  
C   "H1'"  H N N 68  
C   H41    H N N 69  
C   H42    H N N 70  
C   H5     H N N 71  
C   H6     H N N 72  
G   OP3    O N N 73  
G   P      P N N 74  
G   OP1    O N N 75  
G   OP2    O N N 76  
G   "O5'"  O N N 77  
G   "C5'"  C N N 78  
G   "C4'"  C N R 79  
G   "O4'"  O N N 80  
G   "C3'"  C N S 81  
G   "O3'"  O N N 82  
G   "C2'"  C N R 83  
G   "O2'"  O N N 84  
G   "C1'"  C N R 85  
G   N9     N Y N 86  
G   C8     C Y N 87  
G   N7     N Y N 88  
G   C5     C Y N 89  
G   C6     C N N 90  
G   O6     O N N 91  
G   N1     N N N 92  
G   C2     C N N 93  
G   N2     N N N 94  
G   N3     N N N 95  
G   C4     C Y N 96  
G   HOP3   H N N 97  
G   HOP2   H N N 98  
G   "H5'"  H N N 99  
G   "H5''" H N N 100 
G   "H4'"  H N N 101 
G   "H3'"  H N N 102 
G   "HO3'" H N N 103 
G   "H2'"  H N N 104 
G   "HO2'" H N N 105 
G   "H1'"  H N N 106 
G   H8     H N N 107 
G   H1     H N N 108 
G   H21    H N N 109 
G   H22    H N N 110 
HOH O      O N N 111 
HOH H1     H N N 112 
HOH H2     H N N 113 
KAN C1     C N R 114 
KAN C2     C N R 115 
KAN C3     C N S 116 
KAN C4     C N S 117 
KAN C5     C N R 118 
KAN C6     C N N 119 
KAN C7     C N R 120 
KAN C8     C N S 121 
KAN C9     C N R 122 
KAN C10    C N R 123 
KAN C11    C N S 124 
KAN C12    C N N 125 
KAN C13    C N S 126 
KAN C14    C N R 127 
KAN C15    C N S 128 
KAN C16    C N S 129 
KAN C17    C N R 130 
KAN C18    C N N 131 
KAN N1     N N N 132 
KAN N2     N N N 133 
KAN N3     N N N 134 
KAN N4     N N N 135 
KAN O5     O N N 136 
KAN O6     O N N 137 
KAN O7     O N N 138 
KAN O8     O N N 139 
KAN O9     O N N 140 
KAN O10    O N N 141 
KAN O11    O N N 142 
KAN O12    O N N 143 
KAN O13    O N N 144 
KAN O14    O N N 145 
KAN O15    O N N 146 
KAN H1     H N N 147 
KAN H2     H N N 148 
KAN H3     H N N 149 
KAN H4     H N N 150 
KAN H5     H N N 151 
KAN H61    H N N 152 
KAN H62    H N N 153 
KAN H7     H N N 154 
KAN H8     H N N 155 
KAN H9     H N N 156 
KAN H10    H N N 157 
KAN H11    H N N 158 
KAN H121   H N N 159 
KAN H122   H N N 160 
KAN H13    H N N 161 
KAN H14    H N N 162 
KAN H15    H N N 163 
KAN H16    H N N 164 
KAN H17    H N N 165 
KAN H181   H N N 166 
KAN H182   H N N 167 
KAN HN11   H N N 168 
KAN HN12   H N N 169 
KAN HN21   H N N 170 
KAN HN22   H N N 171 
KAN HN31   H N N 172 
KAN HN32   H N N 173 
KAN HN41   H N N 174 
KAN HN42   H N N 175 
KAN HO6    H N N 176 
KAN HO7    H N N 177 
KAN HO8    H N N 178 
KAN HO1    H N N 179 
KAN HO3    H N N 180 
KAN HO4    H N N 181 
KAN HO5    H N N 182 
U   OP3    O N N 183 
U   P      P N N 184 
U   OP1    O N N 185 
U   OP2    O N N 186 
U   "O5'"  O N N 187 
U   "C5'"  C N N 188 
U   "C4'"  C N R 189 
U   "O4'"  O N N 190 
U   "C3'"  C N S 191 
U   "O3'"  O N N 192 
U   "C2'"  C N R 193 
U   "O2'"  O N N 194 
U   "C1'"  C N R 195 
U   N1     N N N 196 
U   C2     C N N 197 
U   O2     O N N 198 
U   N3     N N N 199 
U   C4     C N N 200 
U   O4     O N N 201 
U   C5     C N N 202 
U   C6     C N N 203 
U   HOP3   H N N 204 
U   HOP2   H N N 205 
U   "H5'"  H N N 206 
U   "H5''" H N N 207 
U   "H4'"  H N N 208 
U   "H3'"  H N N 209 
U   "HO3'" H N N 210 
U   "H2'"  H N N 211 
U   "HO2'" H N N 212 
U   "H1'"  H N N 213 
U   H3     H N N 214 
U   H5     H N N 215 
U   H6     H N N 216 
# 
loop_
_chem_comp_bond.comp_id 
_chem_comp_bond.atom_id_1 
_chem_comp_bond.atom_id_2 
_chem_comp_bond.value_order 
_chem_comp_bond.pdbx_aromatic_flag 
_chem_comp_bond.pdbx_stereo_config 
_chem_comp_bond.pdbx_ordinal 
A   OP3   P      sing N N 1   
A   OP3   HOP3   sing N N 2   
A   P     OP1    doub N N 3   
A   P     OP2    sing N N 4   
A   P     "O5'"  sing N N 5   
A   OP2   HOP2   sing N N 6   
A   "O5'" "C5'"  sing N N 7   
A   "C5'" "C4'"  sing N N 8   
A   "C5'" "H5'"  sing N N 9   
A   "C5'" "H5''" sing N N 10  
A   "C4'" "O4'"  sing N N 11  
A   "C4'" "C3'"  sing N N 12  
A   "C4'" "H4'"  sing N N 13  
A   "O4'" "C1'"  sing N N 14  
A   "C3'" "O3'"  sing N N 15  
A   "C3'" "C2'"  sing N N 16  
A   "C3'" "H3'"  sing N N 17  
A   "O3'" "HO3'" sing N N 18  
A   "C2'" "O2'"  sing N N 19  
A   "C2'" "C1'"  sing N N 20  
A   "C2'" "H2'"  sing N N 21  
A   "O2'" "HO2'" sing N N 22  
A   "C1'" N9     sing N N 23  
A   "C1'" "H1'"  sing N N 24  
A   N9    C8     sing Y N 25  
A   N9    C4     sing Y N 26  
A   C8    N7     doub Y N 27  
A   C8    H8     sing N N 28  
A   N7    C5     sing Y N 29  
A   C5    C6     sing Y N 30  
A   C5    C4     doub Y N 31  
A   C6    N6     sing N N 32  
A   C6    N1     doub Y N 33  
A   N6    H61    sing N N 34  
A   N6    H62    sing N N 35  
A   N1    C2     sing Y N 36  
A   C2    N3     doub Y N 37  
A   C2    H2     sing N N 38  
A   N3    C4     sing Y N 39  
C   OP3   P      sing N N 40  
C   OP3   HOP3   sing N N 41  
C   P     OP1    doub N N 42  
C   P     OP2    sing N N 43  
C   P     "O5'"  sing N N 44  
C   OP2   HOP2   sing N N 45  
C   "O5'" "C5'"  sing N N 46  
C   "C5'" "C4'"  sing N N 47  
C   "C5'" "H5'"  sing N N 48  
C   "C5'" "H5''" sing N N 49  
C   "C4'" "O4'"  sing N N 50  
C   "C4'" "C3'"  sing N N 51  
C   "C4'" "H4'"  sing N N 52  
C   "O4'" "C1'"  sing N N 53  
C   "C3'" "O3'"  sing N N 54  
C   "C3'" "C2'"  sing N N 55  
C   "C3'" "H3'"  sing N N 56  
C   "O3'" "HO3'" sing N N 57  
C   "C2'" "O2'"  sing N N 58  
C   "C2'" "C1'"  sing N N 59  
C   "C2'" "H2'"  sing N N 60  
C   "O2'" "HO2'" sing N N 61  
C   "C1'" N1     sing N N 62  
C   "C1'" "H1'"  sing N N 63  
C   N1    C2     sing N N 64  
C   N1    C6     sing N N 65  
C   C2    O2     doub N N 66  
C   C2    N3     sing N N 67  
C   N3    C4     doub N N 68  
C   C4    N4     sing N N 69  
C   C4    C5     sing N N 70  
C   N4    H41    sing N N 71  
C   N4    H42    sing N N 72  
C   C5    C6     doub N N 73  
C   C5    H5     sing N N 74  
C   C6    H6     sing N N 75  
G   OP3   P      sing N N 76  
G   OP3   HOP3   sing N N 77  
G   P     OP1    doub N N 78  
G   P     OP2    sing N N 79  
G   P     "O5'"  sing N N 80  
G   OP2   HOP2   sing N N 81  
G   "O5'" "C5'"  sing N N 82  
G   "C5'" "C4'"  sing N N 83  
G   "C5'" "H5'"  sing N N 84  
G   "C5'" "H5''" sing N N 85  
G   "C4'" "O4'"  sing N N 86  
G   "C4'" "C3'"  sing N N 87  
G   "C4'" "H4'"  sing N N 88  
G   "O4'" "C1'"  sing N N 89  
G   "C3'" "O3'"  sing N N 90  
G   "C3'" "C2'"  sing N N 91  
G   "C3'" "H3'"  sing N N 92  
G   "O3'" "HO3'" sing N N 93  
G   "C2'" "O2'"  sing N N 94  
G   "C2'" "C1'"  sing N N 95  
G   "C2'" "H2'"  sing N N 96  
G   "O2'" "HO2'" sing N N 97  
G   "C1'" N9     sing N N 98  
G   "C1'" "H1'"  sing N N 99  
G   N9    C8     sing Y N 100 
G   N9    C4     sing Y N 101 
G   C8    N7     doub Y N 102 
G   C8    H8     sing N N 103 
G   N7    C5     sing Y N 104 
G   C5    C6     sing N N 105 
G   C5    C4     doub Y N 106 
G   C6    O6     doub N N 107 
G   C6    N1     sing N N 108 
G   N1    C2     sing N N 109 
G   N1    H1     sing N N 110 
G   C2    N2     sing N N 111 
G   C2    N3     doub N N 112 
G   N2    H21    sing N N 113 
G   N2    H22    sing N N 114 
G   N3    C4     sing N N 115 
HOH O     H1     sing N N 116 
HOH O     H2     sing N N 117 
KAN C1    C2     sing N N 118 
KAN C1    O5     sing N N 119 
KAN C1    O9     sing N N 120 
KAN C1    H1     sing N N 121 
KAN C2    C3     sing N N 122 
KAN C2    O6     sing N N 123 
KAN C2    H2     sing N N 124 
KAN C3    C4     sing N N 125 
KAN C3    O7     sing N N 126 
KAN C3    H3     sing N N 127 
KAN C4    C5     sing N N 128 
KAN C4    O8     sing N N 129 
KAN C4    H4     sing N N 130 
KAN C5    C6     sing N N 131 
KAN C5    O5     sing N N 132 
KAN C5    H5     sing N N 133 
KAN C6    N1     sing N N 134 
KAN C6    H61    sing N N 135 
KAN C6    H62    sing N N 136 
KAN C7    C8     sing N N 137 
KAN C7    C12    sing N N 138 
KAN C7    N3     sing N N 139 
KAN C7    H7     sing N N 140 
KAN C8    C9     sing N N 141 
KAN C8    O11    sing N N 142 
KAN C8    H8     sing N N 143 
KAN C9    C10    sing N N 144 
KAN C9    O10    sing N N 145 
KAN C9    H9     sing N N 146 
KAN C10   C11    sing N N 147 
KAN C10   O9     sing N N 148 
KAN C10   H10    sing N N 149 
KAN C11   C12    sing N N 150 
KAN C11   N2     sing N N 151 
KAN C11   H11    sing N N 152 
KAN C12   H121   sing N N 153 
KAN C12   H122   sing N N 154 
KAN C13   C14    sing N N 155 
KAN C13   O11    sing N N 156 
KAN C13   O12    sing N N 157 
KAN C13   H13    sing N N 158 
KAN C14   C15    sing N N 159 
KAN C14   O13    sing N N 160 
KAN C14   H14    sing N N 161 
KAN C15   C16    sing N N 162 
KAN C15   N4     sing N N 163 
KAN C15   H15    sing N N 164 
KAN C16   C17    sing N N 165 
KAN C16   O14    sing N N 166 
KAN C16   H16    sing N N 167 
KAN C17   C18    sing N N 168 
KAN C17   O12    sing N N 169 
KAN C17   H17    sing N N 170 
KAN C18   O15    sing N N 171 
KAN C18   H181   sing N N 172 
KAN C18   H182   sing N N 173 
KAN N1    HN11   sing N N 174 
KAN N1    HN12   sing N N 175 
KAN N2    HN21   sing N N 176 
KAN N2    HN22   sing N N 177 
KAN N3    HN31   sing N N 178 
KAN N3    HN32   sing N N 179 
KAN N4    HN41   sing N N 180 
KAN N4    HN42   sing N N 181 
KAN O6    HO6    sing N N 182 
KAN O7    HO7    sing N N 183 
KAN O8    HO8    sing N N 184 
KAN O10   HO1    sing N N 185 
KAN O13   HO3    sing N N 186 
KAN O14   HO4    sing N N 187 
KAN O15   HO5    sing N N 188 
U   OP3   P      sing N N 189 
U   OP3   HOP3   sing N N 190 
U   P     OP1    doub N N 191 
U   P     OP2    sing N N 192 
U   P     "O5'"  sing N N 193 
U   OP2   HOP2   sing N N 194 
U   "O5'" "C5'"  sing N N 195 
U   "C5'" "C4'"  sing N N 196 
U   "C5'" "H5'"  sing N N 197 
U   "C5'" "H5''" sing N N 198 
U   "C4'" "O4'"  sing N N 199 
U   "C4'" "C3'"  sing N N 200 
U   "C4'" "H4'"  sing N N 201 
U   "O4'" "C1'"  sing N N 202 
U   "C3'" "O3'"  sing N N 203 
U   "C3'" "C2'"  sing N N 204 
U   "C3'" "H3'"  sing N N 205 
U   "O3'" "HO3'" sing N N 206 
U   "C2'" "O2'"  sing N N 207 
U   "C2'" "C1'"  sing N N 208 
U   "C2'" "H2'"  sing N N 209 
U   "O2'" "HO2'" sing N N 210 
U   "C1'" N1     sing N N 211 
U   "C1'" "H1'"  sing N N 212 
U   N1    C2     sing N N 213 
U   N1    C6     sing N N 214 
U   C2    O2     doub N N 215 
U   C2    N3     sing N N 216 
U   N3    C4     sing N N 217 
U   N3    H3     sing N N 218 
U   C4    O4     doub N N 219 
U   C4    C5     sing N N 220 
U   C5    C6     doub N N 221 
U   C5    H5     sing N N 222 
U   C6    H6     sing N N 223 
# 
loop_
_ndb_struct_conf_na.entry_id 
_ndb_struct_conf_na.feature 
2ESI 'double helix'         
2ESI 'a-form double helix'  
2ESI 'mismatched base pair' 
2ESI 'internal loop'        
# 
loop_
_ndb_struct_na_base_pair.model_number 
_ndb_struct_na_base_pair.i_label_asym_id 
_ndb_struct_na_base_pair.i_label_comp_id 
_ndb_struct_na_base_pair.i_label_seq_id 
_ndb_struct_na_base_pair.i_symmetry 
_ndb_struct_na_base_pair.j_label_asym_id 
_ndb_struct_na_base_pair.j_label_comp_id 
_ndb_struct_na_base_pair.j_label_seq_id 
_ndb_struct_na_base_pair.j_symmetry 
_ndb_struct_na_base_pair.shear 
_ndb_struct_na_base_pair.stretch 
_ndb_struct_na_base_pair.stagger 
_ndb_struct_na_base_pair.buckle 
_ndb_struct_na_base_pair.propeller 
_ndb_struct_na_base_pair.opening 
_ndb_struct_na_base_pair.pair_number 
_ndb_struct_na_base_pair.pair_name 
_ndb_struct_na_base_pair.i_auth_asym_id 
_ndb_struct_na_base_pair.i_auth_seq_id 
_ndb_struct_na_base_pair.i_PDB_ins_code 
_ndb_struct_na_base_pair.j_auth_asym_id 
_ndb_struct_na_base_pair.j_auth_seq_id 
_ndb_struct_na_base_pair.j_PDB_ins_code 
_ndb_struct_na_base_pair.hbond_type_28 
_ndb_struct_na_base_pair.hbond_type_12 
1 A G 3  1_555 B C 23 1_555 -0.086 -0.424 0.190  -2.434  -1.255  -1.148  1  A_G2:C45_B  A 2  ? B 45 ? 19 1 
1 A C 4  1_555 B G 22 1_555 -0.002 -0.180 0.084  -1.522  -12.948 1.201   2  A_C3:G44_B  A 3  ? B 44 ? 19 1 
1 A G 5  1_555 B C 21 1_555 -0.835 0.036  -0.356 -4.732  -11.276 6.305   3  A_G4:C43_B  A 4  ? B 43 ? 19 1 
1 A U 6  1_555 B U 20 1_555 -2.473 -1.265 -0.357 8.725   -8.087  -20.068 4  A_U5:U42_B  A 5  ? B 42 ? ?  ? 
1 A C 7  1_555 B G 19 1_555 0.320  0.037  -0.615 3.360   6.789   5.795   5  A_C6:G41_B  A 6  ? B 41 ? 19 1 
1 A C 9  1_555 B G 16 1_555 0.188  -0.198 -0.235 15.762  -28.657 5.660   6  A_C8:G38_B  A 8  ? B 38 ? 19 1 
1 A A 10 1_555 B U 15 1_555 0.017  0.010  -0.216 2.621   -23.105 0.794   7  A_A9:U37_B  A 9  ? B 37 ? 20 1 
1 A C 11 1_555 B G 14 1_555 -0.147 -0.087 -0.211 9.749   -18.333 0.744   8  A_C10:G36_B A 10 ? B 36 ? 19 1 
1 A C 12 1_555 B G 13 1_555 -0.030 -0.058 0.080  -5.658  -10.336 5.028   9  A_C11:G35_B A 11 ? B 35 ? 19 1 
1 A G 13 1_555 B C 12 1_555 -0.454 -0.293 0.120  -3.909  -13.228 0.816   10 A_G12:C34_B A 12 ? B 34 ? 19 1 
1 A G 14 1_555 B C 11 1_555 0.466  -0.218 0.010  -3.202  -21.815 4.785   11 A_G13:C33_B A 13 ? B 33 ? 19 1 
1 A U 15 1_555 B A 10 1_555 1.149  -0.484 0.104  -0.702  -10.589 1.746   12 A_U14:A32_B A 14 ? B 32 ? 20 1 
1 A G 16 1_555 B C 9  1_555 0.328  -0.107 -0.501 -16.535 -13.756 7.489   13 A_G15:C31_B A 15 ? B 31 ? 19 1 
1 A G 19 1_555 B C 7  1_555 0.309  -0.052 -0.321 -4.538  -2.531  2.700   14 A_G18:C29_B A 18 ? B 29 ? 19 1 
1 A U 20 1_555 B U 6  1_555 1.443  -1.433 -0.299 -5.746  -3.956  -12.850 15 A_U19:U28_B A 19 ? B 28 ? ?  ? 
1 A C 21 1_555 B G 5  1_555 0.194  -0.595 -0.156 5.885   -4.203  -3.689  16 A_C20:G27_B A 20 ? B 27 ? 19 1 
1 A G 22 1_555 B C 4  1_555 0.673  -0.219 0.462  0.015   -4.725  0.951   17 A_G21:C26_B A 21 ? B 26 ? 19 1 
1 A C 23 1_555 B G 3  1_555 -0.628 0.112  0.751  -8.760  -2.876  4.037   18 A_C22:G25_B A 22 ? B 25 ? 19 1 
# 
loop_
_ndb_struct_na_base_pair_step.model_number 
_ndb_struct_na_base_pair_step.i_label_asym_id_1 
_ndb_struct_na_base_pair_step.i_label_comp_id_1 
_ndb_struct_na_base_pair_step.i_label_seq_id_1 
_ndb_struct_na_base_pair_step.i_symmetry_1 
_ndb_struct_na_base_pair_step.j_label_asym_id_1 
_ndb_struct_na_base_pair_step.j_label_comp_id_1 
_ndb_struct_na_base_pair_step.j_label_seq_id_1 
_ndb_struct_na_base_pair_step.j_symmetry_1 
_ndb_struct_na_base_pair_step.i_label_asym_id_2 
_ndb_struct_na_base_pair_step.i_label_comp_id_2 
_ndb_struct_na_base_pair_step.i_label_seq_id_2 
_ndb_struct_na_base_pair_step.i_symmetry_2 
_ndb_struct_na_base_pair_step.j_label_asym_id_2 
_ndb_struct_na_base_pair_step.j_label_comp_id_2 
_ndb_struct_na_base_pair_step.j_label_seq_id_2 
_ndb_struct_na_base_pair_step.j_symmetry_2 
_ndb_struct_na_base_pair_step.shift 
_ndb_struct_na_base_pair_step.slide 
_ndb_struct_na_base_pair_step.rise 
_ndb_struct_na_base_pair_step.tilt 
_ndb_struct_na_base_pair_step.roll 
_ndb_struct_na_base_pair_step.twist 
_ndb_struct_na_base_pair_step.x_displacement 
_ndb_struct_na_base_pair_step.y_displacement 
_ndb_struct_na_base_pair_step.helical_rise 
_ndb_struct_na_base_pair_step.inclination 
_ndb_struct_na_base_pair_step.tip 
_ndb_struct_na_base_pair_step.helical_twist 
_ndb_struct_na_base_pair_step.step_number 
_ndb_struct_na_base_pair_step.step_name 
_ndb_struct_na_base_pair_step.i_auth_asym_id_1 
_ndb_struct_na_base_pair_step.i_auth_seq_id_1 
_ndb_struct_na_base_pair_step.i_PDB_ins_code_1 
_ndb_struct_na_base_pair_step.j_auth_asym_id_1 
_ndb_struct_na_base_pair_step.j_auth_seq_id_1 
_ndb_struct_na_base_pair_step.j_PDB_ins_code_1 
_ndb_struct_na_base_pair_step.i_auth_asym_id_2 
_ndb_struct_na_base_pair_step.i_auth_seq_id_2 
_ndb_struct_na_base_pair_step.i_PDB_ins_code_2 
_ndb_struct_na_base_pair_step.j_auth_asym_id_2 
_ndb_struct_na_base_pair_step.j_auth_seq_id_2 
_ndb_struct_na_base_pair_step.j_PDB_ins_code_2 
1 A G 3  1_555 B C 23 1_555 A C 4  1_555 B G 22 1_555 -0.267 -1.477 3.257 1.905  2.993  36.625 -2.738 0.677  3.113 4.749  -3.022  
36.790 1  AA_G2C3:G44C45_BB   A 2  ? B 45 ? A 3  ? B 44 ? 
1 A C 4  1_555 B G 22 1_555 A G 5  1_555 B C 21 1_555 0.100  -1.933 3.266 2.001  6.995  23.330 -6.565 0.335  2.584 16.783 -4.801  
24.424 2  AA_C3G4:C43G44_BB   A 3  ? B 44 ? A 4  ? B 43 ? 
1 A G 5  1_555 B C 21 1_555 A U 6  1_555 B U 20 1_555 -0.677 -2.027 2.894 -0.564 5.024  25.915 -5.550 1.358  2.477 11.068 1.242   
26.395 3  AA_G4U5:U42C43_BB   A 4  ? B 43 ? A 5  ? B 42 ? 
1 A U 6  1_555 B U 20 1_555 A C 7  1_555 B G 19 1_555 2.104  -2.082 3.664 0.805  -0.657 42.106 -2.820 -2.834 3.733 -0.915 -1.120  
42.119 4  AA_U5C6:G41U42_BB   A 5  ? B 42 ? A 6  ? B 41 ? 
1 A C 7  1_555 B G 19 1_555 A C 9  1_555 B G 16 1_555 1.233  -3.539 6.307 -8.285 19.677 75.802 -3.794 -1.394 5.270 15.722 6.620   
78.314 5  AA_C6C8:G38G41_BB   A 6  ? B 41 ? A 8  ? B 38 ? 
1 A C 9  1_555 B G 16 1_555 A A 10 1_555 B U 15 1_555 -1.056 -0.990 3.700 -3.189 18.324 32.890 -4.097 1.190  2.865 29.601 5.152   
37.658 6  AA_C8A9:U37G38_BB   A 8  ? B 38 ? A 9  ? B 37 ? 
1 A A 10 1_555 B U 15 1_555 A C 11 1_555 B G 14 1_555 0.585  -1.858 3.041 -1.003 0.404  30.660 -3.586 -1.288 2.997 0.763  1.897   
30.679 7  AA_A9C10:G36U37_BB  A 9  ? B 37 ? A 10 ? B 36 ? 
1 A C 11 1_555 B G 14 1_555 A C 12 1_555 B G 13 1_555 -0.387 -1.814 3.778 -3.884 5.757  33.304 -4.129 -0.030 3.447 9.911  6.687   
34.000 8  AA_C10C11:G35G36_BB A 10 ? B 36 ? A 11 ? B 35 ? 
1 A C 12 1_555 B G 13 1_555 A G 13 1_555 B C 12 1_555 0.194  -1.802 2.917 1.008  10.746 25.552 -5.805 -0.215 2.014 23.030 -2.161  
27.703 9  AA_C11G12:C34G35_BB A 11 ? B 35 ? A 12 ? B 34 ? 
1 A G 13 1_555 B C 12 1_555 A G 14 1_555 B C 11 1_555 -0.014 -1.352 3.349 2.506  6.133  37.542 -2.842 0.336  3.091 9.439  -3.856  
38.102 10 AA_G12G13:C33C34_BB A 12 ? B 34 ? A 13 ? B 33 ? 
1 A G 14 1_555 B C 11 1_555 A U 15 1_555 B A 10 1_555 0.180  -1.562 3.132 -1.274 -1.309 31.427 -2.642 -0.562 3.183 -2.413 2.349   
31.479 11 AA_G13U14:A32C33_BB A 13 ? B 33 ? A 14 ? B 32 ? 
1 A U 15 1_555 B A 10 1_555 A G 16 1_555 B C 9  1_555 0.597  -1.444 3.306 7.820  19.424 33.553 -4.270 -0.030 2.255 30.267 -12.185 
39.391 12 AA_U14G15:C31A32_BB A 14 ? B 32 ? A 15 ? B 31 ? 
1 A G 16 1_555 B C 9  1_555 A G 19 1_555 B C 7  1_555 -1.729 -3.461 6.295 9.003  15.532 76.559 -3.527 1.824  5.427 12.376 -7.174  
78.320 13 AA_G15G18:C29C31_BB A 15 ? B 31 ? A 18 ? B 29 ? 
1 A G 19 1_555 B C 7  1_555 A U 20 1_555 B U 6  1_555 -1.547 -1.830 3.549 1.494  -0.997 34.991 -2.878 2.813  3.531 -1.658 -2.483  
35.035 14 AA_G18U19:U28C29_BB A 18 ? B 29 ? A 19 ? B 28 ? 
1 A U 20 1_555 B U 6  1_555 A C 21 1_555 B G 5  1_555 0.311  -2.502 2.973 0.341  6.634  25.286 -7.003 -0.612 2.258 14.831 -0.762  
26.130 15 AA_U19C20:G27U28_BB A 19 ? B 28 ? A 20 ? B 27 ? 
1 A C 21 1_555 B G 5  1_555 A G 22 1_555 B C 4  1_555 0.528  -1.842 3.162 -1.424 5.307  30.663 -4.360 -1.234 2.785 9.935  2.666   
31.140 16 AA_C20G21:C26G27_BB A 20 ? B 27 ? A 21 ? B 26 ? 
1 A G 22 1_555 B C 4  1_555 A C 23 1_555 B G 3  1_555 0.491  -2.687 3.355 -0.122 1.644  28.600 -5.803 -1.020 3.197 3.324  0.246   
28.647 17 AA_G21C22:G25C26_BB A 21 ? B 26 ? A 22 ? B 25 ? 
# 
_atom_sites.entry_id                    2ESI 
_atom_sites.fract_transf_matrix[1][1]   -0.01000046 
_atom_sites.fract_transf_matrix[1][2]   -0.00318466 
_atom_sites.fract_transf_matrix[1][3]   0.01946667 
_atom_sites.fract_transf_matrix[2][1]   0.01916293 
_atom_sites.fract_transf_matrix[2][2]   0.01986933 
_atom_sites.fract_transf_matrix[2][3]   0.01309496 
_atom_sites.fract_transf_matrix[3][1]   -0.01471869 
_atom_sites.fract_transf_matrix[3][2]   0.01329813 
_atom_sites.fract_transf_matrix[3][3]   0.00136147 
_atom_sites.fract_transf_vector[1]      0.418683 
_atom_sites.fract_transf_vector[2]      0.009525 
_atom_sites.fract_transf_vector[3]      0.232672 
# 
loop_
_atom_type.symbol 
C 
N 
O 
P 
# 
loop_
_atom_site.group_PDB 
_atom_site.id 
_atom_site.type_symbol 
_atom_site.label_atom_id 
_atom_site.label_alt_id 
_atom_site.label_comp_id 
_atom_site.label_asym_id 
_atom_site.label_entity_id 
_atom_site.label_seq_id 
_atom_site.pdbx_PDB_ins_code 
_atom_site.Cartn_x 
_atom_site.Cartn_y 
_atom_site.Cartn_z 
_atom_site.occupancy 
_atom_site.B_iso_or_equiv 
_atom_site.pdbx_formal_charge 
_atom_site.auth_seq_id 
_atom_site.auth_comp_id 
_atom_site.auth_asym_id 
_atom_site.auth_atom_id 
_atom_site.pdbx_PDB_model_num 
ATOM   1    O "O5'" . U   A 1 1  ? 10.594  -2.709  16.191  1.00 38.54 ? 0   U   A "O5'" 1 
ATOM   2    C "C5'" . U   A 1 1  ? 10.509  -4.143  16.071  1.00 39.50 ? 0   U   A "C5'" 1 
ATOM   3    C "C4'" . U   A 1 1  ? 11.022  -4.862  17.295  1.00 39.76 ? 0   U   A "C4'" 1 
ATOM   4    O "O4'" . U   A 1 1  ? 12.463  -4.646  17.414  1.00 40.90 ? 0   U   A "O4'" 1 
ATOM   5    C "C3'" . U   A 1 1  ? 10.455  -4.359  18.609  1.00 38.92 ? 0   U   A "C3'" 1 
ATOM   6    O "O3'" . U   A 1 1  ? 9.175   -4.933  18.863  1.00 38.15 ? 0   U   A "O3'" 1 
ATOM   7    C "C2'" . U   A 1 1  ? 11.564  -4.771  19.571  1.00 38.88 ? 0   U   A "C2'" 1 
ATOM   8    O "O2'" . U   A 1 1  ? 11.578  -6.173  19.767  1.00 37.38 ? 0   U   A "O2'" 1 
ATOM   9    C "C1'" . U   A 1 1  ? 12.807  -4.374  18.762  1.00 39.81 ? 0   U   A "C1'" 1 
ATOM   10   N N1    . U   A 1 1  ? 13.141  -2.941  18.838  1.00 40.56 ? 0   U   A N1    1 
ATOM   11   C C2    . U   A 1 1  ? 14.406  -2.571  19.213  1.00 41.18 ? 0   U   A C2    1 
ATOM   12   O O2    . U   A 1 1  ? 15.252  -3.365  19.527  1.00 43.35 ? 0   U   A O2    1 
ATOM   13   N N3    . U   A 1 1  ? 14.643  -1.225  19.219  1.00 41.62 ? 0   U   A N3    1 
ATOM   14   C C4    . U   A 1 1  ? 13.750  -0.232  18.909  1.00 41.99 ? 0   U   A C4    1 
ATOM   15   O O4    . U   A 1 1  ? 14.125  0.939   18.885  1.00 42.16 ? 0   U   A O4    1 
ATOM   16   C C5    . U   A 1 1  ? 12.457  -0.695  18.561  1.00 42.34 ? 0   U   A C5    1 
ATOM   17   C C6    . U   A 1 1  ? 12.208  -1.999  18.531  1.00 41.59 ? 0   U   A C6    1 
ATOM   18   P P     . U   A 1 2  ? 7.843   -4.012  18.773  1.00 37.83 ? 1   U   A P     1 
ATOM   19   O OP1   . U   A 1 2  ? 6.972   -4.527  17.691  1.00 37.93 ? 1   U   A OP1   1 
ATOM   20   O OP2   . U   A 1 2  ? 8.247   -2.570  18.756  1.00 37.44 ? 1   U   A OP2   1 
ATOM   21   O "O5'" . U   A 1 2  ? 7.101   -4.326  20.149  1.00 38.58 ? 1   U   A "O5'" 1 
ATOM   22   C "C5'" . U   A 1 2  ? 6.696   -5.661  20.479  1.00 39.32 ? 1   U   A "C5'" 1 
ATOM   23   C "C4'" . U   A 1 2  ? 6.679   -5.848  21.983  1.00 39.26 ? 1   U   A "C4'" 1 
ATOM   24   O "O4'" . U   A 1 2  ? 8.026   -5.711  22.491  1.00 39.53 ? 1   U   A "O4'" 1 
ATOM   25   C "C3'" . U   A 1 2  ? 5.838   -4.839  22.750  1.00 38.67 ? 1   U   A "C3'" 1 
ATOM   26   O "O3'" . U   A 1 2  ? 4.477   -5.282  22.852  1.00 37.88 ? 1   U   A "O3'" 1 
ATOM   27   C "C2'" . U   A 1 2  ? 6.569   -4.620  24.075  1.00 39.49 ? 1   U   A "C2'" 1 
ATOM   28   O "O2'" . U   A 1 2  ? 6.057   -5.371  25.154  1.00 41.31 ? 1   U   A "O2'" 1 
ATOM   29   C "C1'" . U   A 1 2  ? 8.007   -5.053  23.743  1.00 39.76 ? 1   U   A "C1'" 1 
ATOM   30   N N1    . U   A 1 2  ? 9.049   -4.017  23.726  1.00 39.15 ? 1   U   A N1    1 
ATOM   31   C C2    . U   A 1 2  ? 9.820   -3.873  24.863  1.00 39.46 ? 1   U   A C2    1 
ATOM   32   O O2    . U   A 1 2  ? 9.638   -4.532  25.874  1.00 38.61 ? 1   U   A O2    1 
ATOM   33   N N3    . U   A 1 2  ? 10.816  -2.937  24.769  1.00 40.08 ? 1   U   A N3    1 
ATOM   34   C C4    . U   A 1 2  ? 11.109  -2.145  23.680  1.00 40.37 ? 1   U   A C4    1 
ATOM   35   O O4    . U   A 1 2  ? 12.078  -1.375  23.734  1.00 40.72 ? 1   U   A O4    1 
ATOM   36   C C5    . U   A 1 2  ? 10.246  -2.336  22.550  1.00 39.74 ? 1   U   A C5    1 
ATOM   37   C C6    . U   A 1 2  ? 9.271   -3.239  22.612  1.00 39.08 ? 1   U   A C6    1 
ATOM   38   P P     . G   A 1 3  ? 4.110   -6.790  23.365  1.00 37.35 ? 2   G   A P     1 
ATOM   39   O OP1   . G   A 1 3  ? 4.327   -7.709  22.216  1.00 37.18 ? 2   G   A OP1   1 
ATOM   40   O OP2   . G   A 1 3  ? 2.522   -6.700  23.524  1.00 35.26 ? 2   G   A OP2   1 
ATOM   41   O "O5'" . G   A 1 3  ? 4.715   -7.133  24.689  1.00 36.86 ? 2   G   A "O5'" 1 
ATOM   42   C "C5'" . G   A 1 3  ? 1.822   -7.277  24.628  1.00 32.51 ? 2   G   A "C5'" 1 
ATOM   43   C "C4'" . G   A 1 3  ? 0.899   -6.247  25.258  1.00 30.73 ? 2   G   A "C4'" 1 
ATOM   44   O "O4'" . G   A 1 3  ? 1.674   -5.398  26.135  1.00 30.28 ? 2   G   A "O4'" 1 
ATOM   45   C "C3'" . G   A 1 3  ? 0.225   -5.268  24.298  1.00 30.54 ? 2   G   A "C3'" 1 
ATOM   46   O "O3'" . G   A 1 3  ? -0.963  -5.780  23.712  1.00 30.80 ? 2   G   A "O3'" 1 
ATOM   47   C "C2'" . G   A 1 3  ? -0.057  -4.056  25.179  1.00 30.47 ? 2   G   A "C2'" 1 
ATOM   48   O "O2'" . G   A 1 3  ? -1.261  -4.130  25.912  1.00 29.66 ? 2   G   A "O2'" 1 
ATOM   49   C "C1'" . G   A 1 3  ? 1.143   -4.081  26.122  1.00 30.28 ? 2   G   A "C1'" 1 
ATOM   50   N N9    . G   A 1 3  ? 2.204   -3.168  25.719  1.00 30.38 ? 2   G   A N9    1 
ATOM   51   C C8    . G   A 1 3  ? 3.499   -3.491  25.401  1.00 30.76 ? 2   G   A C8    1 
ATOM   52   N N7    . G   A 1 3  ? 4.230   -2.454  25.111  1.00 30.56 ? 2   G   A N7    1 
ATOM   53   C C5    . G   A 1 3  ? 3.360   -1.384  25.237  1.00 29.98 ? 2   G   A C5    1 
ATOM   54   C C6    . G   A 1 3  ? 3.589   -0.006  25.066  1.00 30.03 ? 2   G   A C6    1 
ATOM   55   O O6    . G   A 1 3  ? 4.644   0.567   24.757  1.00 30.47 ? 2   G   A O6    1 
ATOM   56   N N1    . G   A 1 3  ? 2.433   0.736   25.303  1.00 29.42 ? 2   G   A N1    1 
ATOM   57   C C2    . G   A 1 3  ? 1.216   0.209   25.663  1.00 29.06 ? 2   G   A C2    1 
ATOM   58   N N2    . G   A 1 3  ? 0.228   1.085   25.848  1.00 28.74 ? 2   G   A N2    1 
ATOM   59   N N3    . G   A 1 3  ? 0.994   -1.083  25.829  1.00 29.39 ? 2   G   A N3    1 
ATOM   60   C C4    . G   A 1 3  ? 2.104   -1.813  25.603  1.00 29.78 ? 2   G   A C4    1 
ATOM   61   P P     . C   A 1 4  ? -1.268  -5.475  22.170  1.00 30.40 ? 3   C   A P     1 
ATOM   62   O OP1   . C   A 1 4  ? -2.186  -6.522  21.652  1.00 29.95 ? 3   C   A OP1   1 
ATOM   63   O OP2   . C   A 1 4  ? 0.041   -5.248  21.520  1.00 30.58 ? 3   C   A OP2   1 
ATOM   64   O "O5'" . C   A 1 4  ? -2.036  -4.086  22.185  1.00 29.94 ? 3   C   A "O5'" 1 
ATOM   65   C "C5'" . C   A 1 4  ? -3.247  -3.923  22.907  1.00 29.97 ? 3   C   A "C5'" 1 
ATOM   66   C "C4'" . C   A 1 4  ? -3.567  -2.464  23.012  1.00 29.86 ? 3   C   A "C4'" 1 
ATOM   67   O "O4'" . C   A 1 4  ? -2.542  -1.809  23.809  1.00 29.76 ? 3   C   A "O4'" 1 
ATOM   68   C "C3'" . C   A 1 4  ? -3.493  -1.730  21.692  1.00 29.87 ? 3   C   A "C3'" 1 
ATOM   69   O "O3'" . C   A 1 4  ? -4.675  -1.890  20.931  1.00 30.55 ? 3   C   A "O3'" 1 
ATOM   70   C "C2'" . C   A 1 4  ? -3.312  -0.307  22.173  1.00 29.54 ? 3   C   A "C2'" 1 
ATOM   71   O "O2'" . C   A 1 4  ? -4.517  0.166   22.735  1.00 29.51 ? 3   C   A "O2'" 1 
ATOM   72   C "C1'" . C   A 1 4  ? -2.292  -0.513  23.291  1.00 29.10 ? 3   C   A "C1'" 1 
ATOM   73   N N1    . C   A 1 4  ? -0.884  -0.448  22.844  1.00 28.93 ? 3   C   A N1    1 
ATOM   74   C C2    . C   A 1 4  ? -0.288  0.809   22.666  1.00 29.56 ? 3   C   A C2    1 
ATOM   75   O O2    . C   A 1 4  ? -0.965  1.815   22.870  1.00 30.83 ? 3   C   A O2    1 
ATOM   76   N N3    . C   A 1 4  ? 1.009   0.888   22.280  1.00 29.14 ? 3   C   A N3    1 
ATOM   77   C C4    . C   A 1 4  ? 1.710   -0.230  22.076  1.00 28.32 ? 3   C   A C4    1 
ATOM   78   N N4    . C   A 1 4  ? 2.990   -0.103  21.720  1.00 26.77 ? 3   C   A N4    1 
ATOM   79   C C5    . C   A 1 4  ? 1.124   -1.527  22.236  1.00 28.39 ? 3   C   A C5    1 
ATOM   80   C C6    . C   A 1 4  ? -0.163  -1.586  22.615  1.00 28.58 ? 3   C   A C6    1 
ATOM   81   P P     . G   A 1 5  ? -4.601  -1.745  19.336  1.00 31.95 ? 4   G   A P     1 
ATOM   82   O OP1   . G   A 1 5  ? -5.972  -1.976  18.790  1.00 32.15 ? 4   G   A OP1   1 
ATOM   83   O OP2   . G   A 1 5  ? -3.469  -2.585  18.857  1.00 31.69 ? 4   G   A OP2   1 
ATOM   84   O "O5'" . G   A 1 5  ? -4.240  -0.208  19.134  1.00 31.27 ? 4   G   A "O5'" 1 
ATOM   85   C "C5'" . G   A 1 5  ? -5.091  0.791   19.670  1.00 30.75 ? 4   G   A "C5'" 1 
ATOM   86   C "C4'" . G   A 1 5  ? -4.549  2.163   19.375  1.00 30.34 ? 4   G   A "C4'" 1 
ATOM   87   O "O4'" . G   A 1 5  ? -3.384  2.433   20.195  1.00 29.89 ? 4   G   A "O4'" 1 
ATOM   88   C "C3'" . G   A 1 5  ? -4.040  2.406   17.971  1.00 30.48 ? 4   G   A "C3'" 1 
ATOM   89   O "O3'" . G   A 1 5  ? -5.085  2.637   17.050  1.00 31.69 ? 4   G   A "O3'" 1 
ATOM   90   C "C2'" . G   A 1 5  ? -3.197  3.654   18.175  1.00 29.56 ? 4   G   A "C2'" 1 
ATOM   91   O "O2'" . G   A 1 5  ? -3.983  4.809   18.318  1.00 30.93 ? 4   G   A "O2'" 1 
ATOM   92   C "C1'" . G   A 1 5  ? -2.539  3.353   19.518  1.00 28.73 ? 4   G   A "C1'" 1 
ATOM   93   N N9    . G   A 1 5  ? -1.226  2.748   19.333  1.00 27.30 ? 4   G   A N9    1 
ATOM   94   C C8    . G   A 1 5  ? -0.910  1.412   19.349  1.00 26.26 ? 4   G   A C8    1 
ATOM   95   N N7    . G   A 1 5  ? 0.357   1.183   19.148  1.00 26.09 ? 4   G   A N7    1 
ATOM   96   C C5    . G   A 1 5  ? 0.911   2.445   18.984  1.00 26.06 ? 4   G   A C5    1 
ATOM   97   C C6    . G   A 1 5  ? 2.250   2.836   18.750  1.00 25.49 ? 4   G   A C6    1 
ATOM   98   O O6    . G   A 1 5  ? 3.244   2.122   18.630  1.00 25.09 ? 4   G   A O6    1 
ATOM   99   N N1    . G   A 1 5  ? 2.373   4.222   18.667  1.00 25.53 ? 4   G   A N1    1 
ATOM   100  C C2    . G   A 1 5  ? 1.339   5.118   18.798  1.00 25.62 ? 4   G   A C2    1 
ATOM   101  N N2    . G   A 1 5  ? 1.662   6.412   18.710  1.00 24.92 ? 4   G   A N2    1 
ATOM   102  N N3    . G   A 1 5  ? 0.084   4.765   19.010  1.00 26.07 ? 4   G   A N3    1 
ATOM   103  C C4    . G   A 1 5  ? -0.055  3.422   19.096  1.00 26.50 ? 4   G   A C4    1 
ATOM   104  P P     . U   A 1 6  ? -4.760  2.607   15.481  1.00 33.16 ? 5   U   A P     1 
ATOM   105  O OP1   . U   A 1 6  ? -6.023  2.786   14.730  1.00 33.05 ? 5   U   A OP1   1 
ATOM   106  O OP2   . U   A 1 6  ? -3.895  1.422   15.207  1.00 32.96 ? 5   U   A OP2   1 
ATOM   107  O "O5'" . U   A 1 6  ? -3.901  3.924   15.236  1.00 32.82 ? 5   U   A "O5'" 1 
ATOM   108  C "C5'" . U   A 1 6  ? -3.066  4.033   14.091  1.00 31.40 ? 5   U   A "C5'" 1 
ATOM   109  C "C4'" . U   A 1 6  ? -2.430  5.399   14.034  1.00 30.21 ? 5   U   A "C4'" 1 
ATOM   110  O "O4'" . U   A 1 6  ? -1.586  5.605   15.201  1.00 29.89 ? 5   U   A "O4'" 1 
ATOM   111  C "C3'" . U   A 1 6  ? -1.465  5.593   12.887  1.00 29.52 ? 5   U   A "C3'" 1 
ATOM   112  O "O3'" . U   A 1 6  ? -2.153  5.881   11.689  1.00 28.67 ? 5   U   A "O3'" 1 
ATOM   113  C "C2'" . U   A 1 6  ? -0.630  6.764   13.372  1.00 29.78 ? 5   U   A "C2'" 1 
ATOM   114  O "O2'" . U   A 1 6  ? -1.292  8.002   13.217  1.00 30.01 ? 5   U   A "O2'" 1 
ATOM   115  C "C1'" . U   A 1 6  ? -0.466  6.403   14.850  1.00 29.69 ? 5   U   A "C1'" 1 
ATOM   116  N N1    . U   A 1 6  ? 0.730   5.580   15.052  1.00 29.55 ? 5   U   A N1    1 
ATOM   117  C C2    . U   A 1 6  ? 1.972   6.202   15.035  1.00 29.66 ? 5   U   A C2    1 
ATOM   118  O O2    . U   A 1 6  ? 2.114   7.418   14.962  1.00 30.95 ? 5   U   A O2    1 
ATOM   119  N N3    . U   A 1 6  ? 3.037   5.344   15.128  1.00 28.26 ? 5   U   A N3    1 
ATOM   120  C C4    . U   A 1 6  ? 2.982   3.975   15.269  1.00 27.69 ? 5   U   A C4    1 
ATOM   121  O O4    . U   A 1 6  ? 4.017   3.331   15.289  1.00 28.29 ? 5   U   A O4    1 
ATOM   122  C C5    . U   A 1 6  ? 1.673   3.429   15.335  1.00 27.92 ? 5   U   A C5    1 
ATOM   123  C C6    . U   A 1 6  ? 0.620   4.225   15.225  1.00 28.95 ? 5   U   A C6    1 
ATOM   124  P P     . C   A 1 7  ? -1.724  5.122   10.353  1.00 27.39 ? 6   C   A P     1 
ATOM   125  O OP1   . C   A 1 7  ? -2.559  5.605   9.216   1.00 26.95 ? 6   C   A OP1   1 
ATOM   126  O OP2   . C   A 1 7  ? -1.698  3.677   10.696  1.00 26.32 ? 6   C   A OP2   1 
ATOM   127  O "O5'" . C   A 1 7  ? -0.229  5.633   10.146  1.00 25.74 ? 6   C   A "O5'" 1 
ATOM   128  C "C5'" . C   A 1 7  ? 0.052   7.026   10.096  1.00 23.40 ? 6   C   A "C5'" 1 
ATOM   129  C "C4'" . C   A 1 7  ? 1.541   7.259   10.113  1.00 21.38 ? 6   C   A "C4'" 1 
ATOM   130  O "O4'" . C   A 1 7  ? 2.082   6.817   11.372  1.00 19.83 ? 6   C   A "O4'" 1 
ATOM   131  C "C3'" . C   A 1 7  ? 2.329   6.471   9.088   1.00 20.95 ? 6   C   A "C3'" 1 
ATOM   132  O "O3'" . C   A 1 7  ? 2.332   7.123   7.838   1.00 22.20 ? 6   C   A "O3'" 1 
ATOM   133  C "C2'" . C   A 1 7  ? 3.720   6.447   9.694   1.00 20.27 ? 6   C   A "C2'" 1 
ATOM   134  O "O2'" . C   A 1 7  ? 4.496   7.597   9.450   1.00 20.19 ? 6   C   A "O2'" 1 
ATOM   135  C "C1'" . C   A 1 7  ? 3.387   6.313   11.174  1.00 19.48 ? 6   C   A "C1'" 1 
ATOM   136  N N1    . C   A 1 7  ? 3.387   4.911   11.545  1.00 19.12 ? 6   C   A N1    1 
ATOM   137  C C2    . C   A 1 7  ? 4.604   4.265   11.655  1.00 18.93 ? 6   C   A C2    1 
ATOM   138  O O2    . C   A 1 7  ? 5.633   4.918   11.441  1.00 18.09 ? 6   C   A O2    1 
ATOM   139  N N3    . C   A 1 7  ? 4.633   2.952   11.987  1.00 18.65 ? 6   C   A N3    1 
ATOM   140  C C4    . C   A 1 7  ? 3.492   2.304   12.209  1.00 17.56 ? 6   C   A C4    1 
ATOM   141  N N4    . C   A 1 7  ? 3.551   1.027   12.556  1.00 17.43 ? 6   C   A N4    1 
ATOM   142  C C5    . C   A 1 7  ? 2.230   2.945   12.092  1.00 18.46 ? 6   C   A C5    1 
ATOM   143  C C6    . C   A 1 7  ? 2.222   4.240   11.767  1.00 18.77 ? 6   C   A C6    1 
ATOM   144  P P     . A   A 1 8  ? 2.521   6.260   6.506   1.00 23.75 ? 7   A   A P     1 
ATOM   145  O OP1   . A   A 1 8  ? 2.262   7.189   5.378   1.00 24.35 ? 7   A   A OP1   1 
ATOM   146  O OP2   . A   A 1 8  ? 1.708   5.031   6.648   1.00 23.14 ? 7   A   A OP2   1 
ATOM   147  O "O5'" . A   A 1 8  ? 4.056   5.827   6.534   1.00 23.31 ? 7   A   A "O5'" 1 
ATOM   148  C "C5'" . A   A 1 8  ? 5.096   6.788   6.707   1.00 23.76 ? 7   A   A "C5'" 1 
ATOM   149  C "C4'" . A   A 1 8  ? 6.444   6.096   6.731   1.00 24.04 ? 7   A   A "C4'" 1 
ATOM   150  O "O4'" . A   A 1 8  ? 6.609   5.386   7.978   1.00 25.31 ? 7   A   A "O4'" 1 
ATOM   151  C "C3'" . A   A 1 8  ? 6.640   5.027   5.671   1.00 23.58 ? 7   A   A "C3'" 1 
ATOM   152  O "O3'" . A   A 1 8  ? 7.090   5.604   4.464   1.00 22.41 ? 7   A   A "O3'" 1 
ATOM   153  C "C2'" . A   A 1 8  ? 7.730   4.167   6.281   1.00 24.39 ? 7   A   A "C2'" 1 
ATOM   154  O "O2'" . A   A 1 8  ? 8.984   4.765   6.095   1.00 24.95 ? 7   A   A "O2'" 1 
ATOM   155  C "C1'" . A   A 1 8  ? 7.348   4.196   7.760   1.00 25.52 ? 7   A   A "C1'" 1 
ATOM   156  N N9    . A   A 1 8  ? 6.504   3.071   8.147   1.00 26.98 ? 7   A   A N9    1 
ATOM   157  C C8    . A   A 1 8  ? 5.151   3.071   8.368   1.00 27.68 ? 7   A   A C8    1 
ATOM   158  N N7    . A   A 1 8  ? 4.663   1.890   8.660   1.00 27.89 ? 7   A   A N7    1 
ATOM   159  C C5    . A   A 1 8  ? 5.773   1.061   8.636   1.00 27.50 ? 7   A   A C5    1 
ATOM   160  C C6    . A   A 1 8  ? 5.925   -0.312  8.854   1.00 27.86 ? 7   A   A C6    1 
ATOM   161  N N6    . A   A 1 8  ? 4.912   -1.138  9.141   1.00 28.41 ? 7   A   A N6    1 
ATOM   162  N N1    . A   A 1 8  ? 7.168   -0.822  8.765   1.00 28.11 ? 7   A   A N1    1 
ATOM   163  C C2    . A   A 1 8  ? 8.179   0.000   8.472   1.00 28.65 ? 7   A   A C2    1 
ATOM   164  N N3    . A   A 1 8  ? 8.161   1.309   8.245   1.00 28.24 ? 7   A   A N3    1 
ATOM   165  C C4    . A   A 1 8  ? 6.914   1.781   8.341   1.00 27.40 ? 7   A   A C4    1 
ATOM   166  P P     . C   A 1 9  ? 6.570   5.024   3.072   1.00 21.43 ? 8   C   A P     1 
ATOM   167  O OP1   . C   A 1 9  ? 7.083   5.931   2.017   1.00 22.39 ? 8   C   A OP1   1 
ATOM   168  O OP2   . C   A 1 9  ? 5.113   4.801   3.211   1.00 20.91 ? 8   C   A OP2   1 
ATOM   169  O "O5'" . C   A 1 9  ? 7.345   3.641   2.938   1.00 20.25 ? 8   C   A "O5'" 1 
ATOM   170  C "C5'" . C   A 1 9  ? 8.768   3.623   2.840   1.00 20.37 ? 8   C   A "C5'" 1 
ATOM   171  C "C4'" . C   A 1 9  ? 9.310   2.223   3.040   1.00 20.50 ? 8   C   A "C4'" 1 
ATOM   172  O "O4'" . C   A 1 9  ? 8.995   1.752   4.373   1.00 19.82 ? 8   C   A "O4'" 1 
ATOM   173  C "C3'" . C   A 1 9  ? 8.772   1.125   2.142   1.00 21.23 ? 8   C   A "C3'" 1 
ATOM   174  O "O3'" . C   A 1 9  ? 9.395   1.154   0.864   1.00 22.75 ? 8   C   A "O3'" 1 
ATOM   175  C "C2'" . C   A 1 9  ? 9.173   -0.108  2.930   1.00 19.87 ? 8   C   A "C2'" 1 
ATOM   176  O "O2'" . C   A 1 9  ? 10.558  -0.338  2.826   1.00 19.54 ? 8   C   A "O2'" 1 
ATOM   177  C "C1'" . C   A 1 9  ? 8.870   0.345   4.358   1.00 18.86 ? 8   C   A "C1'" 1 
ATOM   178  N N1    . C   A 1 9  ? 7.518   0.017   4.814   1.00 18.38 ? 8   C   A N1    1 
ATOM   179  C C2    . C   A 1 9  ? 7.266   -1.243  5.377   1.00 18.44 ? 8   C   A C2    1 
ATOM   180  O O2    . C   A 1 9  ? 8.204   -2.047  5.508   1.00 18.48 ? 8   C   A O2    1 
ATOM   181  N N3    . C   A 1 9  ? 6.009   -1.547  5.773   1.00 18.11 ? 8   C   A N3    1 
ATOM   182  C C4    . C   A 1 9  ? 5.033   -0.647  5.640   1.00 17.17 ? 8   C   A C4    1 
ATOM   183  N N4    . C   A 1 9  ? 3.814   -0.991  6.037   1.00 16.48 ? 8   C   A N4    1 
ATOM   184  C C5    . C   A 1 9  ? 5.267   0.643   5.090   1.00 17.68 ? 8   C   A C5    1 
ATOM   185  C C6    . C   A 1 9  ? 6.510   0.930   4.693   1.00 18.14 ? 8   C   A C6    1 
ATOM   186  P P     . A   A 1 10 ? 8.486   1.170   -0.460  1.00 24.49 ? 9   A   A P     1 
ATOM   187  O OP1   . A   A 1 10 ? 9.224   1.995   -1.452  1.00 23.30 ? 9   A   A OP1   1 
ATOM   188  O OP2   . A   A 1 10 ? 7.104   1.543   -0.082  1.00 22.80 ? 9   A   A OP2   1 
ATOM   189  O "O5'" . A   A 1 10 ? 8.469   -0.362  -0.920  1.00 25.19 ? 9   A   A "O5'" 1 
ATOM   190  C "C5'" . A   A 1 10 ? 9.689   -1.075  -1.193  1.00 25.98 ? 9   A   A "C5'" 1 
ATOM   191  C "C4'" . A   A 1 10 ? 9.481   -2.581  -1.099  1.00 26.53 ? 9   A   A "C4'" 1 
ATOM   192  O "O4'" . A   A 1 10 ? 9.334   -2.992  0.289   1.00 25.79 ? 9   A   A "O4'" 1 
ATOM   193  C "C3'" . A   A 1 10 ? 8.273   -3.165  -1.812  1.00 26.74 ? 9   A   A "C3'" 1 
ATOM   194  O "O3'" . A   A 1 10 ? 8.503   -3.424  -3.190  1.00 27.98 ? 9   A   A "O3'" 1 
ATOM   195  C "C2'" . A   A 1 10 ? 8.057   -4.464  -1.053  1.00 26.13 ? 9   A   A "C2'" 1 
ATOM   196  O "O2'" . A   A 1 10 ? 8.937   -5.487  -1.468  1.00 25.07 ? 9   A   A "O2'" 1 
ATOM   197  C "C1'" . A   A 1 10 ? 8.371   -4.031  0.379   1.00 25.77 ? 9   A   A "C1'" 1 
ATOM   198  N N9    . A   A 1 10 ? 7.186   -3.500  1.054   1.00 24.98 ? 9   A   A N9    1 
ATOM   199  C C8    . A   A 1 10 ? 6.801   -2.189  1.167   1.00 24.38 ? 9   A   A C8    1 
ATOM   200  N N7    . A   A 1 10 ? 5.677   -2.024  1.813   1.00 24.73 ? 9   A   A N7    1 
ATOM   201  C C5    . A   A 1 10 ? 5.295   -3.313  2.151   1.00 24.13 ? 9   A   A C5    1 
ATOM   202  C C6    . A   A 1 10 ? 4.178   -3.821  2.840   1.00 24.13 ? 9   A   A C6    1 
ATOM   203  N N6    . A   A 1 10 ? 3.191   -3.064  3.335   1.00 24.08 ? 9   A   A N6    1 
ATOM   204  N N1    . A   A 1 10 ? 4.104   -5.158  3.005   1.00 23.85 ? 9   A   A N1    1 
ATOM   205  C C2    . A   A 1 10 ? 5.081   -5.920  2.505   1.00 23.39 ? 9   A   A C2    1 
ATOM   206  N N3    . A   A 1 10 ? 6.169   -5.563  1.840   1.00 23.29 ? 9   A   A N3    1 
ATOM   207  C C4    . A   A 1 10 ? 6.218   -4.230  1.695   1.00 23.89 ? 9   A   A C4    1 
ATOM   208  P P     . C   A 1 11 ? 7.259   -3.399  -4.211  1.00 29.87 ? 10  C   A P     1 
ATOM   209  O OP1   . C   A 1 11 ? 7.740   -3.741  -5.571  1.00 30.29 ? 10  C   A OP1   1 
ATOM   210  O OP2   . C   A 1 11 ? 6.529   -2.116  -3.989  1.00 30.47 ? 10  C   A OP2   1 
ATOM   211  O "O5'" . C   A 1 11 ? 6.316   -4.587  -3.727  1.00 28.24 ? 10  C   A "O5'" 1 
ATOM   212  C "C5'" . C   A 1 11 ? 6.680   -5.917  -3.971  1.00 26.24 ? 10  C   A "C5'" 1 
ATOM   213  C "C4'" . C   A 1 11 ? 5.771   -6.847  -3.232  1.00 24.53 ? 10  C   A "C4'" 1 
ATOM   214  O "O4'" . C   A 1 11 ? 5.620   -6.372  -1.867  1.00 22.91 ? 10  C   A "O4'" 1 
ATOM   215  C "C3'" . C   A 1 11 ? 4.323   -6.929  -3.658  1.00 23.93 ? 10  C   A "C3'" 1 
ATOM   216  O "O3'" . C   A 1 11 ? 4.111   -7.612  -4.886  1.00 23.87 ? 10  C   A "O3'" 1 
ATOM   217  C "C2'" . C   A 1 11 ? 3.737   -7.650  -2.454  1.00 23.41 ? 10  C   A "C2'" 1 
ATOM   218  O "O2'" . C   A 1 11 ? 4.177   -8.993  -2.378  1.00 23.19 ? 10  C   A "O2'" 1 
ATOM   219  C "C1'" . C   A 1 11 ? 4.405   -6.870  -1.324  1.00 22.21 ? 10  C   A "C1'" 1 
ATOM   220  N N1    . C   A 1 11 ? 3.620   -5.733  -0.800  1.00 20.28 ? 10  C   A N1    1 
ATOM   221  C C2    . C   A 1 11 ? 2.556   -5.993  0.073   1.00 19.23 ? 10  C   A C2    1 
ATOM   222  O O2    . C   A 1 11 ? 2.297   -7.168  0.358   1.00 17.33 ? 10  C   A O2    1 
ATOM   223  N N3    . C   A 1 11 ? 1.848   -4.954  0.581   1.00 18.43 ? 10  C   A N3    1 
ATOM   224  C C4    . C   A 1 11 ? 2.175   -3.701  0.249   1.00 17.79 ? 10  C   A C4    1 
ATOM   225  N N4    . C   A 1 11 ? 1.476   -2.706  0.789   1.00 17.53 ? 10  C   A N4    1 
ATOM   226  C C5    . C   A 1 11 ? 3.242   -3.413  -0.649  1.00 18.56 ? 10  C   A C5    1 
ATOM   227  C C6    . C   A 1 11 ? 3.931   -4.448  -1.144  1.00 20.00 ? 10  C   A C6    1 
ATOM   228  P P     . C   A 1 12 ? 2.728   -7.385  -5.675  1.00 24.39 ? 11  C   A P     1 
ATOM   229  O OP1   . C   A 1 12 ? 2.742   -8.181  -6.926  1.00 25.06 ? 11  C   A OP1   1 
ATOM   230  O OP2   . C   A 1 12 ? 2.413   -5.938  -5.739  1.00 24.46 ? 11  C   A OP2   1 
ATOM   231  O "O5'" . C   A 1 12 ? 1.657   -8.039  -4.703  1.00 24.74 ? 11  C   A "O5'" 1 
ATOM   232  C "C5'" . C   A 1 12 ? 1.653   -9.433  -4.463  1.00 23.51 ? 11  C   A "C5'" 1 
ATOM   233  C "C4'" . C   A 1 12 ? 0.328   -9.840  -3.868  1.00 23.61 ? 11  C   A "C4'" 1 
ATOM   234  O "O4'" . C   A 1 12 ? 0.240   -9.352  -2.504  1.00 23.06 ? 11  C   A "O4'" 1 
ATOM   235  C "C3'" . C   A 1 12 ? -0.904  -9.251  -4.530  1.00 24.06 ? 11  C   A "C3'" 1 
ATOM   236  O "O3'" . C   A 1 12 ? -1.313  -9.965  -5.683  1.00 25.28 ? 11  C   A "O3'" 1 
ATOM   237  C "C2'" . C   A 1 12 ? -1.927  -9.376  -3.420  1.00 23.64 ? 11  C   A "C2'" 1 
ATOM   238  O "O2'" . C   A 1 12 ? -2.321  -10.719 -3.274  1.00 25.65 ? 11  C   A "O2'" 1 
ATOM   239  C "C1'" . C   A 1 12 ? -1.093  -8.955  -2.215  1.00 22.97 ? 11  C   A "C1'" 1 
ATOM   240  N N1    . C   A 1 12 ? -1.102  -7.497  -2.042  1.00 21.93 ? 11  C   A N1    1 
ATOM   241  C C2    . C   A 1 12 ? -2.161  -6.893  -1.371  1.00 21.08 ? 11  C   A C2    1 
ATOM   242  O O2    . C   A 1 12 ? -3.063  -7.600  -0.927  1.00 21.02 ? 11  C   A O2    1 
ATOM   243  N N3    . C   A 1 12 ? -2.173  -5.551  -1.220  1.00 20.77 ? 11  C   A N3    1 
ATOM   244  C C4    . C   A 1 12 ? -1.172  -4.821  -1.708  1.00 20.45 ? 11  C   A C4    1 
ATOM   245  N N4    . C   A 1 12 ? -1.203  -3.503  -1.524  1.00 19.56 ? 11  C   A N4    1 
ATOM   246  C C5    . C   A 1 12 ? -0.083  -5.410  -2.401  1.00 21.40 ? 11  C   A C5    1 
ATOM   247  C C6    . C   A 1 12 ? -0.085  -6.739  -2.543  1.00 21.78 ? 11  C   A C6    1 
ATOM   248  P P     . G   A 1 13 ? -2.125  -9.192  -6.834  1.00 28.56 ? 12  G   A P     1 
ATOM   249  O OP1   . G   A 1 13 ? -2.482  -10.206 -7.859  1.00 30.37 ? 12  G   A OP1   1 
ATOM   250  O OP2   . G   A 1 13 ? -1.390  -7.963  -7.242  1.00 29.22 ? 12  G   A OP2   1 
ATOM   251  O "O5'" . G   A 1 13 ? -3.486  -8.765  -6.126  1.00 28.52 ? 12  G   A "O5'" 1 
ATOM   252  C "C5'" . G   A 1 13 ? -4.464  -9.758  -5.833  1.00 28.51 ? 12  G   A "C5'" 1 
ATOM   253  C "C4'" . G   A 1 13 ? -5.597  -9.175  -5.035  1.00 27.99 ? 12  G   A "C4'" 1 
ATOM   254  O "O4'" . G   A 1 13 ? -5.045  -8.472  -3.891  1.00 27.59 ? 12  G   A "O4'" 1 
ATOM   255  C "C3'" . G   A 1 13 ? -6.436  -8.101  -5.701  1.00 28.47 ? 12  G   A "C3'" 1 
ATOM   256  O "O3'" . G   A 1 13 ? -7.404  -8.662  -6.582  1.00 29.49 ? 12  G   A "O3'" 1 
ATOM   257  C "C2'" . G   A 1 13 ? -7.105  -7.472  -4.487  1.00 28.01 ? 12  G   A "C2'" 1 
ATOM   258  O "O2'" . G   A 1 13 ? -8.126  -8.306  -3.976  1.00 27.97 ? 12  G   A "O2'" 1 
ATOM   259  C "C1'" . G   A 1 13 ? -5.945  -7.454  -3.492  1.00 27.48 ? 12  G   A "C1'" 1 
ATOM   260  N N9    . G   A 1 13 ? -5.251  -6.171  -3.459  1.00 26.46 ? 12  G   A N9    1 
ATOM   261  C C8    . G   A 1 13 ? -4.022  -5.835  -3.988  1.00 26.11 ? 12  G   A C8    1 
ATOM   262  N N7    . G   A 1 13 ? -3.704  -4.584  -3.784  1.00 26.16 ? 12  G   A N7    1 
ATOM   263  C C5    . G   A 1 13 ? -4.789  -4.068  -3.082  1.00 25.91 ? 12  G   A C5    1 
ATOM   264  C C6    . G   A 1 13 ? -5.037  -2.752  -2.578  1.00 25.46 ? 12  G   A C6    1 
ATOM   265  O O6    . G   A 1 13 ? -4.332  -1.738  -2.665  1.00 24.84 ? 12  G   A O6    1 
ATOM   266  N N1    . G   A 1 13 ? -6.261  -2.684  -1.922  1.00 25.39 ? 12  G   A N1    1 
ATOM   267  C C2    . G   A 1 13 ? -7.135  -3.731  -1.775  1.00 25.21 ? 12  G   A C2    1 
ATOM   268  N N2    . G   A 1 13 ? -8.259  -3.475  -1.124  1.00 25.45 ? 12  G   A N2    1 
ATOM   269  N N3    . G   A 1 13 ? -6.923  -4.944  -2.236  1.00 24.93 ? 12  G   A N3    1 
ATOM   270  C C4    . G   A 1 13 ? -5.741  -5.041  -2.873  1.00 25.79 ? 12  G   A C4    1 
ATOM   271  P P     . G   A 1 14 ? -8.009  -7.766  -7.778  1.00 30.78 ? 13  G   A P     1 
ATOM   272  O OP1   . G   A 1 14 ? -8.886  -8.662  -8.583  1.00 31.22 ? 13  G   A OP1   1 
ATOM   273  O OP2   . G   A 1 14 ? -6.904  -7.027  -8.441  1.00 31.26 ? 13  G   A OP2   1 
ATOM   274  O "O5'" . G   A 1 14 ? -8.929  -6.693  -7.039  1.00 30.53 ? 13  G   A "O5'" 1 
ATOM   275  C "C5'" . G   A 1 14 ? -10.116 -7.111  -6.363  1.00 31.39 ? 13  G   A "C5'" 1 
ATOM   276  C "C4'" . G   A 1 14 ? -10.805 -5.941  -5.717  1.00 31.41 ? 13  G   A "C4'" 1 
ATOM   277  O "O4'" . G   A 1 14 ? -9.973  -5.392  -4.660  1.00 31.43 ? 13  G   A "O4'" 1 
ATOM   278  C "C3'" . G   A 1 14 ? -11.040 -4.753  -6.622  1.00 31.87 ? 13  G   A "C3'" 1 
ATOM   279  O "O3'" . G   A 1 14 ? -12.182 -4.933  -7.434  1.00 33.08 ? 13  G   A "O3'" 1 
ATOM   280  C "C2'" . G   A 1 14 ? -11.255 -3.652  -5.599  1.00 31.75 ? 13  G   A "C2'" 1 
ATOM   281  O "O2'" . G   A 1 14 ? -12.521 -3.738  -4.963  1.00 32.55 ? 13  G   A "O2'" 1 
ATOM   282  C "C1'" . G   A 1 14 ? -10.163 -3.987  -4.590  1.00 30.64 ? 13  G   A "C1'" 1 
ATOM   283  N N9    . G   A 1 14 ? -8.916  -3.337  -4.970  1.00 29.78 ? 13  G   A N9    1 
ATOM   284  C C8    . G   A 1 14 ? -7.913  -3.838  -5.769  1.00 29.17 ? 13  G   A C8    1 
ATOM   285  N N7    . G   A 1 14 ? -6.918  -3.006  -5.917  1.00 29.23 ? 13  G   A N7    1 
ATOM   286  C C5    . G   A 1 14 ? -7.289  -1.894  -5.173  1.00 29.18 ? 13  G   A C5    1 
ATOM   287  C C6    . G   A 1 14 ? -6.612  -0.677  -4.948  1.00 29.16 ? 13  G   A C6    1 
ATOM   288  O O6    . G   A 1 14 ? -5.502  -0.327  -5.362  1.00 28.75 ? 13  G   A O6    1 
ATOM   289  N N1    . G   A 1 14 ? -7.352  0.182   -4.144  1.00 28.92 ? 13  G   A N1    1 
ATOM   290  C C2    . G   A 1 14 ? -8.583  -0.102  -3.613  1.00 29.05 ? 13  G   A C2    1 
ATOM   291  N N2    . G   A 1 14 ? -9.136  0.851   -2.853  1.00 28.54 ? 13  G   A N2    1 
ATOM   292  N N3    . G   A 1 14 ? -9.224  -1.240  -3.811  1.00 29.24 ? 13  G   A N3    1 
ATOM   293  C C4    . G   A 1 14 ? -8.523  -2.083  -4.594  1.00 29.38 ? 13  G   A C4    1 
ATOM   294  P P     . U   A 1 15 ? -12.349 -4.041  -8.757  1.00 35.36 ? 14  U   A P     1 
ATOM   295  O OP1   . U   A 1 15 ? -13.645 -4.460  -9.354  1.00 35.64 ? 14  U   A OP1   1 
ATOM   296  O OP2   . U   A 1 15 ? -11.109 -4.145  -9.565  1.00 36.18 ? 14  U   A OP2   1 
ATOM   297  O "O5'" . U   A 1 15 ? -12.454 -2.541  -8.213  1.00 35.36 ? 14  U   A "O5'" 1 
ATOM   298  C "C5'" . U   A 1 15 ? -13.548 -2.148  -7.383  1.00 36.44 ? 14  U   A "C5'" 1 
ATOM   299  C "C4'" . U   A 1 15 ? -13.330 -0.763  -6.825  1.00 36.17 ? 14  U   A "C4'" 1 
ATOM   300  O "O4'" . U   A 1 15 ? -12.096 -0.728  -6.068  1.00 36.03 ? 14  U   A "O4'" 1 
ATOM   301  C "C3'" . U   A 1 15 ? -13.160 0.349   -7.839  1.00 36.40 ? 14  U   A "C3'" 1 
ATOM   302  O "O3'" . U   A 1 15 ? -14.424 0.769   -8.325  1.00 38.27 ? 14  U   A "O3'" 1 
ATOM   303  C "C2'" . U   A 1 15 ? -12.443 1.425   -7.026  1.00 35.72 ? 14  U   A "C2'" 1 
ATOM   304  O "O2'" . U   A 1 15 ? -13.267 2.243   -6.227  1.00 34.71 ? 14  U   A "O2'" 1 
ATOM   305  C "C1'" . U   A 1 15 ? -11.543 0.578   -6.125  1.00 35.47 ? 14  U   A "C1'" 1 
ATOM   306  N N1    . U   A 1 15 ? -10.185 0.484   -6.671  1.00 34.92 ? 14  U   A N1    1 
ATOM   307  C C2    . U   A 1 15 ? -9.332  1.551   -6.450  1.00 34.32 ? 14  U   A C2    1 
ATOM   308  O O2    . U   A 1 15 ? -9.647  2.523   -5.775  1.00 33.17 ? 14  U   A O2    1 
ATOM   309  N N3    . U   A 1 15 ? -8.097  1.438   -7.046  1.00 34.45 ? 14  U   A N3    1 
ATOM   310  C C4    . U   A 1 15 ? -7.640  0.382   -7.816  1.00 35.09 ? 14  U   A C4    1 
ATOM   311  O O4    . U   A 1 15 ? -6.573  0.496   -8.420  1.00 35.61 ? 14  U   A O4    1 
ATOM   312  C C5    . U   A 1 15 ? -8.568  -0.703  -7.958  1.00 35.06 ? 14  U   A C5    1 
ATOM   313  C C6    . U   A 1 15 ? -9.779  -0.616  -7.398  1.00 34.89 ? 14  U   A C6    1 
ATOM   314  P P     . G   A 1 16 ? -14.554 1.313   -9.832  1.00 40.66 ? 15  G   A P     1 
ATOM   315  O OP1   . G   A 1 16 ? -16.012 1.466   -10.104 1.00 40.93 ? 15  G   A OP1   1 
ATOM   316  O OP2   . G   A 1 16 ? -13.733 0.432   -10.707 1.00 41.39 ? 15  G   A OP2   1 
ATOM   317  O "O5'" . G   A 1 16 ? -13.895 2.770   -9.771  1.00 40.30 ? 15  G   A "O5'" 1 
ATOM   318  C "C5'" . G   A 1 16 ? -14.486 3.781   -8.961  1.00 40.31 ? 15  G   A "C5'" 1 
ATOM   319  C "C4'" . G   A 1 16 ? -13.572 4.977   -8.817  1.00 40.65 ? 15  G   A "C4'" 1 
ATOM   320  O "O4'" . G   A 1 16 ? -12.427 4.674   -7.980  1.00 40.17 ? 15  G   A "O4'" 1 
ATOM   321  C "C3'" . G   A 1 16 ? -12.976 5.539   -10.090 1.00 41.50 ? 15  G   A "C3'" 1 
ATOM   322  O "O3'" . G   A 1 16 ? -13.948 6.332   -10.766 1.00 42.62 ? 15  G   A "O3'" 1 
ATOM   323  C "C2'" . G   A 1 16 ? -11.792 6.343   -9.542  1.00 41.03 ? 15  G   A "C2'" 1 
ATOM   324  O "O2'" . G   A 1 16 ? -12.138 7.592   -8.972  1.00 40.60 ? 15  G   A "O2'" 1 
ATOM   325  C "C1'" . G   A 1 16 ? -11.302 5.429   -8.418  1.00 40.02 ? 15  G   A "C1'" 1 
ATOM   326  N N9    . G   A 1 16 ? -10.280 4.485   -8.860  1.00 38.79 ? 15  G   A N9    1 
ATOM   327  C C8    . G   A 1 16 ? -10.486 3.168   -9.181  1.00 38.35 ? 15  G   A C8    1 
ATOM   328  N N7    . G   A 1 16 ? -9.395  2.551   -9.546  1.00 37.95 ? 15  G   A N7    1 
ATOM   329  C C5    . G   A 1 16 ? -8.406  3.518   -9.467  1.00 37.01 ? 15  G   A C5    1 
ATOM   330  C C6    . G   A 1 16 ? -7.032  3.433   -9.756  1.00 36.12 ? 15  G   A C6    1 
ATOM   331  O O6    . G   A 1 16 ? -6.395  2.459   -10.149 1.00 36.01 ? 15  G   A O6    1 
ATOM   332  N N1    . G   A 1 16 ? -6.390  4.644   -9.554  1.00 35.86 ? 15  G   A N1    1 
ATOM   333  C C2    . G   A 1 16 ? -6.996  5.794   -9.125  1.00 36.31 ? 15  G   A C2    1 
ATOM   334  N N2    . G   A 1 16 ? -6.186  6.864   -9.003  1.00 35.51 ? 15  G   A N2    1 
ATOM   335  N N3    . G   A 1 16 ? -8.293  5.890   -8.843  1.00 37.07 ? 15  G   A N3    1 
ATOM   336  C C4    . G   A 1 16 ? -8.932  4.722   -9.039  1.00 37.62 ? 15  G   A C4    1 
ATOM   337  P P     . A   A 1 17 ? -14.366 5.968   -12.288 1.00 43.92 ? 16  A   A P     1 
ATOM   338  O OP1   . A   A 1 17 ? -15.805 6.296   -12.485 1.00 45.15 ? 16  A   A OP1   1 
ATOM   339  O OP2   . A   A 1 17 ? -13.895 4.595   -12.634 1.00 44.46 ? 16  A   A OP2   1 
ATOM   340  O "O5'" . A   A 1 17 ? -13.581 7.067   -13.129 1.00 43.87 ? 16  A   A "O5'" 1 
ATOM   341  C "C5'" . A   A 1 17 ? -13.899 8.433   -12.950 1.00 42.93 ? 16  A   A "C5'" 1 
ATOM   342  C "C4'" . A   A 1 17 ? -13.971 9.121   -14.280 1.00 43.09 ? 16  A   A "C4'" 1 
ATOM   343  O "O4'" . A   A 1 17 ? -14.763 10.329  -14.146 1.00 42.68 ? 16  A   A "O4'" 1 
ATOM   344  C "C3'" . A   A 1 17 ? -12.638 9.586   -14.826 1.00 43.93 ? 16  A   A "C3'" 1 
ATOM   345  O "O3'" . A   A 1 17 ? -11.993 8.558   -15.561 1.00 46.35 ? 16  A   A "O3'" 1 
ATOM   346  C "C2'" . A   A 1 17 ? -13.051 10.764  -15.698 1.00 42.68 ? 16  A   A "C2'" 1 
ATOM   347  O "O2'" . A   A 1 17 ? -13.660 10.322  -16.898 1.00 42.33 ? 16  A   A "O2'" 1 
ATOM   348  C "C1'" . A   A 1 17 ? -14.122 11.401  -14.817 1.00 41.68 ? 16  A   A "C1'" 1 
ATOM   349  N N9    . A   A 1 17 ? -13.643 12.325  -13.786 1.00 39.86 ? 16  A   A N9    1 
ATOM   350  C C8    . A   A 1 17 ? -13.374 12.025  -12.472 1.00 39.24 ? 16  A   A C8    1 
ATOM   351  N N7    . A   A 1 17 ? -13.065 13.068  -11.747 1.00 38.70 ? 16  A   A N7    1 
ATOM   352  C C5    . A   A 1 17 ? -13.111 14.124  -12.644 1.00 38.76 ? 16  A   A C5    1 
ATOM   353  C C6    . A   A 1 17 ? -12.901 15.506  -12.487 1.00 39.21 ? 16  A   A C6    1 
ATOM   354  N N6    . A   A 1 17 ? -12.610 16.083  -11.310 1.00 39.06 ? 16  A   A N6    1 
ATOM   355  N N1    . A   A 1 17 ? -13.012 16.289  -13.591 1.00 38.98 ? 16  A   A N1    1 
ATOM   356  C C2    . A   A 1 17 ? -13.322 15.705  -14.762 1.00 38.63 ? 16  A   A C2    1 
ATOM   357  N N3    . A   A 1 17 ? -13.551 14.419  -15.028 1.00 38.27 ? 16  A   A N3    1 
ATOM   358  C C4    . A   A 1 17 ? -13.434 13.675  -13.913 1.00 38.75 ? 16  A   A C4    1 
ATOM   359  P P     . A   A 1 18 ? -10.405 8.649   -15.827 1.00 47.77 ? 17  A   A P     1 
ATOM   360  O OP1   . A   A 1 18 ? -10.115 7.579   -16.830 1.00 48.31 ? 17  A   A OP1   1 
ATOM   361  O OP2   . A   A 1 18 ? -9.667  8.669   -14.523 1.00 46.98 ? 17  A   A OP2   1 
ATOM   362  O "O5'" . A   A 1 18 ? -10.195 10.039  -16.581 1.00 49.10 ? 17  A   A "O5'" 1 
ATOM   363  C "C5'" . A   A 1 18 ? -10.194 10.068  -17.997 1.00 51.56 ? 17  A   A "C5'" 1 
ATOM   364  C "C4'" . A   A 1 18 ? -9.859  11.443  -18.500 1.00 53.58 ? 17  A   A "C4'" 1 
ATOM   365  O "O4'" . A   A 1 18 ? -10.639 12.402  -17.744 1.00 54.67 ? 17  A   A "O4'" 1 
ATOM   366  C "C3'" . A   A 1 18 ? -8.431  11.971  -18.365 1.00 54.43 ? 17  A   A "C3'" 1 
ATOM   367  O "O3'" . A   A 1 18 ? -7.606  11.528  -19.454 1.00 54.85 ? 17  A   A "O3'" 1 
ATOM   368  C "C2'" . A   A 1 18 ? -8.685  13.467  -18.573 1.00 55.20 ? 17  A   A "C2'" 1 
ATOM   369  O "O2'" . A   A 1 18 ? -8.953  13.793  -19.932 1.00 55.24 ? 17  A   A "O2'" 1 
ATOM   370  C "C1'" . A   A 1 18 ? -10.008 13.669  -17.824 1.00 55.51 ? 17  A   A "C1'" 1 
ATOM   371  N N9    . A   A 1 18 ? -9.837  14.221  -16.478 1.00 56.66 ? 17  A   A N9    1 
ATOM   372  C C8    . A   A 1 18 ? -9.350  13.623  -15.338 1.00 56.91 ? 17  A   A C8    1 
ATOM   373  N N7    . A   A 1 18 ? -9.269  14.436  -14.308 1.00 57.48 ? 17  A   A N7    1 
ATOM   374  C C5    . A   A 1 18 ? -9.746  15.644  -14.799 1.00 58.17 ? 17  A   A C5    1 
ATOM   375  C C6    . A   A 1 18 ? -9.931  16.908  -14.195 1.00 59.13 ? 17  A   A C6    1 
ATOM   376  N N6    . A   A 1 18 ? -9.592  17.175  -12.921 1.00 59.73 ? 17  A   A N6    1 
ATOM   377  N N1    . A   A 1 18 ? -10.475 17.900  -14.957 1.00 59.23 ? 17  A   A N1    1 
ATOM   378  C C2    . A   A 1 18 ? -10.793 17.623  -16.239 1.00 59.03 ? 17  A   A C2    1 
ATOM   379  N N3    . A   A 1 18 ? -10.650 16.472  -16.919 1.00 58.54 ? 17  A   A N3    1 
ATOM   380  C C4    . A   A 1 18 ? -10.118 15.519  -16.129 1.00 57.70 ? 17  A   A C4    1 
ATOM   381  P P     . G   A 1 19 ? -6.376  10.497  -19.212 1.00 54.66 ? 18  G   A P     1 
ATOM   382  O OP1   . G   A 1 19 ? -5.629  10.523  -20.504 1.00 54.99 ? 18  G   A OP1   1 
ATOM   383  O OP2   . G   A 1 19 ? -6.894  9.190   -18.687 1.00 55.45 ? 18  G   A OP2   1 
ATOM   384  O "O5'" . G   A 1 19 ? -5.421  11.157  -18.115 1.00 53.01 ? 18  G   A "O5'" 1 
ATOM   385  C "C5'" . G   A 1 19 ? -4.561  12.255  -18.444 1.00 51.38 ? 18  G   A "C5'" 1 
ATOM   386  C "C4'" . G   A 1 19 ? -3.104  11.915  -18.160 1.00 49.92 ? 18  G   A "C4'" 1 
ATOM   387  O "O4'" . G   A 1 19 ? -2.960  11.376  -16.811 1.00 49.58 ? 18  G   A "O4'" 1 
ATOM   388  C "C3'" . G   A 1 19 ? -2.467  10.871  -19.064 1.00 49.34 ? 18  G   A "C3'" 1 
ATOM   389  O "O3'" . G   A 1 19 ? -1.945  11.486  -20.236 1.00 48.64 ? 18  G   A "O3'" 1 
ATOM   390  C "C2'" . G   A 1 19 ? -1.343  10.329  -18.188 1.00 49.05 ? 18  G   A "C2'" 1 
ATOM   391  O "O2'" . G   A 1 19 ? -0.204  11.171  -18.163 1.00 49.19 ? 18  G   A "O2'" 1 
ATOM   392  C "C1'" . G   A 1 19 ? -2.019  10.314  -16.815 1.00 48.71 ? 18  G   A "C1'" 1 
ATOM   393  N N9    . G   A 1 19 ? -2.749  9.069   -16.628 1.00 47.78 ? 18  G   A N9    1 
ATOM   394  C C8    . G   A 1 19 ? -4.115  8.903   -16.601 1.00 47.61 ? 18  G   A C8    1 
ATOM   395  N N7    . G   A 1 19 ? -4.474  7.651   -16.482 1.00 47.74 ? 18  G   A N7    1 
ATOM   396  C C5    . G   A 1 19 ? -3.275  6.952   -16.426 1.00 47.62 ? 18  G   A C5    1 
ATOM   397  C C6    . G   A 1 19 ? -3.021  5.561   -16.315 1.00 47.08 ? 18  G   A C6    1 
ATOM   398  O O6    . G   A 1 19 ? -3.826  4.637   -16.262 1.00 46.97 ? 18  G   A O6    1 
ATOM   399  N N1    . G   A 1 19 ? -1.659  5.290   -16.263 1.00 46.82 ? 18  G   A N1    1 
ATOM   400  C C2    . G   A 1 19 ? -0.663  6.231   -16.313 1.00 47.40 ? 18  G   A C2    1 
ATOM   401  N N2    . G   A 1 19 ? 0.598   5.766   -16.205 1.00 47.63 ? 18  G   A N2    1 
ATOM   402  N N3    . G   A 1 19 ? -0.882  7.531   -16.445 1.00 47.25 ? 18  G   A N3    1 
ATOM   403  C C4    . G   A 1 19 ? -2.201  7.818   -16.490 1.00 47.58 ? 18  G   A C4    1 
ATOM   404  P P     . U   A 1 20 ? -1.761  10.617  -21.583 1.00 47.91 ? 19  U   A P     1 
ATOM   405  O OP1   . U   A 1 20 ? -1.402  11.599  -22.634 1.00 47.95 ? 19  U   A OP1   1 
ATOM   406  O OP2   . U   A 1 20 ? -2.946  9.722   -21.784 1.00 47.94 ? 19  U   A OP2   1 
ATOM   407  O "O5'" . U   A 1 20 ? -0.486  9.699   -21.288 1.00 47.83 ? 19  U   A "O5'" 1 
ATOM   408  C "C5'" . U   A 1 20 ? 0.770   10.283  -20.965 1.00 47.82 ? 19  U   A "C5'" 1 
ATOM   409  C "C4'" . U   A 1 20 ? 1.806   9.208   -20.720 1.00 47.95 ? 19  U   A "C4'" 1 
ATOM   410  O "O4'" . U   A 1 20 ? 1.466   8.432   -19.532 1.00 48.21 ? 19  U   A "O4'" 1 
ATOM   411  C "C3'" . U   A 1 20 ? 1.949   8.151   -21.804 1.00 47.81 ? 19  U   A "C3'" 1 
ATOM   412  O "O3'" . U   A 1 20 ? 2.761   8.599   -22.873 1.00 48.44 ? 19  U   A "O3'" 1 
ATOM   413  C "C2'" . U   A 1 20 ? 2.619   7.017   -21.042 1.00 47.30 ? 19  U   A "C2'" 1 
ATOM   414  O "O2'" . U   A 1 20 ? 3.990   7.292   -20.804 1.00 46.34 ? 19  U   A "O2'" 1 
ATOM   415  C "C1'" . U   A 1 20 ? 1.846   7.070   -19.723 1.00 47.38 ? 19  U   A "C1'" 1 
ATOM   416  N N1    . U   A 1 20 ? 0.617   6.264   -19.769 1.00 47.03 ? 19  U   A N1    1 
ATOM   417  C C2    . U   A 1 20 ? 0.735   4.897   -19.623 1.00 46.65 ? 19  U   A C2    1 
ATOM   418  O O2    . U   A 1 20 ? 1.810   4.331   -19.507 1.00 46.81 ? 19  U   A O2    1 
ATOM   419  N N3    . U   A 1 20 ? -0.454  4.213   -19.627 1.00 46.24 ? 19  U   A N3    1 
ATOM   420  C C4    . U   A 1 20 ? -1.721  4.748   -19.768 1.00 46.41 ? 19  U   A C4    1 
ATOM   421  O O4    . U   A 1 20 ? -2.701  4.011   -19.664 1.00 46.74 ? 19  U   A O4    1 
ATOM   422  C C5    . U   A 1 20 ? -1.758  6.162   -19.947 1.00 46.75 ? 19  U   A C5    1 
ATOM   423  C C6    . U   A 1 20 ? -0.618  6.856   -19.939 1.00 47.38 ? 19  U   A C6    1 
ATOM   424  P P     . C   A 1 21 ? 2.508   8.015   -24.346 1.00 49.34 ? 20  C   A P     1 
ATOM   425  O OP1   . C   A 1 21 ? 3.417   8.793   -25.225 1.00 49.22 ? 20  C   A OP1   1 
ATOM   426  O OP2   . C   A 1 21 ? 1.044   8.018   -24.618 1.00 48.86 ? 20  C   A OP2   1 
ATOM   427  O "O5'" . C   A 1 21 ? 2.974   6.485   -24.240 1.00 49.53 ? 20  C   A "O5'" 1 
ATOM   428  C "C5'" . C   A 1 21 ? 4.347   6.144   -24.069 1.00 49.56 ? 20  C   A "C5'" 1 
ATOM   429  C "C4'" . C   A 1 21 ? 4.523   4.641   -23.976 1.00 49.96 ? 20  C   A "C4'" 1 
ATOM   430  O "O4'" . C   A 1 21 ? 3.818   4.126   -22.813 1.00 50.09 ? 20  C   A "O4'" 1 
ATOM   431  C "C3'" . C   A 1 21 ? 3.979   3.795   -25.112 1.00 50.13 ? 20  C   A "C3'" 1 
ATOM   432  O "O3'" . C   A 1 21 ? 4.860   3.739   -26.217 1.00 50.50 ? 20  C   A "O3'" 1 
ATOM   433  C "C2'" . C   A 1 21 ? 3.869   2.417   -24.470 1.00 49.95 ? 20  C   A "C2'" 1 
ATOM   434  O "O2'" . C   A 1 21 ? 5.104   1.732   -24.424 1.00 49.13 ? 20  C   A "O2'" 1 
ATOM   435  C "C1'" . C   A 1 21 ? 3.412   2.777   -23.056 1.00 50.07 ? 20  C   A "C1'" 1 
ATOM   436  N N1    . C   A 1 21 ? 1.942   2.688   -22.931 1.00 50.32 ? 20  C   A N1    1 
ATOM   437  C C2    . C   A 1 21 ? 1.359   1.441   -22.659 1.00 50.35 ? 20  C   A C2    1 
ATOM   438  O O2    . C   A 1 21 ? 2.089   0.448   -22.542 1.00 51.02 ? 20  C   A O2    1 
ATOM   439  N N3    . C   A 1 21 ? 0.016   1.355   -22.536 1.00 49.99 ? 20  C   A N3    1 
ATOM   440  C C4    . C   A 1 21 ? -0.741  2.449   -22.674 1.00 49.95 ? 20  C   A C4    1 
ATOM   441  N N4    . C   A 1 21 ? -2.065  2.317   -22.537 1.00 49.87 ? 20  C   A N4    1 
ATOM   442  C C5    . C   A 1 21 ? -0.175  3.729   -22.959 1.00 49.87 ? 20  C   A C5    1 
ATOM   443  C C6    . C   A 1 21 ? 1.157   3.801   -23.081 1.00 50.13 ? 20  C   A C6    1 
ATOM   444  P P     . G   A 1 22 ? 4.245   3.622   -27.704 1.00 51.43 ? 21  G   A P     1 
ATOM   445  O OP1   . G   A 1 22 ? 5.404   3.806   -28.634 1.00 51.47 ? 21  G   A OP1   1 
ATOM   446  O OP2   . G   A 1 22 ? 3.075   4.563   -27.798 1.00 50.85 ? 21  G   A OP2   1 
ATOM   447  O "O5'" . G   A 1 22 ? 3.718   2.113   -27.787 1.00 49.59 ? 21  G   A "O5'" 1 
ATOM   448  C "C5'" . G   A 1 22 ? 4.641   1.039   -27.736 1.00 48.63 ? 21  G   A "C5'" 1 
ATOM   449  C "C4'" . G   A 1 22 ? 3.952   -0.267  -27.385 1.00 47.92 ? 21  G   A "C4'" 1 
ATOM   450  O "O4'" . G   A 1 22 ? 3.334   -0.177  -26.071 1.00 47.44 ? 21  G   A "O4'" 1 
ATOM   451  C "C3'" . G   A 1 22 ? 2.815   -0.771  -28.266 1.00 47.13 ? 21  G   A "C3'" 1 
ATOM   452  O "O3'" . G   A 1 22 ? 3.292   -1.361  -29.466 1.00 46.83 ? 21  G   A "O3'" 1 
ATOM   453  C "C2'" . G   A 1 22 ? 2.169   -1.808  -27.352 1.00 46.53 ? 21  G   A "C2'" 1 
ATOM   454  O "O2'" . G   A 1 22 ? 2.898   -3.018  -27.275 1.00 45.42 ? 21  G   A "O2'" 1 
ATOM   455  C "C1'" . G   A 1 22 ? 2.225   -1.072  -26.011 1.00 46.24 ? 21  G   A "C1'" 1 
ATOM   456  N N9    . G   A 1 22 ? 1.002   -0.289  -25.864 1.00 45.14 ? 21  G   A N9    1 
ATOM   457  C C8    . G   A 1 22 ? 0.850   1.079   -25.931 1.00 44.44 ? 21  G   A C8    1 
ATOM   458  N N7    . G   A 1 22 ? -0.396  1.461   -25.823 1.00 43.76 ? 21  G   A N7    1 
ATOM   459  C C5    . G   A 1 22 ? -1.102  0.275   -25.667 1.00 43.91 ? 21  G   A C5    1 
ATOM   460  C C6    . G   A 1 22 ? -2.490  0.046   -25.518 1.00 43.26 ? 21  G   A C6    1 
ATOM   461  O O6    . G   A 1 22 ? -3.405  0.878   -25.502 1.00 42.73 ? 21  G   A O6    1 
ATOM   462  N N1    . G   A 1 22 ? -2.777  -1.317  -25.388 1.00 42.84 ? 21  G   A N1    1 
ATOM   463  C C2    . G   A 1 22 ? -1.841  -2.328  -25.416 1.00 43.14 ? 21  G   A C2    1 
ATOM   464  N N2    . G   A 1 22 ? -2.308  -3.586  -25.299 1.00 42.79 ? 21  G   A N2    1 
ATOM   465  N N3    . G   A 1 22 ? -0.543  -2.125  -25.555 1.00 43.51 ? 21  G   A N3    1 
ATOM   466  C C4    . G   A 1 22 ? -0.248  -0.811  -25.675 1.00 44.37 ? 21  G   A C4    1 
ATOM   467  P P     . C   A 1 23 ? 2.329   -1.428  -30.755 1.00 46.06 ? 22  C   A P     1 
ATOM   468  O OP1   . C   A 1 23 ? 3.130   -2.012  -31.869 1.00 46.72 ? 22  C   A OP1   1 
ATOM   469  O OP2   . C   A 1 23 ? 1.641   -0.115  -30.958 1.00 45.41 ? 22  C   A OP2   1 
ATOM   470  O "O5'" . C   A 1 23 ? 1.282   -2.558  -30.355 1.00 45.12 ? 22  C   A "O5'" 1 
ATOM   471  C "C5'" . C   A 1 23 ? 1.693   -3.914  -30.317 1.00 43.99 ? 22  C   A "C5'" 1 
ATOM   472  C "C4'" . C   A 1 23 ? 0.536   -4.796  -29.948 1.00 43.35 ? 22  C   A "C4'" 1 
ATOM   473  O "O4'" . C   A 1 23 ? -0.025  -4.325  -28.693 1.00 43.21 ? 22  C   A "O4'" 1 
ATOM   474  C "C3'" . C   A 1 23 ? -0.673  -4.771  -30.864 1.00 42.86 ? 22  C   A "C3'" 1 
ATOM   475  O "O3'" . C   A 1 23 ? -0.534  -5.377  -32.143 1.00 44.01 ? 22  C   A "O3'" 1 
ATOM   476  C "C2'" . C   A 1 23 ? -1.713  -5.382  -29.946 1.00 42.67 ? 22  C   A "C2'" 1 
ATOM   477  O "O2'" . C   A 1 23 ? -1.425  -6.742  -29.684 1.00 42.29 ? 22  C   A "O2'" 1 
ATOM   478  C "C1'" . C   A 1 23 ? -1.420  -4.602  -28.667 1.00 42.90 ? 22  C   A "C1'" 1 
ATOM   479  N N1    . C   A 1 23 ? -2.146  -3.322  -28.646 1.00 42.15 ? 22  C   A N1    1 
ATOM   480  C C2    . C   A 1 23 ? -3.537  -3.356  -28.566 1.00 41.41 ? 22  C   A C2    1 
ATOM   481  O O2    . C   A 1 23 ? -4.102  -4.458  -28.478 1.00 40.60 ? 22  C   A O2    1 
ATOM   482  N N3    . C   A 1 23 ? -4.229  -2.193  -28.580 1.00 41.08 ? 22  C   A N3    1 
ATOM   483  C C4    . C   A 1 23 ? -3.576  -1.029  -28.652 1.00 41.02 ? 22  C   A C4    1 
ATOM   484  N N4    . C   A 1 23 ? -4.301  0.096   -28.658 1.00 40.75 ? 22  C   A N4    1 
ATOM   485  C C5    . C   A 1 23 ? -2.149  -0.966  -28.718 1.00 41.13 ? 22  C   A C5    1 
ATOM   486  C C6    . C   A 1 23 ? -1.481  -2.128  -28.713 1.00 41.77 ? 22  C   A C6    1 
ATOM   487  O "O5'" . G   B 1 3  ? -13.669 -0.459  -24.683 1.00 40.26 ? 25  G   B "O5'" 1 
ATOM   488  C "C5'" . G   B 1 3  ? -14.340 -1.734  -24.559 1.00 41.36 ? 25  G   B "C5'" 1 
ATOM   489  C "C4'" . G   B 1 3  ? -13.582 -2.942  -25.100 1.00 41.07 ? 25  G   B "C4'" 1 
ATOM   490  O "O4'" . G   B 1 3  ? -13.167 -2.695  -26.470 1.00 40.32 ? 25  G   B "O4'" 1 
ATOM   491  C "C3'" . G   B 1 3  ? -12.327 -3.382  -24.337 1.00 41.03 ? 25  G   B "C3'" 1 
ATOM   492  O "O3'" . G   B 1 3  ? -12.680 -4.419  -23.418 1.00 43.13 ? 25  G   B "O3'" 1 
ATOM   493  C "C2'" . G   B 1 3  ? -11.460 -4.003  -25.428 1.00 39.71 ? 25  G   B "C2'" 1 
ATOM   494  O "O2'" . G   B 1 3  ? -11.772 -5.372  -25.624 1.00 38.25 ? 25  G   B "O2'" 1 
ATOM   495  C "C1'" . G   B 1 3  ? -11.847 -3.172  -26.660 1.00 38.79 ? 25  G   B "C1'" 1 
ATOM   496  N N9    . G   B 1 3  ? -10.988 -2.011  -26.851 1.00 37.05 ? 25  G   B N9    1 
ATOM   497  C C8    . G   B 1 3  ? -11.340 -0.681  -26.765 1.00 37.00 ? 25  G   B C8    1 
ATOM   498  N N7    . G   B 1 3  ? -10.335 0.133   -26.954 1.00 36.37 ? 25  G   B N7    1 
ATOM   499  C C5    . G   B 1 3  ? -9.256  -0.713  -27.179 1.00 35.87 ? 25  G   B C5    1 
ATOM   500  C C6    . G   B 1 3  ? -7.893  -0.416  -27.431 1.00 34.72 ? 25  G   B C6    1 
ATOM   501  O O6    . G   B 1 3  ? -7.348  0.695   -27.494 1.00 33.35 ? 25  G   B O6    1 
ATOM   502  N N1    . G   B 1 3  ? -7.144  -1.581  -27.620 1.00 33.25 ? 25  G   B N1    1 
ATOM   503  C C2    . G   B 1 3  ? -7.648  -2.859  -27.570 1.00 33.44 ? 25  G   B C2    1 
ATOM   504  N N2    . G   B 1 3  ? -6.783  -3.849  -27.796 1.00 33.87 ? 25  G   B N2    1 
ATOM   505  N N3    . G   B 1 3  ? -8.911  -3.146  -27.321 1.00 34.34 ? 25  G   B N3    1 
ATOM   506  C C4    . G   B 1 3  ? -9.652  -2.037  -27.136 1.00 35.79 ? 25  G   B C4    1 
ATOM   507  P P     . C   B 1 4  ? -11.785 -4.686  -22.099 1.00 45.31 ? 26  C   B P     1 
ATOM   508  O OP1   . C   B 1 4  ? -12.460 -5.814  -21.384 1.00 44.79 ? 26  C   B OP1   1 
ATOM   509  O OP2   . C   B 1 4  ? -11.574 -3.390  -21.392 1.00 45.68 ? 26  C   B OP2   1 
ATOM   510  O "O5'" . C   B 1 4  ? -10.388 -5.236  -22.642 1.00 45.22 ? 26  C   B "O5'" 1 
ATOM   511  C "C5'" . C   B 1 4  ? -10.277 -6.590  -23.088 1.00 45.77 ? 26  C   B "C5'" 1 
ATOM   512  C "C4'" . C   B 1 4  ? -8.839  -6.941  -23.410 1.00 45.47 ? 26  C   B "C4'" 1 
ATOM   513  O "O4'" . C   B 1 4  ? -8.376  -6.090  -24.491 1.00 45.08 ? 26  C   B "O4'" 1 
ATOM   514  C "C3'" . C   B 1 4  ? -7.806  -6.735  -22.312 1.00 45.53 ? 26  C   B "C3'" 1 
ATOM   515  O "O3'" . C   B 1 4  ? -7.741  -7.851  -21.418 1.00 46.66 ? 26  C   B "O3'" 1 
ATOM   516  C "C2'" . C   B 1 4  ? -6.501  -6.606  -23.104 1.00 44.80 ? 26  C   B "C2'" 1 
ATOM   517  O "O2'" . C   B 1 4  ? -5.886  -7.845  -23.424 1.00 44.14 ? 26  C   B "O2'" 1 
ATOM   518  C "C1'" . C   B 1 4  ? -6.975  -5.928  -24.394 1.00 44.05 ? 26  C   B "C1'" 1 
ATOM   519  N N1    . C   B 1 4  ? -6.677  -4.501  -24.431 1.00 42.75 ? 26  C   B N1    1 
ATOM   520  C C2    . C   B 1 4  ? -5.351  -4.100  -24.612 1.00 42.71 ? 26  C   B C2    1 
ATOM   521  O O2    . C   B 1 4  ? -4.463  -4.975  -24.731 1.00 41.67 ? 26  C   B O2    1 
ATOM   522  N N3    . C   B 1 4  ? -5.065  -2.774  -24.646 1.00 42.90 ? 26  C   B N3    1 
ATOM   523  C C4    . C   B 1 4  ? -6.044  -1.875  -24.502 1.00 43.02 ? 26  C   B C4    1 
ATOM   524  N N4    . C   B 1 4  ? -5.715  -0.581  -24.527 1.00 43.37 ? 26  C   B N4    1 
ATOM   525  C C5    . C   B 1 4  ? -7.404  -2.264  -24.320 1.00 42.50 ? 26  C   B C5    1 
ATOM   526  C C6    . C   B 1 4  ? -7.671  -3.575  -24.290 1.00 42.30 ? 26  C   B C6    1 
ATOM   527  P P     . G   B 1 5  ? -7.120  -7.649  -19.939 1.00 47.03 ? 27  G   B P     1 
ATOM   528  O OP1   . G   B 1 5  ? -7.183  -8.940  -19.202 1.00 46.78 ? 27  G   B OP1   1 
ATOM   529  O OP2   . G   B 1 5  ? -7.818  -6.444  -19.385 1.00 47.22 ? 27  G   B OP2   1 
ATOM   530  O "O5'" . G   B 1 5  ? -5.579  -7.287  -20.179 1.00 46.31 ? 27  G   B "O5'" 1 
ATOM   531  C "C5'" . G   B 1 5  ? -4.644  -8.281  -20.587 1.00 44.90 ? 27  G   B "C5'" 1 
ATOM   532  C "C4'" . G   B 1 5  ? -3.291  -7.662  -20.883 1.00 44.45 ? 27  G   B "C4'" 1 
ATOM   533  O "O4'" . G   B 1 5  ? -3.400  -6.682  -21.955 1.00 43.55 ? 27  G   B "O4'" 1 
ATOM   534  C "C3'" . G   B 1 5  ? -2.628  -6.848  -19.785 1.00 44.76 ? 27  G   B "C3'" 1 
ATOM   535  O "O3'" . G   B 1 5  ? -1.996  -7.654  -18.792 1.00 46.00 ? 27  G   B "O3'" 1 
ATOM   536  C "C2'" . G   B 1 5  ? -1.573  -6.072  -20.567 1.00 44.18 ? 27  G   B "C2'" 1 
ATOM   537  O "O2'" . G   B 1 5  ? -0.405  -6.829  -20.821 1.00 45.93 ? 27  G   B "O2'" 1 
ATOM   538  C "C1'" . G   B 1 5  ? -2.290  -5.792  -21.884 1.00 42.79 ? 27  G   B "C1'" 1 
ATOM   539  N N9    . G   B 1 5  ? -2.754  -4.414  -21.942 1.00 40.83 ? 27  G   B N9    1 
ATOM   540  C C8    . G   B 1 5  ? -4.045  -3.957  -21.864 1.00 40.09 ? 27  G   B C8    1 
ATOM   541  N N7    . G   B 1 5  ? -4.136  -2.657  -21.936 1.00 38.63 ? 27  G   B N7    1 
ATOM   542  C C5    . G   B 1 5  ? -2.822  -2.231  -22.067 1.00 39.03 ? 27  G   B C5    1 
ATOM   543  C C6    . G   B 1 5  ? -2.287  -0.921  -22.178 1.00 39.01 ? 27  G   B C6    1 
ATOM   544  O O6    . G   B 1 5  ? -2.881  0.157   -22.182 1.00 40.32 ? 27  G   B O6    1 
ATOM   545  N N1    . G   B 1 5  ? -0.903  -0.941  -22.289 1.00 38.56 ? 27  G   B N1    1 
ATOM   546  C C2    . G   B 1 5  ? -0.126  -2.070  -22.290 1.00 38.58 ? 27  G   B C2    1 
ATOM   547  N N2    . G   B 1 5  ? 1.190   -1.874  -22.411 1.00 38.34 ? 27  G   B N2    1 
ATOM   548  N N3    . G   B 1 5  ? -0.608  -3.300  -22.184 1.00 39.13 ? 27  G   B N3    1 
ATOM   549  C C4    . G   B 1 5  ? -1.958  -3.303  -22.075 1.00 39.67 ? 27  G   B C4    1 
ATOM   550  P P     . U   B 1 6  ? -2.104  -7.212  -17.251 1.00 47.00 ? 28  U   B P     1 
ATOM   551  O OP1   . U   B 1 6  ? -1.977  -8.400  -16.346 1.00 45.69 ? 28  U   B OP1   1 
ATOM   552  O OP2   . U   B 1 6  ? -3.360  -6.393  -17.255 1.00 46.97 ? 28  U   B OP2   1 
ATOM   553  O "O5'" . U   B 1 6  ? -0.870  -6.231  -16.992 1.00 45.98 ? 28  U   B "O5'" 1 
ATOM   554  C "C5'" . U   B 1 6  ? -0.689  -5.086  -17.803 1.00 44.90 ? 28  U   B "C5'" 1 
ATOM   555  C "C4'" . U   B 1 6  ? 0.765   -4.714  -17.873 1.00 44.38 ? 28  U   B "C4'" 1 
ATOM   556  O "O4'" . U   B 1 6  ? 0.971   -3.919  -19.070 1.00 44.12 ? 28  U   B "O4'" 1 
ATOM   557  C "C3'" . U   B 1 6  ? 1.242   -3.853  -16.719 1.00 44.74 ? 28  U   B "C3'" 1 
ATOM   558  O "O3'" . U   B 1 6  ? 1.746   -4.636  -15.640 1.00 45.30 ? 28  U   B "O3'" 1 
ATOM   559  C "C2'" . U   B 1 6  ? 2.325   -3.003  -17.369 1.00 44.58 ? 28  U   B "C2'" 1 
ATOM   560  O "O2'" . U   B 1 6  ? 3.536   -3.729  -17.510 1.00 45.20 ? 28  U   B "O2'" 1 
ATOM   561  C "C1'" . U   B 1 6  ? 1.726   -2.765  -18.761 1.00 43.94 ? 28  U   B "C1'" 1 
ATOM   562  N N1    . U   B 1 6  ? 0.821   -1.613  -18.898 1.00 42.97 ? 28  U   B N1    1 
ATOM   563  C C2    . U   B 1 6  ? 1.367   -0.360  -19.133 1.00 42.91 ? 28  U   B C2    1 
ATOM   564  O O2    . U   B 1 6  ? 2.572   -0.140  -19.162 1.00 41.78 ? 28  U   B O2    1 
ATOM   565  N N3    . U   B 1 6  ? 0.446   0.635   -19.331 1.00 43.13 ? 28  U   B N3    1 
ATOM   566  C C4    . U   B 1 6  ? -0.928  0.511   -19.307 1.00 42.98 ? 28  U   B C4    1 
ATOM   567  O O4    . U   B 1 6  ? -1.628  1.490   -19.598 1.00 43.32 ? 28  U   B O4    1 
ATOM   568  C C5    . U   B 1 6  ? -1.404  -0.806  -19.011 1.00 42.52 ? 28  U   B C5    1 
ATOM   569  C C6    . U   B 1 6  ? -0.540  -1.791  -18.822 1.00 42.15 ? 28  U   B C6    1 
ATOM   570  P P     . C   B 1 7  ? 1.894   -3.959  -14.185 1.00 44.67 ? 29  C   B P     1 
ATOM   571  O OP1   . C   B 1 7  ? 2.321   -4.961  -13.169 1.00 44.84 ? 29  C   B OP1   1 
ATOM   572  O OP2   . C   B 1 7  ? 0.651   -3.168  -13.963 1.00 45.03 ? 29  C   B OP2   1 
ATOM   573  O "O5'" . C   B 1 7  ? 3.072   -2.910  -14.365 1.00 43.09 ? 29  C   B "O5'" 1 
ATOM   574  C "C5'" . C   B 1 7  ? 3.112   -1.775  -13.541 1.00 42.22 ? 29  C   B "C5'" 1 
ATOM   575  C "C4'" . C   B 1 7  ? 3.721   -0.620  -14.277 1.00 41.45 ? 29  C   B "C4'" 1 
ATOM   576  O "O4'" . C   B 1 7  ? 3.097   -0.456  -15.575 1.00 40.83 ? 29  C   B "O4'" 1 
ATOM   577  C "C3'" . C   B 1 7  ? 3.442   0.680   -13.561 1.00 41.47 ? 29  C   B "C3'" 1 
ATOM   578  O "O3'" . C   B 1 7  ? 4.355   0.870   -12.502 1.00 42.48 ? 29  C   B "O3'" 1 
ATOM   579  C "C2'" . C   B 1 7  ? 3.512   1.712   -14.673 1.00 40.90 ? 29  C   B "C2'" 1 
ATOM   580  O "O2'" . C   B 1 7  ? 4.808   2.153   -15.004 1.00 41.29 ? 29  C   B "O2'" 1 
ATOM   581  C "C1'" . C   B 1 7  ? 2.893   0.930   -15.831 1.00 40.53 ? 29  C   B "C1'" 1 
ATOM   582  N N1    . C   B 1 7  ? 1.449   1.167   -15.889 1.00 39.57 ? 29  C   B N1    1 
ATOM   583  C C2    . C   B 1 7  ? 0.989   2.464   -16.128 1.00 38.73 ? 29  C   B C2    1 
ATOM   584  O O2    . C   B 1 7  ? 1.819   3.379   -16.279 1.00 37.25 ? 29  C   B O2    1 
ATOM   585  N N3    . C   B 1 7  ? -0.348  2.683   -16.179 1.00 38.92 ? 29  C   B N3    1 
ATOM   586  C C4    . C   B 1 7  ? -1.205  1.665   -15.996 1.00 38.94 ? 29  C   B C4    1 
ATOM   587  N N4    . C   B 1 7  ? -2.512  1.933   -16.041 1.00 39.30 ? 29  C   B N4    1 
ATOM   588  C C5    . C   B 1 7  ? -0.758  0.334   -15.755 1.00 38.79 ? 29  C   B C5    1 
ATOM   589  C C6    . C   B 1 7  ? 0.564   0.133   -15.710 1.00 39.35 ? 29  C   B C6    1 
ATOM   590  P P     . A   B 1 8  ? 3.790   1.236   -11.050 1.00 43.57 ? 30  A   B P     1 
ATOM   591  O OP1   . A   B 1 8  ? 4.931   1.141   -10.083 1.00 43.37 ? 30  A   B OP1   1 
ATOM   592  O OP2   . A   B 1 8  ? 2.563   0.406   -10.837 1.00 43.13 ? 30  A   B OP2   1 
ATOM   593  O "O5'" . A   B 1 8  ? 3.390   2.772   -11.217 1.00 42.85 ? 30  A   B "O5'" 1 
ATOM   594  C "C5'" . A   B 1 8  ? 4.338   3.674   -11.756 1.00 42.88 ? 30  A   B "C5'" 1 
ATOM   595  C "C4'" . A   B 1 8  ? 3.677   4.965   -12.141 1.00 42.70 ? 30  A   B "C4'" 1 
ATOM   596  O "O4'" . A   B 1 8  ? 2.740   4.752   -13.224 1.00 42.88 ? 30  A   B "O4'" 1 
ATOM   597  C "C3'" . A   B 1 8  ? 2.830   5.605   -11.065 1.00 42.75 ? 30  A   B "C3'" 1 
ATOM   598  O "O3'" . A   B 1 8  ? 3.674   6.275   -10.151 1.00 42.49 ? 30  A   B "O3'" 1 
ATOM   599  C "C2'" . A   B 1 8  ? 1.943   6.547   -11.873 1.00 43.11 ? 30  A   B "C2'" 1 
ATOM   600  O "O2'" . A   B 1 8  ? 2.582   7.756   -12.236 1.00 43.19 ? 30  A   B "O2'" 1 
ATOM   601  C "C1'" . A   B 1 8  ? 1.686   5.706   -13.130 1.00 42.64 ? 30  A   B "C1'" 1 
ATOM   602  N N9    . A   B 1 8  ? 0.428   4.973   -13.052 1.00 41.43 ? 30  A   B N9    1 
ATOM   603  C C8    . A   B 1 8  ? 0.250   3.623   -12.874 1.00 41.25 ? 30  A   B C8    1 
ATOM   604  N N7    . A   B 1 8  ? -1.004  3.258   -12.832 1.00 40.83 ? 30  A   B N7    1 
ATOM   605  C C5    . A   B 1 8  ? -1.702  4.446   -12.994 1.00 40.66 ? 30  A   B C5    1 
ATOM   606  C C6    . A   B 1 8  ? -3.079  4.733   -13.030 1.00 41.06 ? 30  A   B C6    1 
ATOM   607  N N6    . A   B 1 8  ? -4.035  3.796   -12.899 1.00 40.76 ? 30  A   B N6    1 
ATOM   608  N N1    . A   B 1 8  ? -3.444  6.029   -13.203 1.00 41.45 ? 30  A   B N1    1 
ATOM   609  C C2    . A   B 1 8  ? -2.475  6.957   -13.320 1.00 41.07 ? 30  A   B C2    1 
ATOM   610  N N3    . A   B 1 8  ? -1.148  6.801   -13.301 1.00 40.45 ? 30  A   B N3    1 
ATOM   611  C C4    . A   B 1 8  ? -0.830  5.509   -13.133 1.00 40.55 ? 30  A   B C4    1 
ATOM   612  P P     . C   B 1 9  ? 3.482   6.023   -8.581  1.00 42.20 ? 31  C   B P     1 
ATOM   613  O OP1   . C   B 1 9  ? 4.653   6.633   -7.893  1.00 42.40 ? 31  C   B OP1   1 
ATOM   614  O OP2   . C   B 1 9  ? 3.170   4.578   -8.363  1.00 41.35 ? 31  C   B OP2   1 
ATOM   615  O "O5'" . C   B 1 9  ? 2.196   6.913   -8.280  1.00 42.25 ? 31  C   B "O5'" 1 
ATOM   616  C "C5'" . C   B 1 9  ? 2.176   8.298   -8.626  1.00 41.14 ? 31  C   B "C5'" 1 
ATOM   617  C "C4'" . C   B 1 9  ? 0.775   8.840   -8.510  1.00 40.28 ? 31  C   B "C4'" 1 
ATOM   618  O "O4'" . C   B 1 9  ? -0.039  8.344   -9.601  1.00 39.53 ? 31  C   B "O4'" 1 
ATOM   619  C "C3'" . C   B 1 9  ? 0.016   8.378   -7.285  1.00 40.39 ? 31  C   B "C3'" 1 
ATOM   620  O "O3'" . C   B 1 9  ? 0.376   9.108   -6.131  1.00 41.20 ? 31  C   B "O3'" 1 
ATOM   621  C "C2'" . C   B 1 9  ? -1.435  8.601   -7.688  1.00 39.73 ? 31  C   B "C2'" 1 
ATOM   622  O "O2'" . C   B 1 9  ? -1.848  9.936   -7.516  1.00 39.83 ? 31  C   B "O2'" 1 
ATOM   623  C "C1'" . C   B 1 9  ? -1.391  8.252   -9.176  1.00 39.28 ? 31  C   B "C1'" 1 
ATOM   624  N N1    . C   B 1 9  ? -1.875  6.891   -9.430  1.00 38.30 ? 31  C   B N1    1 
ATOM   625  C C2    . C   B 1 9  ? -3.233  6.718   -9.671  1.00 37.85 ? 31  C   B C2    1 
ATOM   626  O O2    . C   B 1 9  ? -3.962  7.725   -9.720  1.00 37.52 ? 31  C   B O2    1 
ATOM   627  N N3    . C   B 1 9  ? -3.720  5.465   -9.853  1.00 37.26 ? 31  C   B N3    1 
ATOM   628  C C4    . C   B 1 9  ? -2.893  4.418   -9.819  1.00 36.43 ? 31  C   B C4    1 
ATOM   629  N N4    . C   B 1 9  ? -3.418  3.203   -10.005 1.00 34.93 ? 31  C   B N4    1 
ATOM   630  C C5    . C   B 1 9  ? -1.493  4.572   -9.596  1.00 36.89 ? 31  C   B C5    1 
ATOM   631  C C6    . C   B 1 9  ? -1.030  5.816   -9.410  1.00 37.82 ? 31  C   B C6    1 
ATOM   632  P P     . A   B 1 10 ? 0.047   8.489   -4.688  1.00 41.06 ? 32  A   B P     1 
ATOM   633  O OP1   . A   B 1 10 ? 0.656   9.392   -3.680  1.00 41.60 ? 32  A   B OP1   1 
ATOM   634  O OP2   . A   B 1 10 ? 0.440   7.048   -4.699  1.00 40.58 ? 32  A   B OP2   1 
ATOM   635  O "O5'" . A   B 1 10 ? -1.539  8.664   -4.596  1.00 40.03 ? 32  A   B "O5'" 1 
ATOM   636  C "C5'" . A   B 1 10 ? -2.114  9.970   -4.500  1.00 39.51 ? 32  A   B "C5'" 1 
ATOM   637  C "C4'" . A   B 1 10 ? -3.599  9.887   -4.179  1.00 38.97 ? 32  A   B "C4'" 1 
ATOM   638  O "O4'" . A   B 1 10 ? -4.345  9.470   -5.355  1.00 39.44 ? 32  A   B "O4'" 1 
ATOM   639  C "C3'" . A   B 1 10 ? -4.001  8.889   -3.106  1.00 38.23 ? 32  A   B "C3'" 1 
ATOM   640  O "O3'" . A   B 1 10 ? -3.875  9.422   -1.799  1.00 37.42 ? 32  A   B "O3'" 1 
ATOM   641  C "C2'" . A   B 1 10 ? -5.458  8.632   -3.443  1.00 38.13 ? 32  A   B "C2'" 1 
ATOM   642  O "O2'" . A   B 1 10 ? -6.265  9.692   -2.997  1.00 38.07 ? 32  A   B "O2'" 1 
ATOM   643  C "C1'" . A   B 1 10 ? -5.412  8.625   -4.968  1.00 38.79 ? 32  A   B "C1'" 1 
ATOM   644  N N9    . A   B 1 10 ? -5.140  7.295   -5.504  1.00 39.40 ? 32  A   B N9    1 
ATOM   645  C C8    . A   B 1 10 ? -3.954  6.799   -5.980  1.00 39.24 ? 32  A   B C8    1 
ATOM   646  N N7    . A   B 1 10 ? -4.037  5.564   -6.409  1.00 39.52 ? 32  A   B N7    1 
ATOM   647  C C5    . A   B 1 10 ? -5.364  5.221   -6.191  1.00 39.26 ? 32  A   B C5    1 
ATOM   648  C C6    . A   B 1 10 ? -6.097  4.046   -6.447  1.00 39.36 ? 32  A   B C6    1 
ATOM   649  N N6    . A   B 1 10 ? -5.566  2.939   -6.974  1.00 39.68 ? 32  A   B N6    1 
ATOM   650  N N1    . A   B 1 10 ? -7.415  4.044   -6.141  1.00 39.66 ? 32  A   B N1    1 
ATOM   651  C C2    . A   B 1 10 ? -7.951  5.146   -5.605  1.00 39.89 ? 32  A   B C2    1 
ATOM   652  N N3    . A   B 1 10 ? -7.365  6.306   -5.307  1.00 40.41 ? 32  A   B N3    1 
ATOM   653  C C4    . A   B 1 10 ? -6.056  6.277   -5.634  1.00 39.77 ? 32  A   B C4    1 
ATOM   654  P P     . C   B 1 11 ? -3.713  8.422   -0.556  1.00 37.23 ? 33  C   B P     1 
ATOM   655  O OP1   . C   B 1 11 ? -3.485  9.265   0.647   1.00 37.61 ? 33  C   B OP1   1 
ATOM   656  O OP2   . C   B 1 11 ? -2.708  7.396   -0.931  1.00 37.50 ? 33  C   B OP2   1 
ATOM   657  O "O5'" . C   B 1 11 ? -5.145  7.718   -0.447  1.00 36.70 ? 33  C   B "O5'" 1 
ATOM   658  C "C5'" . C   B 1 11 ? -6.330  8.501   -0.289  1.00 35.75 ? 33  C   B "C5'" 1 
ATOM   659  C "C4'" . C   B 1 11 ? -7.566  7.640   -0.436  1.00 35.00 ? 33  C   B "C4'" 1 
ATOM   660  O "O4'" . C   B 1 11 ? -7.673  7.143   -1.793  1.00 35.14 ? 33  C   B "O4'" 1 
ATOM   661  C "C3'" . C   B 1 11 ? -7.604  6.386   0.414   1.00 34.97 ? 33  C   B "C3'" 1 
ATOM   662  O "O3'" . C   B 1 11 ? -8.039  6.684   1.730   1.00 35.32 ? 33  C   B "O3'" 1 
ATOM   663  C "C2'" . C   B 1 11 ? -8.621  5.528   -0.322  1.00 34.58 ? 33  C   B "C2'" 1 
ATOM   664  O "O2'" . C   B 1 11 ? -9.950  5.881   -0.008  1.00 32.94 ? 33  C   B "O2'" 1 
ATOM   665  C "C1'" . C   B 1 11 ? -8.296  5.865   -1.781  1.00 35.09 ? 33  C   B "C1'" 1 
ATOM   666  N N1    . C   B 1 11 ? -7.348  4.895   -2.346  1.00 36.01 ? 33  C   B N1    1 
ATOM   667  C C2    . C   B 1 11 ? -7.838  3.673   -2.852  1.00 36.42 ? 33  C   B C2    1 
ATOM   668  O O2    . C   B 1 11 ? -9.072  3.474   -2.878  1.00 36.76 ? 33  C   B O2    1 
ATOM   669  N N3    . C   B 1 11 ? -6.947  2.752   -3.305  1.00 35.90 ? 33  C   B N3    1 
ATOM   670  C C4    . C   B 1 11 ? -5.635  3.024   -3.281  1.00 34.85 ? 33  C   B C4    1 
ATOM   671  N N4    . C   B 1 11 ? -4.794  2.087   -3.703  1.00 34.82 ? 33  C   B N4    1 
ATOM   672  C C5    . C   B 1 11 ? -5.127  4.268   -2.813  1.00 34.87 ? 33  C   B C5    1 
ATOM   673  C C6    . C   B 1 11 ? -6.006  5.164   -2.359  1.00 35.18 ? 33  C   B C6    1 
ATOM   674  P P     . C   B 1 12 ? -7.484  5.816   2.953   1.00 35.32 ? 34  C   B P     1 
ATOM   675  O OP1   . C   B 1 12 ? -7.967  6.424   4.215   1.00 35.53 ? 34  C   B OP1   1 
ATOM   676  O OP2   . C   B 1 12 ? -6.023  5.675   2.729   1.00 35.41 ? 34  C   B OP2   1 
ATOM   677  O "O5'" . C   B 1 12 ? -8.224  4.413   2.753   1.00 35.37 ? 34  C   B "O5'" 1 
ATOM   678  C "C5'" . C   B 1 12 ? -9.656  4.335   2.813   1.00 35.26 ? 34  C   B "C5'" 1 
ATOM   679  C "C4'" . C   B 1 12 ? -10.153 2.938   2.468   1.00 34.98 ? 34  C   B "C4'" 1 
ATOM   680  O "O4'" . C   B 1 12 ? -9.885  2.650   1.071   1.00 35.69 ? 34  C   B "O4'" 1 
ATOM   681  C "C3'" . C   B 1 12 ? -9.560  1.766   3.239   1.00 35.11 ? 34  C   B "C3'" 1 
ATOM   682  O "O3'" . C   B 1 12 ? -10.254 1.561   4.473   1.00 34.80 ? 34  C   B "O3'" 1 
ATOM   683  C "C2'" . C   B 1 12 ? -9.795  0.600   2.278   1.00 35.66 ? 34  C   B "C2'" 1 
ATOM   684  O "O2'" . C   B 1 12 ? -11.117 0.098   2.336   1.00 36.37 ? 34  C   B "O2'" 1 
ATOM   685  C "C1'" . C   B 1 12 ? -9.589  1.270   0.916   1.00 35.84 ? 34  C   B "C1'" 1 
ATOM   686  N N1    . C   B 1 12 ? -8.216  1.137   0.392   1.00 36.03 ? 34  C   B N1    1 
ATOM   687  C C2    . C   B 1 12 ? -7.871  -0.031  -0.294  1.00 34.94 ? 34  C   B C2    1 
ATOM   688  O O2    . C   B 1 12 ? -8.735  -0.889  -0.466  1.00 34.83 ? 34  C   B O2    1 
ATOM   689  N N3    . C   B 1 12 ? -6.610  -0.182  -0.754  1.00 34.48 ? 34  C   B N3    1 
ATOM   690  C C4    . C   B 1 12 ? -5.709  0.788   -0.564  1.00 35.45 ? 34  C   B C4    1 
ATOM   691  N N4    . C   B 1 12 ? -4.473  0.592   -1.025  1.00 36.07 ? 34  C   B N4    1 
ATOM   692  C C5    . C   B 1 12 ? -6.037  2.003   0.112   1.00 36.18 ? 34  C   B C5    1 
ATOM   693  C C6    . C   B 1 12 ? -7.289  2.132   0.572   1.00 36.57 ? 34  C   B C6    1 
ATOM   694  P P     . G   B 1 13 ? -9.464  0.956   5.749   1.00 35.36 ? 35  G   B P     1 
ATOM   695  O OP1   . G   B 1 13 ? -10.398 0.958   6.909   1.00 35.48 ? 35  G   B OP1   1 
ATOM   696  O OP2   . G   B 1 13 ? -8.158  1.655   5.859   1.00 34.75 ? 35  G   B OP2   1 
ATOM   697  O "O5'" . G   B 1 13 ? -9.193  -0.566  5.364   1.00 35.62 ? 35  G   B "O5'" 1 
ATOM   698  C "C5'" . G   B 1 13 ? -10.283 -1.462  5.221   1.00 35.10 ? 35  G   B "C5'" 1 
ATOM   699  C "C4'" . G   B 1 13 ? -9.839  -2.781  4.627   1.00 33.97 ? 35  G   B "C4'" 1 
ATOM   700  O "O4'" . G   B 1 13 ? -9.517  -2.629  3.222   1.00 33.18 ? 35  G   B "O4'" 1 
ATOM   701  C "C3'" . G   B 1 13 ? -8.612  -3.457  5.215   1.00 33.24 ? 35  G   B "C3'" 1 
ATOM   702  O "O3'" . G   B 1 13 ? -8.957  -4.133  6.419   1.00 32.60 ? 35  G   B "O3'" 1 
ATOM   703  C "C2'" . G   B 1 13 ? -8.284  -4.456  4.112   1.00 33.05 ? 35  G   B "C2'" 1 
ATOM   704  O "O2'" . G   B 1 13 ? -9.159  -5.563  4.139   1.00 32.86 ? 35  G   B "O2'" 1 
ATOM   705  C "C1'" . G   B 1 13 ? -8.577  -3.626  2.858   1.00 32.61 ? 35  G   B "C1'" 1 
ATOM   706  N N9    . G   B 1 13 ? -7.376  -2.976  2.349   1.00 31.18 ? 35  G   B N9    1 
ATOM   707  C C8    . G   B 1 13 ? -6.966  -1.682  2.555   1.00 31.29 ? 35  G   B C8    1 
ATOM   708  N N7    . G   B 1 13 ? -5.812  -1.417  2.003   1.00 31.52 ? 35  G   B N7    1 
ATOM   709  C C5    . G   B 1 13 ? -5.450  -2.608  1.383   1.00 30.77 ? 35  G   B C5    1 
ATOM   710  C C6    . G   B 1 13 ? -4.295  -2.943  0.619   1.00 29.96 ? 35  G   B C6    1 
ATOM   711  O O6    . G   B 1 13 ? -3.324  -2.234  0.332   1.00 29.82 ? 35  G   B O6    1 
ATOM   712  N N1    . G   B 1 13 ? -4.345  -4.256  0.178   1.00 29.55 ? 35  G   B N1    1 
ATOM   713  C C2    . G   B 1 13 ? -5.361  -5.136  0.438   1.00 29.91 ? 35  G   B C2    1 
ATOM   714  N N2    . G   B 1 13 ? -5.215  -6.367  -0.064  1.00 29.63 ? 35  G   B N2    1 
ATOM   715  N N3    . G   B 1 13 ? -6.438  -4.836  1.139   1.00 30.27 ? 35  G   B N3    1 
ATOM   716  C C4    . G   B 1 13 ? -6.414  -3.570  1.579   1.00 30.46 ? 35  G   B C4    1 
ATOM   717  P P     . G   B 1 14 ? -7.813  -4.543  7.484   1.00 32.30 ? 36  G   B P     1 
ATOM   718  O OP1   . G   B 1 14 ? -8.536  -5.361  8.493   1.00 33.09 ? 36  G   B OP1   1 
ATOM   719  O OP2   . G   B 1 14 ? -6.985  -3.385  7.919   1.00 31.73 ? 36  G   B OP2   1 
ATOM   720  O "O5'" . G   B 1 14 ? -6.872  -5.560  6.710   1.00 30.52 ? 36  G   B "O5'" 1 
ATOM   721  C "C5'" . G   B 1 14 ? -7.238  -6.914  6.629   1.00 27.41 ? 36  G   B "C5'" 1 
ATOM   722  C "C4'" . G   B 1 14 ? -6.390  -7.618  5.620   1.00 25.83 ? 36  G   B "C4'" 1 
ATOM   723  O "O4'" . G   B 1 14 ? -6.187  -6.729  4.495   1.00 25.85 ? 36  G   B "O4'" 1 
ATOM   724  C "C3'" . G   B 1 14 ? -4.960  -7.964  5.993   1.00 24.28 ? 36  G   B "C3'" 1 
ATOM   725  O "O3'" . G   B 1 14 ? -4.906  -9.120  6.818   1.00 22.48 ? 36  G   B "O3'" 1 
ATOM   726  C "C2'" . G   B 1 14 ? -4.410  -8.265  4.610   1.00 24.64 ? 36  G   B "C2'" 1 
ATOM   727  O "O2'" . G   B 1 14 ? -4.994  -9.442  4.089   1.00 23.98 ? 36  G   B "O2'" 1 
ATOM   728  C "C1'" . G   B 1 14 ? -4.999  -7.103  3.819   1.00 25.63 ? 36  G   B "C1'" 1 
ATOM   729  N N9    . G   B 1 14 ? -4.122  -5.941  3.752   1.00 26.68 ? 36  G   B N9    1 
ATOM   730  C C8    . G   B 1 14 ? -4.344  -4.706  4.306   1.00 27.28 ? 36  G   B C8    1 
ATOM   731  N N7    . G   B 1 14 ? -3.390  -3.853  4.051   1.00 28.71 ? 36  G   B N7    1 
ATOM   732  C C5    . G   B 1 14 ? -2.484  -4.570  3.280   1.00 28.57 ? 36  G   B C5    1 
ATOM   733  C C6    . G   B 1 14 ? -1.266  -4.164  2.676   1.00 28.99 ? 36  G   B C6    1 
ATOM   734  O O6    . G   B 1 14 ? -0.742  -3.043  2.679   1.00 29.78 ? 36  G   B O6    1 
ATOM   735  N N1    . G   B 1 14 ? -0.661  -5.212  1.990   1.00 28.14 ? 36  G   B N1    1 
ATOM   736  C C2    . G   B 1 14 ? -1.174  -6.474  1.878   1.00 27.87 ? 36  G   B C2    1 
ATOM   737  N N2    . G   B 1 14 ? -0.457  -7.343  1.178   1.00 27.64 ? 36  G   B N2    1 
ATOM   738  N N3    . G   B 1 14 ? -2.316  -6.859  2.415   1.00 28.13 ? 36  G   B N3    1 
ATOM   739  C C4    . G   B 1 14 ? -2.914  -5.863  3.100   1.00 27.81 ? 36  G   B C4    1 
ATOM   740  P P     . U   B 1 15 ? -3.653  -9.344  7.792   1.00 21.71 ? 37  U   B P     1 
ATOM   741  O OP1   . U   B 1 15 ? -3.968  -10.469 8.713   1.00 20.63 ? 37  U   B OP1   1 
ATOM   742  O OP2   . U   B 1 15 ? -3.270  -8.023  8.354   1.00 21.78 ? 37  U   B OP2   1 
ATOM   743  O "O5'" . U   B 1 15 ? -2.494  -9.788  6.801   1.00 19.87 ? 37  U   B "O5'" 1 
ATOM   744  C "C5'" . U   B 1 15 ? -2.592  -10.977 6.033   1.00 17.04 ? 37  U   B "C5'" 1 
ATOM   745  C "C4'" . U   B 1 15 ? -1.319  -11.185 5.261   1.00 15.06 ? 37  U   B "C4'" 1 
ATOM   746  O "O4'" . U   B 1 15 ? -1.200  -10.165 4.240   1.00 14.89 ? 37  U   B "O4'" 1 
ATOM   747  C "C3'" . U   B 1 15 ? -0.065  -10.974 6.085   1.00 14.93 ? 37  U   B "C3'" 1 
ATOM   748  O "O3'" . U   B 1 15 ? 0.248   -12.076 6.906   1.00 14.95 ? 37  U   B "O3'" 1 
ATOM   749  C "C2'" . U   B 1 15 ? 0.972   -10.710 5.010   1.00 14.86 ? 37  U   B "C2'" 1 
ATOM   750  O "O2'" . U   B 1 15 ? 1.428   -11.854 4.324   1.00 14.34 ? 37  U   B "O2'" 1 
ATOM   751  C "C1'" . U   B 1 15 ? 0.173   -9.827  4.064   1.00 15.54 ? 37  U   B "C1'" 1 
ATOM   752  N N1    . U   B 1 15 ? 0.392   -8.405  4.382   1.00 17.49 ? 37  U   B N1    1 
ATOM   753  C C2    . U   B 1 15 ? 1.422   -7.775  3.718   1.00 18.51 ? 37  U   B C2    1 
ATOM   754  O O2    . U   B 1 15 ? 2.106   -8.341  2.888   1.00 19.29 ? 37  U   B O2    1 
ATOM   755  N N3    . U   B 1 15 ? 1.624   -6.459  4.053   1.00 19.32 ? 37  U   B N3    1 
ATOM   756  C C4    . U   B 1 15 ? 0.909   -5.715  4.965   1.00 19.51 ? 37  U   B C4    1 
ATOM   757  O O4    . U   B 1 15 ? 1.174   -4.514  5.115   1.00 19.64 ? 37  U   B O4    1 
ATOM   758  C C5    . U   B 1 15 ? -0.152  -6.435  5.614   1.00 19.00 ? 37  U   B C5    1 
ATOM   759  C C6    . U   B 1 15 ? -0.371  -7.722  5.305   1.00 18.04 ? 37  U   B C6    1 
ATOM   760  P P     . G   B 1 16 ? 1.078   -11.835 8.242   1.00 14.93 ? 38  G   B P     1 
ATOM   761  O OP1   . G   B 1 16 ? 1.312   -13.156 8.867   1.00 14.61 ? 38  G   B OP1   1 
ATOM   762  O OP2   . G   B 1 16 ? 0.385   -10.781 8.994   1.00 14.71 ? 38  G   B OP2   1 
ATOM   763  O "O5'" . G   B 1 16 ? 2.463   -11.274 7.707   1.00 15.36 ? 38  G   B "O5'" 1 
ATOM   764  C "C5'" . G   B 1 16 ? 3.306   -12.097 6.909   1.00 15.88 ? 38  G   B "C5'" 1 
ATOM   765  C "C4'" . G   B 1 16 ? 4.584   -11.378 6.581   1.00 15.34 ? 38  G   B "C4'" 1 
ATOM   766  O "O4'" . G   B 1 16 ? 4.305   -10.269 5.703   1.00 15.83 ? 38  G   B "O4'" 1 
ATOM   767  C "C3'" . G   B 1 16 ? 5.279   -10.731 7.753   1.00 15.03 ? 38  G   B "C3'" 1 
ATOM   768  O "O3'" . G   B 1 16 ? 6.047   -11.694 8.454   1.00 15.92 ? 38  G   B "O3'" 1 
ATOM   769  C "C2'" . G   B 1 16 ? 6.170   -9.734  7.038   1.00 15.87 ? 38  G   B "C2'" 1 
ATOM   770  O "O2'" . G   B 1 16 ? 7.307   -10.328 6.472   1.00 16.54 ? 38  G   B "O2'" 1 
ATOM   771  C "C1'" . G   B 1 16 ? 5.247   -9.245  5.924   1.00 17.25 ? 38  G   B "C1'" 1 
ATOM   772  N N9    . G   B 1 16 ? 4.541   -8.040  6.343   1.00 20.69 ? 38  G   B N9    1 
ATOM   773  C C8    . G   B 1 16 ? 3.381   -7.966  7.077   1.00 21.90 ? 38  G   B C8    1 
ATOM   774  N N7    . G   B 1 16 ? 3.063   -6.746  7.407   1.00 22.76 ? 38  G   B N7    1 
ATOM   775  C C5    . G   B 1 16 ? 4.052   -5.966  6.826   1.00 22.80 ? 38  G   B C5    1 
ATOM   776  C C6    . G   B 1 16 ? 4.246   -4.562  6.851   1.00 22.93 ? 38  G   B C6    1 
ATOM   777  O O6    . G   B 1 16 ? 3.563   -3.697  7.412   1.00 23.22 ? 38  G   B O6    1 
ATOM   778  N N1    . G   B 1 16 ? 5.378   -4.193  6.139   1.00 22.84 ? 38  G   B N1    1 
ATOM   779  C C2    . G   B 1 16 ? 6.215   -5.059  5.488   1.00 22.52 ? 38  G   B C2    1 
ATOM   780  N N2    . G   B 1 16 ? 7.254   -4.508  4.860   1.00 22.38 ? 38  G   B N2    1 
ATOM   781  N N3    . G   B 1 16 ? 6.044   -6.368  5.454   1.00 22.54 ? 38  G   B N3    1 
ATOM   782  C C4    . G   B 1 16 ? 4.954   -6.750  6.142   1.00 22.04 ? 38  G   B C4    1 
ATOM   783  P P     . A   B 1 17 ? 6.052   -11.711 10.061  1.00 16.10 ? 39  A   B P     1 
ATOM   784  O OP1   . A   B 1 17 ? 5.194   -12.831 10.537  1.00 16.63 ? 39  A   B OP1   1 
ATOM   785  O OP2   . A   B 1 17 ? 5.802   -10.336 10.551  1.00 16.12 ? 39  A   B OP2   1 
ATOM   786  O "O5'" . A   B 1 17 ? 7.560   -12.056 10.413  1.00 15.39 ? 39  A   B "O5'" 1 
ATOM   787  C "C5'" . A   B 1 17 ? 8.575   -11.085 10.218  1.00 16.17 ? 39  A   B "C5'" 1 
ATOM   788  C "C4'" . A   B 1 17 ? 9.576   -11.167 11.329  1.00 16.69 ? 39  A   B "C4'" 1 
ATOM   789  O "O4'" . A   B 1 17 ? 10.470  -12.276 11.075  1.00 17.69 ? 39  A   B "O4'" 1 
ATOM   790  C "C3'" . A   B 1 17 ? 10.484  -9.973  11.511  1.00 16.92 ? 39  A   B "C3'" 1 
ATOM   791  O "O3'" . A   B 1 17 ? 9.777   -9.037  12.337  1.00 18.21 ? 39  A   B "O3'" 1 
ATOM   792  C "C2'" . A   B 1 17 ? 11.651  -10.617 12.254  1.00 16.81 ? 39  A   B "C2'" 1 
ATOM   793  O "O2'" . A   B 1 17 ? 11.257  -10.907 13.580  1.00 17.50 ? 39  A   B "O2'" 1 
ATOM   794  C "C1'" . A   B 1 17 ? 11.765  -11.972 11.555  1.00 15.87 ? 39  A   B "C1'" 1 
ATOM   795  N N9    . A   B 1 17 ? 12.699  -12.118 10.435  1.00 14.25 ? 39  A   B N9    1 
ATOM   796  C C8    . A   B 1 17 ? 12.404  -11.835 9.137   1.00 14.35 ? 39  A   B C8    1 
ATOM   797  N N7    . A   B 1 17 ? 13.358  -12.131 8.296   1.00 14.06 ? 39  A   B N7    1 
ATOM   798  C C5    . A   B 1 17 ? 14.370  -12.623 9.100   1.00 13.48 ? 39  A   B C5    1 
ATOM   799  C C6    . A   B 1 17 ? 15.649  -13.107 8.801   1.00 13.68 ? 39  A   B C6    1 
ATOM   800  N N6    . A   B 1 17 ? 16.137  -13.183 7.560   1.00 14.31 ? 39  A   B N6    1 
ATOM   801  N N1    . A   B 1 17 ? 16.419  -13.518 9.828   1.00 13.30 ? 39  A   B N1    1 
ATOM   802  C C2    . A   B 1 17 ? 15.920  -13.443 11.064  1.00 13.45 ? 39  A   B C2    1 
ATOM   803  N N3    . A   B 1 17 ? 14.727  -13.007 11.471  1.00 14.56 ? 39  A   B N3    1 
ATOM   804  C C4    . A   B 1 17 ? 13.987  -12.605 10.425  1.00 13.59 ? 39  A   B C4    1 
ATOM   805  P P     . A   B 1 18 ? 9.889   -7.458  12.056  1.00 19.99 ? 40  A   B P     1 
ATOM   806  O OP1   . A   B 1 18 ? 8.841   -6.800  12.866  1.00 20.19 ? 40  A   B OP1   1 
ATOM   807  O OP2   . A   B 1 18 ? 9.964   -7.185  10.596  1.00 20.61 ? 40  A   B OP2   1 
ATOM   808  O "O5'" . A   B 1 18 ? 11.300  -7.066  12.679  1.00 20.43 ? 40  A   B "O5'" 1 
ATOM   809  C "C5'" . A   B 1 18 ? 11.505  -7.030  14.083  1.00 19.78 ? 40  A   B "C5'" 1 
ATOM   810  C "C4'" . A   B 1 18 ? 12.975  -6.876  14.378  1.00 19.32 ? 40  A   B "C4'" 1 
ATOM   811  O "O4'" . A   B 1 18 ? 13.664  -8.075  13.955  1.00 18.60 ? 40  A   B "O4'" 1 
ATOM   812  C "C3'" . A   B 1 18 ? 13.660  -5.771  13.603  1.00 19.48 ? 40  A   B "C3'" 1 
ATOM   813  O "O3'" . A   B 1 18 ? 13.520  -4.546  14.285  1.00 21.19 ? 40  A   B "O3'" 1 
ATOM   814  C "C2'" . A   B 1 18 ? 15.108  -6.238  13.591  1.00 19.21 ? 40  A   B "C2'" 1 
ATOM   815  O "O2'" . A   B 1 18 ? 15.790  -5.987  14.809  1.00 18.64 ? 40  A   B "O2'" 1 
ATOM   816  C "C1'" . A   B 1 18 ? 14.920  -7.740  13.404  1.00 18.70 ? 40  A   B "C1'" 1 
ATOM   817  N N9    . A   B 1 18 ? 14.904  -8.125  12.000  1.00 18.37 ? 40  A   B N9    1 
ATOM   818  C C8    . A   B 1 18 ? 13.999  -7.752  11.048  1.00 18.56 ? 40  A   B C8    1 
ATOM   819  N N7    . A   B 1 18 ? 14.260  -8.225  9.859   1.00 18.67 ? 40  A   B N7    1 
ATOM   820  C C5    . A   B 1 18 ? 15.414  -8.971  10.042  1.00 18.33 ? 40  A   B C5    1 
ATOM   821  C C6    . A   B 1 18 ? 16.194  -9.734  9.166   1.00 17.49 ? 40  A   B C6    1 
ATOM   822  N N6    . A   B 1 18 ? 15.929  -9.873  7.863   1.00 16.03 ? 40  A   B N6    1 
ATOM   823  N N1    . A   B 1 18 ? 17.268  -10.367 9.676   1.00 17.17 ? 40  A   B N1    1 
ATOM   824  C C2    . A   B 1 18 ? 17.533  -10.235 10.971  1.00 16.91 ? 40  A   B C2    1 
ATOM   825  N N3    . A   B 1 18 ? 16.885  -9.547  11.892  1.00 17.76 ? 40  A   B N3    1 
ATOM   826  C C4    . A   B 1 18 ? 15.817  -8.927  11.358  1.00 18.79 ? 40  A   B C4    1 
ATOM   827  P P     . G   B 1 19 ? 12.717  -3.353  13.599  1.00 23.08 ? 41  G   B P     1 
ATOM   828  O OP1   . G   B 1 19 ? 12.281  -2.479  14.712  1.00 23.66 ? 41  G   B OP1   1 
ATOM   829  O OP2   . G   B 1 19 ? 11.730  -3.947  12.677  1.00 23.44 ? 41  G   B OP2   1 
ATOM   830  O "O5'" . G   B 1 19 ? 13.760  -2.544  12.710  1.00 21.01 ? 41  G   B "O5'" 1 
ATOM   831  C "C5'" . G   B 1 19 ? 14.616  -1.577  13.296  1.00 17.55 ? 41  G   B "C5'" 1 
ATOM   832  C "C4'" . G   B 1 19 ? 14.211  -0.195  12.866  1.00 15.61 ? 41  G   B "C4'" 1 
ATOM   833  O "O4'" . G   B 1 19 ? 13.363  -0.290  11.689  1.00 14.74 ? 41  G   B "O4'" 1 
ATOM   834  C "C3'" . G   B 1 19 ? 13.335  0.565   13.838  1.00 15.81 ? 41  G   B "C3'" 1 
ATOM   835  O "O3'" . G   B 1 19 ? 14.131  1.210   14.818  1.00 17.74 ? 41  G   B "O3'" 1 
ATOM   836  C "C2'" . G   B 1 19 ? 12.748  1.615   12.922  1.00 15.28 ? 41  G   B "C2'" 1 
ATOM   837  O "O2'" . G   B 1 19 ? 13.758  2.553   12.628  1.00 15.00 ? 41  G   B "O2'" 1 
ATOM   838  C "C1'" . G   B 1 19 ? 12.423  0.777   11.685  1.00 14.35 ? 41  G   B "C1'" 1 
ATOM   839  N N9    . G   B 1 19 ? 11.072  0.214   11.723  1.00 13.15 ? 41  G   B N9    1 
ATOM   840  C C8    . G   B 1 19 ? 10.749  -1.111  11.862  1.00 12.66 ? 41  G   B C8    1 
ATOM   841  N N7    . G   B 1 19 ? 9.465   -1.329  11.913  1.00 11.78 ? 41  G   B N7    1 
ATOM   842  C C5    . G   B 1 19 ? 8.895   -0.069  11.795  1.00 11.81 ? 41  G   B C5    1 
ATOM   843  C C6    . G   B 1 19 ? 7.530   0.326   11.806  1.00 10.72 ? 41  G   B C6    1 
ATOM   844  O O6    . G   B 1 19 ? 6.530   -0.376  11.966  1.00 10.00 ? 41  G   B O6    1 
ATOM   845  N N1    . G   B 1 19 ? 7.391   1.696   11.624  1.00 10.56 ? 41  G   B N1    1 
ATOM   846  C C2    . G   B 1 19 ? 8.429   2.580   11.476  1.00 11.27 ? 41  G   B C2    1 
ATOM   847  N N2    . G   B 1 19 ? 8.097   3.854   11.294  1.00 10.74 ? 41  G   B N2    1 
ATOM   848  N N3    . G   B 1 19 ? 9.707   2.234   11.500  1.00 12.41 ? 41  G   B N3    1 
ATOM   849  C C4    . G   B 1 19 ? 9.868   0.897   11.655  1.00 12.62 ? 41  G   B C4    1 
ATOM   850  P P     . U   B 1 20 ? 13.431  1.940   16.067  1.00 18.30 ? 42  U   B P     1 
ATOM   851  O OP1   . U   B 1 20 ? 14.496  2.549   16.892  1.00 17.01 ? 42  U   B OP1   1 
ATOM   852  O OP2   . U   B 1 20 ? 12.462  1.010   16.683  1.00 17.50 ? 42  U   B OP2   1 
ATOM   853  O "O5'" . U   B 1 20 ? 12.593  3.112   15.403  1.00 17.19 ? 42  U   B "O5'" 1 
ATOM   854  C "C5'" . U   B 1 20 ? 13.213  4.291   14.920  1.00 17.21 ? 42  U   B "C5'" 1 
ATOM   855  C "C4'" . U   B 1 20 ? 12.162  5.352   14.677  1.00 18.72 ? 42  U   B "C4'" 1 
ATOM   856  O "O4'" . U   B 1 20 ? 11.150  4.825   13.772  1.00 19.30 ? 42  U   B "O4'" 1 
ATOM   857  C "C3'" . U   B 1 20 ? 11.367  5.771   15.899  1.00 19.44 ? 42  U   B "C3'" 1 
ATOM   858  O "O3'" . U   B 1 20 ? 12.063  6.775   16.612  1.00 20.04 ? 42  U   B "O3'" 1 
ATOM   859  C "C2'" . U   B 1 20 ? 10.097  6.319   15.277  1.00 19.09 ? 42  U   B "C2'" 1 
ATOM   860  O "O2'" . U   B 1 20 ? 10.272  7.626   14.798  1.00 18.88 ? 42  U   B "O2'" 1 
ATOM   861  C "C1'" . U   B 1 20 ? 9.879   5.345   14.118  1.00 19.13 ? 42  U   B "C1'" 1 
ATOM   862  N N1    . U   B 1 20 ? 9.009   4.220   14.485  1.00 19.45 ? 42  U   B N1    1 
ATOM   863  C C2    . U   B 1 20 ? 7.643   4.449   14.569  1.00 19.18 ? 42  U   B C2    1 
ATOM   864  O O2    . U   B 1 20 ? 7.127   5.524   14.309  1.00 18.82 ? 42  U   B O2    1 
ATOM   865  N N3    . U   B 1 20 ? 6.906   3.365   14.965  1.00 18.96 ? 42  U   B N3    1 
ATOM   866  C C4    . U   B 1 20 ? 7.377   2.115   15.271  1.00 19.40 ? 42  U   B C4    1 
ATOM   867  O O4    . U   B 1 20 ? 6.595   1.261   15.654  1.00 19.80 ? 42  U   B O4    1 
ATOM   868  C C5    . U   B 1 20 ? 8.784   1.954   15.137  1.00 20.03 ? 42  U   B C5    1 
ATOM   869  C C6    . U   B 1 20 ? 9.533   2.982   14.756  1.00 19.88 ? 42  U   B C6    1 
ATOM   870  P P     . C   B 1 21 ? 11.631  7.124   18.112  1.00 21.09 ? 43  C   B P     1 
ATOM   871  O OP1   . C   B 1 21 ? 12.573  8.165   18.604  1.00 22.18 ? 43  C   B OP1   1 
ATOM   872  O OP2   . C   B 1 21 ? 11.470  5.864   18.880  1.00 20.81 ? 43  C   B OP2   1 
ATOM   873  O "O5'" . C   B 1 21 ? 10.189  7.775   17.928  1.00 20.65 ? 43  C   B "O5'" 1 
ATOM   874  C "C5'" . C   B 1 21 ? 10.038  9.136   17.561  1.00 22.08 ? 43  C   B "C5'" 1 
ATOM   875  C "C4'" . C   B 1 21 ? 8.600   9.559   17.737  1.00 23.71 ? 43  C   B "C4'" 1 
ATOM   876  O "O4'" . C   B 1 21 ? 7.762   8.826   16.799  1.00 24.32 ? 43  C   B "O4'" 1 
ATOM   877  C "C3'" . C   B 1 21 ? 7.985   9.244   19.089  1.00 24.38 ? 43  C   B "C3'" 1 
ATOM   878  O "O3'" . C   B 1 21 ? 8.318   10.221  20.061  1.00 25.38 ? 43  C   B "O3'" 1 
ATOM   879  C "C2'" . C   B 1 21 ? 6.509   9.239   18.740  1.00 24.40 ? 43  C   B "C2'" 1 
ATOM   880  O "O2'" . C   B 1 21 ? 6.035   10.546  18.506  1.00 23.73 ? 43  C   B "O2'" 1 
ATOM   881  C "C1'" . C   B 1 21 ? 6.543   8.458   17.426  1.00 24.01 ? 43  C   B "C1'" 1 
ATOM   882  N N1    . C   B 1 21 ? 6.559   6.995   17.635  1.00 23.47 ? 43  C   B N1    1 
ATOM   883  C C2    . C   B 1 21 ? 5.341   6.296   17.722  1.00 24.05 ? 43  C   B C2    1 
ATOM   884  O O2    . C   B 1 21 ? 4.275   6.919   17.580  1.00 25.39 ? 43  C   B O2    1 
ATOM   885  N N3    . C   B 1 21 ? 5.361   4.960   17.950  1.00 23.90 ? 43  C   B N3    1 
ATOM   886  C C4    . C   B 1 21 ? 6.529   4.324   18.075  1.00 23.51 ? 43  C   B C4    1 
ATOM   887  N N4    . C   B 1 21 ? 6.508   3.007   18.296  1.00 22.99 ? 43  C   B N4    1 
ATOM   888  C C5    . C   B 1 21 ? 7.775   5.011   17.979  1.00 23.76 ? 43  C   B C5    1 
ATOM   889  C C6    . C   B 1 21 ? 7.744   6.327   17.757  1.00 23.16 ? 43  C   B C6    1 
ATOM   890  P P     . G   B 1 22 ? 8.342   9.820   21.619  1.00 26.26 ? 44  G   B P     1 
ATOM   891  O OP1   . G   B 1 22 ? 8.980   10.943  22.364  1.00 25.77 ? 44  G   B OP1   1 
ATOM   892  O OP2   . G   B 1 22 ? 8.872   8.445   21.778  1.00 25.63 ? 44  G   B OP2   1 
ATOM   893  O "O5'" . G   B 1 22 ? 6.800   9.751   22.009  1.00 26.98 ? 44  G   B "O5'" 1 
ATOM   894  C "C5'" . G   B 1 22 ? 5.896   10.774  21.619  1.00 28.21 ? 44  G   B "C5'" 1 
ATOM   895  C "C4'" . G   B 1 22 ? 4.478   10.293  21.767  1.00 29.29 ? 44  G   B "C4'" 1 
ATOM   896  O "O4'" . G   B 1 22 ? 4.221   9.228   20.809  1.00 29.42 ? 44  G   B "O4'" 1 
ATOM   897  C "C3'" . G   B 1 22 ? 4.122   9.648   23.097  1.00 30.44 ? 44  G   B "C3'" 1 
ATOM   898  O "O3'" . G   B 1 22 ? 3.834   10.606  24.105  1.00 32.28 ? 44  G   B "O3'" 1 
ATOM   899  C "C2'" . G   B 1 22 ? 2.854   8.898   22.717  1.00 30.27 ? 44  G   B "C2'" 1 
ATOM   900  O "O2'" . G   B 1 22 ? 1.763   9.794   22.574  1.00 30.32 ? 44  G   B "O2'" 1 
ATOM   901  C "C1'" . G   B 1 22 ? 3.238   8.345   21.340  1.00 29.02 ? 44  G   B "C1'" 1 
ATOM   902  N N9    . G   B 1 22 ? 3.786   6.990   21.395  1.00 26.71 ? 44  G   B N9    1 
ATOM   903  C C8    . G   B 1 22 ? 5.105   6.636   21.306  1.00 26.54 ? 44  G   B C8    1 
ATOM   904  N N7    . G   B 1 22 ? 5.304   5.351   21.419  1.00 26.19 ? 44  G   B N7    1 
ATOM   905  C C5    . G   B 1 22 ? 4.035   4.818   21.580  1.00 24.97 ? 44  G   B C5    1 
ATOM   906  C C6    . G   B 1 22 ? 3.618   3.470   21.743  1.00 24.46 ? 44  G   B C6    1 
ATOM   907  O O6    . G   B 1 22 ? 4.312   2.443   21.774  1.00 24.87 ? 44  G   B O6    1 
ATOM   908  N N1    . G   B 1 22 ? 2.235   3.376   21.872  1.00 24.04 ? 44  G   B N1    1 
ATOM   909  C C2    . G   B 1 22 ? 1.362   4.434   21.839  1.00 24.17 ? 44  G   B C2    1 
ATOM   910  N N2    . G   B 1 22 ? 0.068   4.128   21.971  1.00 23.44 ? 44  G   B N2    1 
ATOM   911  N N3    . G   B 1 22 ? 1.737   5.697   21.683  1.00 25.41 ? 44  G   B N3    1 
ATOM   912  C C4    . G   B 1 22 ? 3.082   5.814   21.562  1.00 25.60 ? 44  G   B C4    1 
ATOM   913  P P     . C   B 1 23 ? 4.124   10.250  25.648  1.00 33.93 ? 45  C   B P     1 
ATOM   914  O OP1   . C   B 1 23 ? 3.947   11.530  26.376  1.00 35.02 ? 45  C   B OP1   1 
ATOM   915  O OP2   . C   B 1 23 ? 5.402   9.508   25.765  1.00 34.22 ? 45  C   B OP2   1 
ATOM   916  O "O5'" . C   B 1 23 ? 2.941   9.269   26.076  1.00 33.26 ? 45  C   B "O5'" 1 
ATOM   917  C "C5'" . C   B 1 23 ? 1.592   9.728   26.129  1.00 33.39 ? 45  C   B "C5'" 1 
ATOM   918  C "C4'" . C   B 1 23 ? 0.647   8.564   26.334  1.00 33.37 ? 45  C   B "C4'" 1 
ATOM   919  O "O4'" . C   B 1 23 ? 0.742   7.629   25.220  1.00 33.55 ? 45  C   B "O4'" 1 
ATOM   920  C "C3'" . C   B 1 23 ? 0.942   7.693   27.538  1.00 33.79 ? 45  C   B "C3'" 1 
ATOM   921  O "O3'" . C   B 1 23 ? 0.654   8.347   28.764  1.00 35.15 ? 45  C   B "O3'" 1 
ATOM   922  C "C2'" . C   B 1 23 ? 0.203   6.407   27.181  1.00 33.76 ? 45  C   B "C2'" 1 
ATOM   923  O "O2'" . C   B 1 23 ? -1.204  6.486   27.324  1.00 34.45 ? 45  C   B "O2'" 1 
ATOM   924  C "C1'" . C   B 1 23 ? 0.506   6.307   25.687  1.00 32.78 ? 45  C   B "C1'" 1 
ATOM   925  N N1    . C   B 1 23 ? 1.703   5.496   25.423  1.00 31.53 ? 45  C   B N1    1 
ATOM   926  C C2    . C   B 1 23 ? 1.602   4.102   25.502  1.00 31.11 ? 45  C   B C2    1 
ATOM   927  O O2    . C   B 1 23 ? 0.505   3.601   25.767  1.00 31.12 ? 45  C   B O2    1 
ATOM   928  N N3    . C   B 1 23 ? 2.697   3.340   25.281  1.00 30.54 ? 45  C   B N3    1 
ATOM   929  C C4    . C   B 1 23 ? 3.855   3.921   24.974  1.00 30.17 ? 45  C   B C4    1 
ATOM   930  N N4    . C   B 1 23 ? 4.902   3.133   24.758  1.00 29.78 ? 45  C   B N4    1 
ATOM   931  C C5    . C   B 1 23 ? 3.987   5.342   24.876  1.00 30.55 ? 45  C   B C5    1 
ATOM   932  C C6    . C   B 1 23 ? 2.896   6.083   25.110  1.00 30.83 ? 45  C   B C6    1 
HETATM 933  C C1    . KAN C 2 .  ? 5.687   -4.137  10.813  1.00 17.97 ? 51  KAN A C1    1 
HETATM 934  C C2    . KAN C 2 .  ? 4.931   -5.454  10.505  1.00 18.20 ? 51  KAN A C2    1 
HETATM 935  C C3    . KAN C 2 .  ? 5.919   -6.654  10.359  1.00 18.04 ? 51  KAN A C3    1 
HETATM 936  C C4    . KAN C 2 .  ? 6.906   -6.311  9.211   1.00 18.03 ? 51  KAN A C4    1 
HETATM 937  C C5    . KAN C 2 .  ? 7.662   -4.978  9.566   1.00 18.33 ? 51  KAN A C5    1 
HETATM 938  C C6    . KAN C 2 .  ? 8.639   -4.542  8.467   1.00 19.82 ? 51  KAN A C6    1 
HETATM 939  C C7    . KAN C 2 .  ? 6.486   -2.148  15.761  1.00 17.54 ? 51  KAN A C7    1 
HETATM 940  C C8    . KAN C 2 .  ? 5.329   -1.768  14.799  1.00 18.78 ? 51  KAN A C8    1 
HETATM 941  C C9    . KAN C 2 .  ? 5.137   -2.935  13.798  1.00 19.16 ? 51  KAN A C9    1 
HETATM 942  C C10   . KAN C 2 .  ? 6.442   -3.178  12.979  1.00 18.83 ? 51  KAN A C10   1 
HETATM 943  C C11   . KAN C 2 .  ? 7.616   -3.527  13.954  1.00 18.02 ? 51  KAN A C11   1 
HETATM 944  C C12   . KAN C 2 .  ? 7.797   -2.374  14.974  1.00 17.43 ? 51  KAN A C12   1 
HETATM 945  C C13   . KAN C 2 .  ? 3.409   -0.375  15.685  1.00 17.30 ? 51  KAN A C13   1 
HETATM 946  C C14   . KAN C 2 .  ? 2.673   -0.435  17.054  1.00 16.21 ? 51  KAN A C14   1 
HETATM 947  C C15   . KAN C 2 .  ? 1.659   -1.623  17.082  1.00 16.80 ? 51  KAN A C15   1 
HETATM 948  C C16   . KAN C 2 .  ? 0.635   -1.418  15.920  1.00 17.36 ? 51  KAN A C16   1 
HETATM 949  C C17   . KAN C 2 .  ? 1.394   -1.328  14.579  1.00 17.64 ? 51  KAN A C17   1 
HETATM 950  C C18   . KAN C 2 .  ? 0.448   -1.081  13.429  1.00 19.39 ? 51  KAN A C18   1 
HETATM 951  N N1    . KAN C 2 .  ? 8.944   -3.082  8.492   1.00 19.88 ? 51  KAN A N1    1 
HETATM 952  N N2    . KAN C 2 .  ? 8.899   -3.751  13.231  1.00 17.83 ? 51  KAN A N2    1 
HETATM 953  N N3    . KAN C 2 .  ? 6.689   -1.070  16.739  1.00 17.59 ? 51  KAN A N3    1 
HETATM 954  N N4    . KAN C 2 .  ? 0.946   -1.729  18.399  1.00 16.41 ? 51  KAN A N4    1 
HETATM 955  O O5    . KAN C 2 .  ? 6.692   -3.876  9.772   1.00 18.46 ? 51  KAN A O5    1 
HETATM 956  O O6    . KAN C 2 .  ? 3.952   -5.712  11.571  1.00 17.24 ? 51  KAN A O6    1 
HETATM 957  O O7    . KAN C 2 .  ? 5.214   -7.811  10.095  1.00 18.48 ? 51  KAN A O7    1 
HETATM 958  O O8    . KAN C 2 .  ? 7.837   -7.387  9.026   1.00 17.00 ? 51  KAN A O8    1 
HETATM 959  O O9    . KAN C 2 .  ? 6.279   -4.300  12.066  1.00 19.09 ? 51  KAN A O9    1 
HETATM 960  O O10   . KAN C 2 .  ? 4.080   -2.599  12.919  1.00 20.79 ? 51  KAN A O10   1 
HETATM 961  O O11   . KAN C 2 .  ? 4.097   -1.594  15.555  1.00 19.03 ? 51  KAN A O11   1 
HETATM 962  O O12   . KAN C 2 .  ? 2.417   -0.242  14.609  1.00 17.26 ? 51  KAN A O12   1 
HETATM 963  O O13   . KAN C 2 .  ? 3.618   -0.577  18.074  1.00 16.05 ? 51  KAN A O13   1 
HETATM 964  O O14   . KAN C 2 .  ? -0.320  -2.467  15.882  1.00 16.37 ? 51  KAN A O14   1 
HETATM 965  O O15   . KAN C 2 .  ? 0.083   0.299   13.314  1.00 20.53 ? 51  KAN A O15   1 
HETATM 966  C C1    . KAN D 2 .  ? -7.379  4.685   -13.567 1.00 38.96 ? 50  KAN A C1    1 
HETATM 967  C C2    . KAN D 2 .  ? -8.665  4.112   -12.913 1.00 39.54 ? 50  KAN A C2    1 
HETATM 968  C C3    . KAN D 2 .  ? -9.798  5.202   -12.964 1.00 39.78 ? 50  KAN A C3    1 
HETATM 969  C C4    . KAN D 2 .  ? -9.290  6.444   -12.172 1.00 39.32 ? 50  KAN A C4    1 
HETATM 970  C C5    . KAN D 2 .  ? -7.964  6.976   -12.810 1.00 38.86 ? 50  KAN A C5    1 
HETATM 971  C C6    . KAN D 2 .  ? -7.382  8.176   -12.041 1.00 38.72 ? 50  KAN A C6    1 
HETATM 972  C C7    . KAN D 2 .  ? -6.236  4.211   -18.880 1.00 39.27 ? 50  KAN A C7    1 
HETATM 973  C C8    . KAN D 2 .  ? -5.883  3.214   -17.758 1.00 40.25 ? 50  KAN A C8    1 
HETATM 974  C C9    . KAN D 2 .  ? -6.844  3.385   -16.569 1.00 40.67 ? 50  KAN A C9    1 
HETATM 975  C C10   . KAN D 2 .  ? -6.773  4.849   -16.010 1.00 39.81 ? 50  KAN A C10   1 
HETATM 976  C C11   . KAN D 2 .  ? -7.155  5.859   -17.159 1.00 39.11 ? 50  KAN A C11   1 
HETATM 977  C C12   . KAN D 2 .  ? -6.170  5.674   -18.362 1.00 38.88 ? 50  KAN A C12   1 
HETATM 978  C C13   . KAN D 2 .  ? -4.816  1.169   -18.591 1.00 42.42 ? 50  KAN A C13   1 
HETATM 979  C C14   . KAN D 2 .  ? -5.121  0.301   -19.847 1.00 42.57 ? 50  KAN A C14   1 
HETATM 980  C C15   . KAN D 2 .  ? -6.225  -0.749  -19.512 1.00 42.82 ? 50  KAN A C15   1 
HETATM 981  C C16   . KAN D 2 .  ? -5.712  -1.647  -18.332 1.00 43.15 ? 50  KAN A C16   1 
HETATM 982  C C17   . KAN D 2 .  ? -5.396  -0.741  -17.106 1.00 43.06 ? 50  KAN A C17   1 
HETATM 983  C C18   . KAN D 2 .  ? -4.847  -1.540  -15.929 1.00 43.89 ? 50  KAN A C18   1 
HETATM 984  N N1    . KAN D 2 .  ? -5.930  8.369   -12.313 1.00 37.99 ? 50  KAN A N1    1 
HETATM 985  N N2    . KAN D 2 .  ? -7.097  7.269   -16.708 1.00 38.42 ? 50  KAN A N2    1 
HETATM 986  N N3    . KAN D 2 .  ? -5.310  4.023   -20.012 1.00 38.33 ? 50  KAN A N3    1 
HETATM 987  N N4    . KAN D 2 .  ? -6.542  -1.576  -20.701 1.00 43.57 ? 50  KAN A N4    1 
HETATM 988  O O5    . KAN D 2 .  ? -6.954  5.897   -12.834 1.00 38.92 ? 50  KAN A O5    1 
HETATM 989  O O6    . KAN D 2 .  ? -9.078  2.905   -13.645 1.00 39.34 ? 50  KAN A O6    1 
HETATM 990  O O7    . KAN D 2 .  ? -10.963 4.702   -12.407 1.00 39.54 ? 50  KAN A O7    1 
HETATM 991  O O8    . KAN D 2 .  ? -10.277 7.484   -12.170 1.00 39.58 ? 50  KAN A O8    1 
HETATM 992  O O9    . KAN D 2 .  ? -7.712  5.018   -14.912 1.00 39.10 ? 50  KAN A O9    1 
HETATM 993  O O10   . KAN D 2 .  ? -6.473  2.443   -15.565 1.00 41.34 ? 50  KAN A O10   1 
HETATM 994  O O11   . KAN D 2 .  ? -5.986  1.871   -18.247 1.00 41.74 ? 50  KAN A O11   1 
HETATM 995  O O12   . KAN D 2 .  ? -4.411  0.308   -17.467 1.00 42.47 ? 50  KAN A O12   1 
HETATM 996  O O13   . KAN D 2 .  ? -5.517  1.150   -20.916 1.00 42.67 ? 50  KAN A O13   1 
HETATM 997  O O14   . KAN D 2 .  ? -6.680  -2.656  -17.979 1.00 42.76 ? 50  KAN A O14   1 
HETATM 998  O O15   . KAN D 2 .  ? -3.433  -1.337  -15.746 1.00 44.63 ? 50  KAN A O15   1 
HETATM 999  C C1    . KAN E 2 .  ? 0.776   -9.483  17.653  1.00 32.43 ? 52  KAN B C1    1 
HETATM 1000 C C2    . KAN E 2 .  ? 0.584   -8.402  18.754  1.00 32.03 ? 52  KAN B C2    1 
HETATM 1001 C C3    . KAN E 2 .  ? 1.838   -8.383  19.691  1.00 32.42 ? 52  KAN B C3    1 
HETATM 1002 C C4    . KAN E 2 .  ? 1.954   -9.793  20.328  1.00 32.79 ? 52  KAN B C4    1 
HETATM 1003 C C5    . KAN E 2 .  ? 2.119   -10.863 19.204  1.00 33.65 ? 52  KAN B C5    1 
HETATM 1004 C C6    . KAN E 2 .  ? 2.210   -12.309 19.746  1.00 34.26 ? 52  KAN B C6    1 
HETATM 1005 C C7    . KAN E 2 .  ? 2.993   -10.039 12.741  1.00 28.33 ? 52  KAN B C7    1 
HETATM 1006 C C8    . KAN E 2 .  ? 1.588   -9.525  13.053  1.00 28.38 ? 52  KAN B C8    1 
HETATM 1007 C C9    . KAN E 2 .  ? 1.543   -8.830  14.442  1.00 28.89 ? 52  KAN B C9    1 
HETATM 1008 C C10   . KAN E 2 .  ? 1.974   -9.815  15.531  1.00 28.84 ? 52  KAN B C10   1 
HETATM 1009 C C11   . KAN E 2 .  ? 3.444   -10.313 15.228  1.00 28.09 ? 52  KAN B C11   1 
HETATM 1010 C C12   . KAN E 2 .  ? 3.468   -11.018 13.835  1.00 28.43 ? 52  KAN B C12   1 
HETATM 1011 C C13   . KAN E 2 .  ? 0.023   -8.717  11.363  1.00 27.65 ? 52  KAN B C13   1 
HETATM 1012 C C14   . KAN E 2 .  ? 0.154   -7.940  10.010  1.00 27.27 ? 52  KAN B C14   1 
HETATM 1013 C C15   . KAN E 2 .  ? 0.461   -6.455  10.277  1.00 26.14 ? 52  KAN B C15   1 
HETATM 1014 C C16   . KAN E 2 .  ? -0.691  -5.878  11.149  1.00 25.82 ? 52  KAN B C16   1 
HETATM 1015 C C17   . KAN E 2 .  ? -0.810  -6.677  12.463  1.00 26.31 ? 52  KAN B C17   1 
HETATM 1016 C C18   . KAN E 2 .  ? -1.944  -6.190  13.317  1.00 26.70 ? 52  KAN B C18   1 
HETATM 1017 N N1    . KAN E 2 .  ? 1.253   -13.238 19.050  1.00 34.34 ? 52  KAN B N1    1 
HETATM 1018 N N2    . KAN E 2 .  ? 3.934   -11.272 16.238  1.00 28.04 ? 52  KAN B N2    1 
HETATM 1019 N N3    . KAN E 2 .  ? 2.986   -10.699 11.425  1.00 27.65 ? 52  KAN B N3    1 
HETATM 1020 N N4    . KAN E 2 .  ? 0.597   -5.704  8.993   1.00 25.54 ? 52  KAN B N4    1 
HETATM 1021 O O5    . KAN E 2 .  ? 0.977   -10.800 18.279  1.00 33.86 ? 52  KAN B O5    1 
HETATM 1022 O O6    . KAN E 2 .  ? 0.398   -7.096  18.108  1.00 30.44 ? 52  KAN B O6    1 
HETATM 1023 O O7    . KAN E 2 .  ? 1.680   -7.408  20.660  1.00 33.65 ? 52  KAN B O7    1 
HETATM 1024 O O8    . KAN E 2 .  ? 3.081   -9.849  21.219  1.00 32.69 ? 52  KAN B O8    1 
HETATM 1025 O O9    . KAN E 2 .  ? 1.900   -9.150  16.814  1.00 30.38 ? 52  KAN B O9    1 
HETATM 1026 O O10   . KAN E 2 .  ? 0.237   -8.393  14.715  1.00 29.53 ? 52  KAN B O10   1 
HETATM 1027 O O11   . KAN E 2 .  ? 1.227   -8.599  12.036  1.00 27.57 ? 52  KAN B O11   1 
HETATM 1028 O O12   . KAN E 2 .  ? -1.027  -8.119  12.179  1.00 27.15 ? 52  KAN B O12   1 
HETATM 1029 O O13   . KAN E 2 .  ? 1.182   -8.510  9.217   1.00 28.54 ? 52  KAN B O13   1 
HETATM 1030 O O14   . KAN E 2 .  ? -0.470  -4.505  11.444  1.00 24.73 ? 52  KAN B O14   1 
HETATM 1031 O O15   . KAN E 2 .  ? -3.194  -6.505  12.721  1.00 28.00 ? 52  KAN B O15   1 
HETATM 1032 O O     . HOH F 3 .  ? 3.475   -2.788  19.918  1.00 17.96 ? 103 HOH A O     1 
HETATM 1033 O O     . HOH F 3 .  ? -3.320  3.130   23.499  1.00 10.00 ? 104 HOH A O     1 
HETATM 1034 O O     . HOH F 3 .  ? -11.719 1.502   -13.340 1.00 17.93 ? 105 HOH A O     1 
HETATM 1035 O O     . HOH F 3 .  ? 5.877   -2.348  -29.052 1.00 16.13 ? 106 HOH A O     1 
HETATM 1036 O O     . HOH F 3 .  ? 9.078   5.018   -0.049  1.00 12.60 ? 110 HOH A O     1 
HETATM 1037 O O     . HOH F 3 .  ? 2.607   9.459   -17.247 1.00 10.00 ? 113 HOH A O     1 
HETATM 1038 O O     . HOH F 3 .  ? 11.501  -4.618  6.694   1.00 49.88 ? 114 HOH A O     1 
HETATM 1039 O O     . HOH F 3 .  ? 6.038   -1.311  19.841  1.00 22.50 ? 116 HOH A O     1 
HETATM 1040 O O     . HOH F 3 .  ? -11.979 0.424   -2.834  1.00 11.20 ? 121 HOH A O     1 
HETATM 1041 O O     . HOH F 3 .  ? 15.086  -1.528  16.427  1.00 30.81 ? 123 HOH A O     1 
HETATM 1042 O O     . HOH F 3 .  ? 1.810   -4.324  13.290  1.00 48.73 ? 124 HOH A O     1 
HETATM 1043 O O     . HOH F 3 .  ? 4.915   -6.963  14.059  1.00 10.00 ? 125 HOH A O     1 
HETATM 1044 O O     . HOH F 3 .  ? 1.061   -0.830  5.422   1.00 30.93 ? 127 HOH A O     1 
HETATM 1045 O O     . HOH F 3 .  ? -5.703  2.593   -24.098 1.00 34.92 ? 130 HOH A O     1 
HETATM 1046 O O     . HOH F 3 .  ? 4.026   -3.719  28.441  1.00 14.93 ? 131 HOH A O     1 
HETATM 1047 O O     . HOH F 3 .  ? -11.577 -2.204  -2.507  1.00 48.98 ? 133 HOH A O     1 
HETATM 1048 O O     . HOH G 3 .  ? 3.524   -9.813  24.126  1.00 20.48 ? 100 HOH B O     1 
HETATM 1049 O O     . HOH G 3 .  ? 4.913   -9.276  18.218  1.00 14.44 ? 101 HOH B O     1 
HETATM 1050 O O     . HOH G 3 .  ? 0.493   -1.107  -11.906 1.00 24.51 ? 102 HOH B O     1 
HETATM 1051 O O     . HOH G 3 .  ? 12.975  -0.829  8.734   1.00 10.00 ? 107 HOH B O     1 
HETATM 1052 O O     . HOH G 3 .  ? -0.990  10.566  28.979  1.00 10.34 ? 108 HOH B O     1 
HETATM 1053 O O     . HOH G 3 .  ? 6.810   1.354   20.535  1.00 37.94 ? 109 HOH B O     1 
HETATM 1054 O O     . HOH G 3 .  ? 4.479   -12.204 22.166  1.00 52.59 ? 111 HOH B O     1 
HETATM 1055 O O     . HOH G 3 .  ? 14.457  9.618   20.201  1.00 23.00 ? 112 HOH B O     1 
HETATM 1056 O O     . HOH G 3 .  ? 2.285   11.066  19.726  1.00 49.77 ? 115 HOH B O     1 
HETATM 1057 O O     . HOH G 3 .  ? -2.025  0.812   -11.877 1.00 30.98 ? 117 HOH B O     1 
HETATM 1058 O O     . HOH G 3 .  ? -0.011  -5.345  15.974  1.00 38.19 ? 118 HOH B O     1 
HETATM 1059 O O     . HOH G 3 .  ? 6.567   -11.660 14.808  1.00 10.00 ? 119 HOH B O     1 
HETATM 1060 O O     . HOH G 3 .  ? -2.849  5.491   21.679  1.00 28.08 ? 120 HOH B O     1 
HETATM 1061 O O     . HOH G 3 .  ? 14.075  -3.152  10.092  1.00 25.70 ? 122 HOH B O     1 
HETATM 1062 O O     . HOH G 3 .  ? -11.376 -1.432  0.122   1.00 23.03 ? 126 HOH B O     1 
HETATM 1063 O O     . HOH G 3 .  ? -0.138  11.107  -10.713 1.00 42.22 ? 128 HOH B O     1 
HETATM 1064 O O     . HOH G 3 .  ? 3.829   -2.258  -10.557 1.00 39.82 ? 129 HOH B O     1 
HETATM 1065 O O     . HOH G 3 .  ? 1.019   -10.870 24.606  1.00 30.43 ? 132 HOH B O     1 
# 
